data_7M1Z
#
_entry.id   7M1Z
#
_cell.length_a   241.289
_cell.length_b   62.557
_cell.length_c   171.925
_cell.angle_alpha   90.000
_cell.angle_beta   133.490
_cell.angle_gamma   90.000
#
_symmetry.space_group_name_H-M   'C 1 2 1'
#
loop_
_entity.id
_entity.type
_entity.pdbx_description
1 polymer 'acetyl-CoA C-acetyltransferase'
2 non-polymer 'NADP NICOTINAMIDE-ADENINE-DINUCLEOTIDE PHOSPHATE'
3 non-polymer GLYCEROL
4 non-polymer 'CALCIUM ION'
5 non-polymer 'ACETATE ION'
6 non-polymer '3-HYDROXY-3-METHYLGLUTARYL-COENZYME A'
7 non-polymer (R)-MEVALONATE
8 water water
#
_entity_poly.entity_id   1
_entity_poly.type   'polypeptide(L)'
_entity_poly.pdbx_seq_one_letter_code
;LVPRGSHMLLERPQQKKNSRFYQMSPEERLASLLNEGQISADTKKEFENTALSSQIANHMIENQISETEVPMGVGLHLTV
DETDYLVPMATEEPSVIAALSNGAKIAQGFKTVNQQRLMRGQIVFYDVADPESLIDKLQVREAEIFQQAELSYPSIVKRG
GGLRDLQYRAFDESFVSVDFLVDVKDAMGANIVNAMLEGVAELFREWFAEQKILFSILSNYATESVVTMKTAIPVSRLSK
GSNGREIAEKIVLASRYASLDPYRAVTHNKGIMNGIEAVVLATGNDTRAVSASCHAFAVKEGRYQGLTSWTLDGEQLIGE
ISVPLALATVGGATKVLPKSQAAADLLAVTDAKELSRVVAAVGLAQNLAALRALVSEGIQKGHMALQARSLAMTVGATGK
EVEAVAQQLKRQKTMNQDRALAILNDLRKQ
;
_entity_poly.pdbx_strand_id   A,B,C,D
#
# COMPACT_ATOMS: atom_id res chain seq x y z
N ARG A 20 8.21 -18.06 16.62
CA ARG A 20 8.96 -19.21 16.13
C ARG A 20 9.96 -18.79 15.04
N PHE A 21 9.61 -17.76 14.27
CA PHE A 21 10.48 -17.35 13.16
C PHE A 21 11.91 -17.09 13.63
N TYR A 22 12.05 -16.32 14.72
CA TYR A 22 13.38 -16.09 15.29
C TYR A 22 14.02 -17.37 15.82
N GLN A 23 13.27 -18.46 16.07
CA GLN A 23 13.81 -19.78 16.55
C GLN A 23 14.10 -20.70 15.35
N MET A 24 13.51 -20.45 14.17
N MET A 24 13.52 -20.48 14.07
CA MET A 24 13.62 -21.38 13.00
CA MET A 24 13.67 -21.39 12.94
C MET A 24 15.04 -21.35 12.41
C MET A 24 15.11 -21.37 12.44
N SER A 25 15.44 -22.36 11.61
CA SER A 25 16.69 -22.38 10.90
C SER A 25 16.59 -21.50 9.68
N PRO A 26 17.71 -21.06 9.11
CA PRO A 26 17.64 -20.32 7.84
C PRO A 26 16.86 -21.04 6.77
N GLU A 27 17.06 -22.36 6.65
CA GLU A 27 16.30 -23.13 5.67
C GLU A 27 14.81 -23.10 5.97
N GLU A 28 14.44 -23.17 7.25
CA GLU A 28 13.03 -23.16 7.60
C GLU A 28 12.42 -21.77 7.41
N ARG A 29 13.19 -20.71 7.64
CA ARG A 29 12.66 -19.36 7.45
C ARG A 29 12.36 -19.10 5.98
N LEU A 30 13.25 -19.53 5.08
CA LEU A 30 13.00 -19.32 3.65
C LEU A 30 11.76 -20.08 3.20
N ALA A 31 11.60 -21.31 3.67
CA ALA A 31 10.42 -22.09 3.30
C ALA A 31 9.15 -21.42 3.80
N SER A 32 9.14 -20.97 5.05
CA SER A 32 7.98 -20.26 5.58
C SER A 32 7.65 -19.03 4.75
N LEU A 33 8.68 -18.30 4.30
CA LEU A 33 8.44 -17.12 3.48
C LEU A 33 7.82 -17.48 2.14
N LEU A 34 8.28 -18.58 1.53
CA LEU A 34 7.72 -19.01 0.26
C LEU A 34 6.31 -19.57 0.43
N ASN A 35 6.11 -20.42 1.43
N ASN A 35 6.13 -20.44 1.42
CA ASN A 35 4.80 -21.04 1.60
CA ASN A 35 4.82 -21.03 1.65
C ASN A 35 3.73 -20.05 2.04
C ASN A 35 3.75 -19.96 1.85
N GLU A 36 4.11 -18.85 2.48
CA GLU A 36 3.15 -17.80 2.80
C GLU A 36 3.06 -16.74 1.71
N GLY A 37 3.61 -17.01 0.52
CA GLY A 37 3.51 -16.08 -0.57
C GLY A 37 4.27 -14.79 -0.38
N GLN A 38 5.21 -14.74 0.55
CA GLN A 38 5.96 -13.53 0.84
C GLN A 38 7.19 -13.36 -0.05
N ILE A 39 7.67 -14.43 -0.68
CA ILE A 39 8.74 -14.35 -1.66
C ILE A 39 8.42 -15.31 -2.80
N SER A 40 8.92 -14.99 -3.98
CA SER A 40 8.78 -15.87 -5.13
C SER A 40 9.74 -17.05 -5.01
N ALA A 41 9.53 -18.04 -5.88
CA ALA A 41 10.42 -19.21 -5.88
C ALA A 41 11.82 -18.84 -6.36
N ASP A 42 11.91 -18.00 -7.39
CA ASP A 42 13.23 -17.55 -7.85
C ASP A 42 13.94 -16.75 -6.77
N THR A 43 13.18 -15.92 -6.04
CA THR A 43 13.77 -15.16 -4.94
C THR A 43 14.35 -16.10 -3.89
N LYS A 44 13.69 -17.23 -3.64
CA LYS A 44 14.19 -18.17 -2.64
C LYS A 44 15.50 -18.80 -3.10
N LYS A 45 15.55 -19.24 -4.35
CA LYS A 45 16.78 -19.86 -4.86
C LYS A 45 17.94 -18.88 -4.82
N GLU A 46 17.67 -17.60 -5.06
CA GLU A 46 18.73 -16.59 -4.99
C GLU A 46 19.18 -16.38 -3.55
N PHE A 47 18.24 -16.32 -2.60
CA PHE A 47 18.61 -16.22 -1.20
C PHE A 47 19.47 -17.41 -0.76
N GLU A 48 19.30 -18.56 -1.41
CA GLU A 48 20.07 -19.75 -1.07
C GLU A 48 21.46 -19.77 -1.71
N ASN A 49 21.73 -18.89 -2.66
CA ASN A 49 23.03 -18.83 -3.33
C ASN A 49 23.95 -17.93 -2.52
N THR A 50 24.56 -18.51 -1.49
CA THR A 50 25.42 -17.78 -0.57
C THR A 50 26.81 -18.38 -0.54
N ALA A 51 27.79 -17.55 -0.16
CA ALA A 51 29.17 -17.97 0.00
C ALA A 51 29.66 -17.90 1.44
N LEU A 52 29.12 -16.96 2.23
CA LEU A 52 29.41 -16.94 3.66
C LEU A 52 28.72 -18.12 4.33
N SER A 53 29.50 -18.88 5.11
CA SER A 53 28.95 -20.06 5.78
C SER A 53 27.68 -19.72 6.52
N SER A 54 26.68 -20.60 6.39
CA SER A 54 25.42 -20.40 7.09
C SER A 54 25.63 -20.39 8.60
N GLN A 55 26.56 -21.21 9.09
N GLN A 55 26.55 -21.22 9.09
CA GLN A 55 26.84 -21.24 10.52
CA GLN A 55 26.84 -21.24 10.52
C GLN A 55 27.28 -19.87 11.01
C GLN A 55 27.28 -19.86 11.01
N ILE A 56 28.23 -19.25 10.32
CA ILE A 56 28.74 -17.94 10.75
C ILE A 56 27.64 -16.89 10.64
N ALA A 57 27.00 -16.80 9.47
CA ALA A 57 26.01 -15.75 9.26
C ALA A 57 24.84 -15.88 10.25
N ASN A 58 24.36 -17.10 10.47
CA ASN A 58 23.19 -17.30 11.32
C ASN A 58 23.45 -16.93 12.78
N HIS A 59 24.70 -17.03 13.23
CA HIS A 59 25.04 -16.70 14.61
C HIS A 59 25.50 -15.27 14.80
N MET A 60 25.72 -14.51 13.71
N MET A 60 25.71 -14.51 13.72
CA MET A 60 26.14 -13.13 13.82
CA MET A 60 26.14 -13.12 13.83
C MET A 60 24.95 -12.20 14.04
C MET A 60 24.97 -12.17 13.99
N ILE A 61 23.86 -12.42 13.31
CA ILE A 61 22.68 -11.57 13.35
C ILE A 61 21.46 -12.43 13.65
N GLU A 62 20.31 -11.77 13.78
CA GLU A 62 19.05 -12.44 14.09
C GLU A 62 18.18 -12.52 12.84
N ASN A 63 17.33 -13.55 12.80
CA ASN A 63 16.40 -13.77 11.71
C ASN A 63 17.13 -13.86 10.37
N GLN A 64 18.30 -14.50 10.37
CA GLN A 64 19.13 -14.54 9.18
C GLN A 64 18.53 -15.48 8.14
N ILE A 65 18.60 -15.07 6.87
CA ILE A 65 18.08 -15.86 5.78
C ILE A 65 19.08 -15.95 4.63
N SER A 66 19.93 -14.92 4.48
CA SER A 66 20.80 -14.90 3.31
C SER A 66 21.95 -13.93 3.55
N GLU A 67 22.46 -13.32 2.47
CA GLU A 67 23.57 -12.40 2.56
C GLU A 67 23.45 -11.39 1.43
N THR A 68 24.14 -10.26 1.59
CA THR A 68 24.34 -9.30 0.52
C THR A 68 25.78 -9.39 0.04
N GLU A 69 25.96 -9.50 -1.27
CA GLU A 69 27.29 -9.60 -1.86
C GLU A 69 27.65 -8.26 -2.48
N VAL A 70 28.71 -7.65 -1.98
CA VAL A 70 29.22 -6.38 -2.49
C VAL A 70 30.51 -6.68 -3.24
N PRO A 71 30.66 -6.23 -4.50
CA PRO A 71 31.91 -6.47 -5.21
C PRO A 71 33.09 -5.82 -4.51
N MET A 72 34.22 -6.52 -4.50
N MET A 72 34.22 -6.52 -4.53
CA MET A 72 35.44 -6.02 -3.87
CA MET A 72 35.46 -6.05 -3.90
C MET A 72 36.52 -5.91 -4.94
C MET A 72 36.52 -5.90 -4.97
N GLY A 73 37.22 -4.77 -4.93
CA GLY A 73 38.33 -4.54 -5.83
C GLY A 73 39.56 -4.05 -5.10
N VAL A 74 40.60 -3.68 -5.85
CA VAL A 74 41.89 -3.30 -5.26
C VAL A 74 42.19 -1.86 -5.67
N GLY A 75 42.20 -0.95 -4.69
CA GLY A 75 42.67 0.39 -4.95
C GLY A 75 44.18 0.42 -5.07
N LEU A 76 44.67 1.17 -6.06
CA LEU A 76 46.08 1.13 -6.47
C LEU A 76 46.84 2.42 -6.23
N HIS A 77 48.10 2.35 -5.87
CA HIS A 77 49.11 3.42 -5.90
C HIS A 77 49.12 4.26 -4.62
N LEU A 78 48.49 3.81 -3.55
CA LEU A 78 48.50 4.55 -2.30
C LEU A 78 49.83 4.34 -1.58
N THR A 79 50.49 5.45 -1.23
CA THR A 79 51.70 5.42 -0.42
C THR A 79 51.48 6.32 0.77
N VAL A 80 51.74 5.80 1.96
CA VAL A 80 51.51 6.51 3.22
C VAL A 80 52.79 6.46 4.03
N ASP A 81 53.41 7.62 4.25
CA ASP A 81 54.64 7.70 5.04
C ASP A 81 55.69 6.74 4.47
N GLU A 82 55.83 6.75 3.15
CA GLU A 82 56.86 5.95 2.47
C GLU A 82 56.64 4.46 2.69
N THR A 83 55.39 4.03 2.67
CA THR A 83 55.02 2.61 2.70
C THR A 83 53.97 2.39 1.65
N ASP A 84 54.17 1.38 0.80
CA ASP A 84 53.21 1.05 -0.24
C ASP A 84 52.08 0.20 0.34
N TYR A 85 50.87 0.42 -0.17
CA TYR A 85 49.71 -0.30 0.30
C TYR A 85 48.85 -0.73 -0.88
N LEU A 86 48.12 -1.85 -0.74
CA LEU A 86 47.08 -2.31 -1.69
C LEU A 86 45.79 -2.22 -0.88
N VAL A 87 44.81 -1.43 -1.29
CA VAL A 87 43.60 -1.09 -0.55
C VAL A 87 42.49 -1.98 -1.01
N PRO A 88 41.96 -2.91 -0.17
CA PRO A 88 40.72 -3.60 -0.49
C PRO A 88 39.54 -2.64 -0.38
N MET A 89 38.74 -2.59 -1.43
N MET A 89 38.73 -2.59 -1.44
CA MET A 89 37.62 -1.64 -1.50
CA MET A 89 37.62 -1.65 -1.51
C MET A 89 36.37 -2.39 -1.94
C MET A 89 36.37 -2.39 -1.94
N ALA A 90 35.40 -2.47 -1.03
CA ALA A 90 34.09 -3.08 -1.31
C ALA A 90 33.14 -1.96 -1.68
N THR A 91 32.64 -1.97 -2.91
CA THR A 91 31.78 -0.91 -3.38
C THR A 91 30.90 -1.44 -4.50
N GLU A 92 29.70 -0.87 -4.61
CA GLU A 92 28.77 -1.19 -5.69
C GLU A 92 28.73 -0.11 -6.76
N GLU A 93 29.50 0.96 -6.61
CA GLU A 93 29.46 2.12 -7.51
C GLU A 93 30.63 2.05 -8.48
N PRO A 94 30.38 2.17 -9.79
CA PRO A 94 31.50 2.16 -10.74
C PRO A 94 32.36 3.40 -10.64
N SER A 95 33.61 3.24 -11.08
CA SER A 95 34.59 4.31 -11.16
C SER A 95 35.16 4.74 -9.81
N VAL A 96 34.64 4.19 -8.71
CA VAL A 96 35.14 4.58 -7.40
C VAL A 96 36.56 4.05 -7.19
N ILE A 97 36.80 2.79 -7.52
CA ILE A 97 38.12 2.21 -7.32
C ILE A 97 39.13 2.81 -8.31
N ALA A 98 38.69 3.07 -9.54
CA ALA A 98 39.59 3.70 -10.50
C ALA A 98 39.94 5.12 -10.07
N ALA A 99 38.97 5.86 -9.55
CA ALA A 99 39.25 7.22 -9.08
C ALA A 99 40.28 7.22 -7.96
N LEU A 100 40.11 6.33 -6.98
CA LEU A 100 41.10 6.23 -5.91
C LEU A 100 42.49 5.96 -6.48
N SER A 101 42.58 5.08 -7.47
CA SER A 101 43.86 4.69 -8.02
C SER A 101 44.50 5.85 -8.77
N ASN A 102 43.72 6.56 -9.59
CA ASN A 102 44.25 7.71 -10.30
C ASN A 102 44.62 8.84 -9.34
N GLY A 103 43.80 9.04 -8.30
CA GLY A 103 44.12 10.09 -7.33
C GLY A 103 45.37 9.80 -6.54
N ALA A 104 45.55 8.54 -6.12
CA ALA A 104 46.75 8.18 -5.39
C ALA A 104 47.99 8.26 -6.28
N LYS A 105 47.85 7.84 -7.55
CA LYS A 105 48.98 7.92 -8.47
C LYS A 105 49.40 9.37 -8.69
N ILE A 106 48.43 10.28 -8.85
CA ILE A 106 48.75 11.69 -9.05
C ILE A 106 49.42 12.26 -7.82
N ALA A 107 48.93 11.89 -6.62
CA ALA A 107 49.48 12.44 -5.39
C ALA A 107 50.83 11.82 -5.05
N GLN A 108 51.08 10.58 -5.48
CA GLN A 108 52.33 9.88 -5.25
C GLN A 108 52.49 9.39 -3.82
N GLY A 109 52.18 10.23 -2.84
CA GLY A 109 52.33 9.84 -1.46
C GLY A 109 51.57 10.74 -0.52
N PHE A 110 51.35 10.25 0.69
CA PHE A 110 50.67 10.98 1.75
C PHE A 110 51.49 10.89 3.03
N LYS A 111 51.37 11.92 3.86
CA LYS A 111 52.20 12.07 5.05
C LYS A 111 51.32 12.39 6.25
N THR A 112 51.57 11.70 7.36
CA THR A 112 50.77 11.87 8.56
C THR A 112 51.18 13.14 9.28
N VAL A 113 50.23 14.05 9.48
CA VAL A 113 50.49 15.28 10.21
C VAL A 113 50.31 15.07 11.73
N ASN A 114 49.28 14.33 12.13
CA ASN A 114 49.12 13.98 13.53
C ASN A 114 48.07 12.88 13.65
N GLN A 115 48.22 12.05 14.68
CA GLN A 115 47.29 10.98 14.94
C GLN A 115 47.07 10.82 16.43
N GLN A 116 45.85 10.43 16.78
N GLN A 116 45.84 10.49 16.80
CA GLN A 116 45.44 10.18 18.16
CA GLN A 116 45.48 10.16 18.17
C GLN A 116 44.45 9.03 18.13
C GLN A 116 44.47 9.02 18.12
N ARG A 117 44.39 8.25 19.22
CA ARG A 117 43.48 7.10 19.26
C ARG A 117 43.03 6.89 20.71
N LEU A 118 41.90 7.48 21.06
CA LEU A 118 41.19 7.18 22.29
C LEU A 118 39.70 7.15 22.00
N MET A 119 38.97 6.27 22.67
CA MET A 119 37.52 6.19 22.58
C MET A 119 36.88 6.97 23.72
N ARG A 120 35.64 7.38 23.51
CA ARG A 120 34.92 8.25 24.42
C ARG A 120 33.61 7.61 24.85
N GLY A 121 33.27 7.77 26.14
CA GLY A 121 31.99 7.36 26.64
C GLY A 121 31.48 8.38 27.64
N GLN A 122 30.23 8.20 28.06
CA GLN A 122 29.63 9.17 28.96
C GLN A 122 28.61 8.51 29.89
N ILE A 123 28.49 9.07 31.09
CA ILE A 123 27.42 8.78 32.02
C ILE A 123 26.72 10.11 32.29
N VAL A 124 25.42 10.16 32.02
CA VAL A 124 24.67 11.41 32.09
C VAL A 124 23.71 11.34 33.27
N PHE A 125 23.90 12.24 34.24
CA PHE A 125 22.93 12.46 35.29
C PHE A 125 21.86 13.43 34.80
N TYR A 126 20.66 13.31 35.37
CA TYR A 126 19.57 14.24 35.06
C TYR A 126 18.88 14.65 36.35
N ASP A 127 18.13 15.74 36.26
CA ASP A 127 17.48 16.35 37.41
C ASP A 127 18.49 16.61 38.52
N VAL A 128 19.63 17.17 38.14
CA VAL A 128 20.72 17.45 39.09
C VAL A 128 20.42 18.78 39.78
N ALA A 129 20.21 18.73 41.10
CA ALA A 129 19.91 19.91 41.87
C ALA A 129 20.97 20.98 41.67
N ASP A 130 22.15 20.76 42.26
CA ASP A 130 23.29 21.66 42.04
C ASP A 130 24.36 20.93 41.25
N PRO A 131 24.53 21.23 39.96
CA PRO A 131 25.55 20.51 39.18
C PRO A 131 26.94 20.53 39.79
N GLU A 132 27.44 21.70 40.18
CA GLU A 132 28.82 21.78 40.65
C GLU A 132 29.04 20.89 41.86
N SER A 133 28.13 20.93 42.83
CA SER A 133 28.24 20.03 43.97
C SER A 133 28.55 18.61 43.51
N LEU A 134 27.66 18.03 42.70
CA LEU A 134 27.87 16.67 42.19
C LEU A 134 29.25 16.54 41.53
N ILE A 135 29.67 17.54 40.76
CA ILE A 135 30.93 17.42 40.04
C ILE A 135 32.10 17.46 41.00
N ASP A 136 32.11 18.42 41.93
CA ASP A 136 33.18 18.46 42.93
C ASP A 136 33.24 17.18 43.74
N LYS A 137 32.10 16.55 44.00
CA LYS A 137 32.10 15.27 44.69
C LYS A 137 32.87 14.22 43.91
N LEU A 138 32.68 14.17 42.60
CA LEU A 138 33.31 13.13 41.79
C LEU A 138 34.82 13.37 41.64
N GLN A 139 35.22 14.63 41.52
CA GLN A 139 36.63 14.93 41.26
C GLN A 139 37.51 14.50 42.43
N VAL A 140 36.99 14.55 43.66
CA VAL A 140 37.80 14.21 44.82
C VAL A 140 37.91 12.72 45.06
N ARG A 141 37.14 11.90 44.33
CA ARG A 141 37.19 10.45 44.43
C ARG A 141 37.62 9.81 43.12
N GLU A 142 38.40 10.54 42.31
CA GLU A 142 38.77 10.03 41.00
C GLU A 142 39.59 8.75 41.10
N ALA A 143 40.35 8.60 42.18
CA ALA A 143 41.18 7.40 42.34
C ALA A 143 40.30 6.16 42.44
N GLU A 144 39.16 6.27 43.12
CA GLU A 144 38.26 5.13 43.24
C GLU A 144 37.56 4.83 41.92
N ILE A 145 37.27 5.87 41.13
CA ILE A 145 36.63 5.66 39.84
C ILE A 145 37.55 4.87 38.92
N PHE A 146 38.82 5.28 38.83
N PHE A 146 38.82 5.27 38.83
CA PHE A 146 39.80 4.52 38.05
CA PHE A 146 39.77 4.51 38.04
C PHE A 146 39.87 3.08 38.56
C PHE A 146 39.94 3.09 38.56
N GLN A 147 39.79 2.90 39.87
CA GLN A 147 39.81 1.55 40.44
C GLN A 147 38.62 0.73 39.94
N GLN A 148 37.42 1.30 40.01
CA GLN A 148 36.23 0.56 39.56
C GLN A 148 36.28 0.32 38.06
N ALA A 149 36.77 1.30 37.29
CA ALA A 149 36.84 1.13 35.84
C ALA A 149 37.73 -0.04 35.46
N GLU A 150 38.83 -0.23 36.20
CA GLU A 150 39.69 -1.37 35.95
C GLU A 150 38.97 -2.69 36.24
N LEU A 151 38.21 -2.74 37.35
CA LEU A 151 37.54 -3.97 37.72
C LEU A 151 36.42 -4.33 36.75
N SER A 152 35.77 -3.33 36.14
CA SER A 152 34.68 -3.61 35.22
C SER A 152 35.15 -4.13 33.87
N TYR A 153 36.45 -4.03 33.56
CA TYR A 153 37.03 -4.63 32.37
C TYR A 153 38.55 -4.72 32.53
N PRO A 154 39.04 -5.63 33.37
CA PRO A 154 40.49 -5.66 33.65
C PRO A 154 41.33 -6.14 32.48
N SER A 155 40.75 -6.85 31.51
CA SER A 155 41.55 -7.40 30.42
C SER A 155 42.24 -6.28 29.62
N ILE A 156 41.55 -5.18 29.37
CA ILE A 156 42.15 -4.11 28.58
C ILE A 156 43.28 -3.43 29.33
N VAL A 157 43.19 -3.36 30.66
CA VAL A 157 44.27 -2.76 31.43
C VAL A 157 45.51 -3.64 31.39
N LYS A 158 45.33 -4.97 31.35
CA LYS A 158 46.48 -5.86 31.23
C LYS A 158 47.14 -5.73 29.86
N ARG A 159 46.35 -5.51 28.81
CA ARG A 159 46.90 -5.28 27.48
C ARG A 159 47.66 -3.97 27.37
N GLY A 160 47.55 -3.10 28.38
CA GLY A 160 48.21 -1.81 28.35
C GLY A 160 47.32 -0.62 28.07
N GLY A 161 46.01 -0.82 28.03
CA GLY A 161 45.09 0.29 27.82
C GLY A 161 44.32 0.62 29.08
N GLY A 162 43.06 1.03 28.92
CA GLY A 162 42.21 1.34 30.04
C GLY A 162 41.86 2.81 30.09
N LEU A 163 41.12 3.16 31.14
CA LEU A 163 40.67 4.53 31.31
C LEU A 163 41.86 5.48 31.30
N ARG A 164 41.72 6.59 30.59
CA ARG A 164 42.78 7.59 30.47
C ARG A 164 42.44 8.90 31.14
N ASP A 165 41.20 9.34 31.10
CA ASP A 165 40.85 10.64 31.66
C ASP A 165 39.37 10.70 32.01
N LEU A 166 39.05 11.57 32.95
CA LEU A 166 37.68 11.87 33.33
C LEU A 166 37.46 13.36 33.12
N GLN A 167 36.32 13.70 32.50
CA GLN A 167 35.96 15.09 32.25
C GLN A 167 34.50 15.29 32.65
N TYR A 168 34.13 16.54 32.90
CA TYR A 168 32.81 16.85 33.41
C TYR A 168 32.22 18.03 32.65
N ARG A 169 30.94 17.92 32.31
CA ARG A 169 30.23 18.96 31.57
C ARG A 169 28.85 19.13 32.16
N ALA A 170 28.57 20.33 32.70
CA ALA A 170 27.27 20.67 33.25
C ALA A 170 26.46 21.39 32.19
N PHE A 171 25.30 20.89 31.85
CA PHE A 171 24.45 21.46 30.80
C PHE A 171 23.24 22.12 31.44
N ASP A 172 22.60 23.02 30.74
CA ASP A 172 21.32 23.59 31.14
C ASP A 172 20.29 22.46 31.27
N GLU A 173 19.16 22.78 31.88
CA GLU A 173 18.08 21.83 32.11
C GLU A 173 18.48 20.72 33.08
N SER A 174 19.54 20.94 33.87
CA SER A 174 19.88 20.07 34.99
C SER A 174 20.47 18.73 34.54
N PHE A 175 21.17 18.70 33.41
CA PHE A 175 21.90 17.50 32.96
C PHE A 175 23.36 17.65 33.43
N VAL A 176 24.08 16.59 33.75
CA VAL A 176 25.50 16.54 34.05
C VAL A 176 26.09 15.30 33.38
N SER A 177 27.16 15.48 32.63
CA SER A 177 27.77 14.39 31.88
C SER A 177 29.17 14.12 32.42
N VAL A 178 29.45 12.87 32.76
CA VAL A 178 30.78 12.41 33.12
C VAL A 178 31.34 11.74 31.87
N ASP A 179 32.40 12.32 31.31
CA ASP A 179 32.99 11.84 30.07
C ASP A 179 34.17 10.93 30.38
N PHE A 180 34.19 9.77 29.73
CA PHE A 180 35.23 8.77 29.94
C PHE A 180 36.00 8.61 28.64
N LEU A 181 37.31 8.83 28.70
N LEU A 181 37.31 8.82 28.71
CA LEU A 181 38.20 8.65 27.56
CA LEU A 181 38.20 8.65 27.56
C LEU A 181 39.05 7.42 27.82
C LEU A 181 39.06 7.42 27.82
N VAL A 182 38.97 6.44 26.91
CA VAL A 182 39.56 5.12 27.13
C VAL A 182 40.47 4.76 25.98
N ASP A 183 41.54 4.03 26.31
CA ASP A 183 42.44 3.44 25.33
C ASP A 183 42.05 1.97 25.15
N VAL A 184 41.45 1.66 24.00
CA VAL A 184 40.96 0.31 23.72
C VAL A 184 41.90 -0.45 22.79
N LYS A 185 43.11 0.05 22.59
CA LYS A 185 44.12 -0.62 21.75
C LYS A 185 43.53 -0.85 20.36
N ASP A 186 43.59 -2.05 19.79
CA ASP A 186 43.26 -2.29 18.40
C ASP A 186 41.77 -2.59 18.17
N ALA A 187 40.94 -2.55 19.20
CA ALA A 187 39.53 -2.81 19.03
C ALA A 187 38.76 -1.51 18.81
N MET A 188 37.56 -1.65 18.25
CA MET A 188 36.68 -0.49 18.13
C MET A 188 36.28 0.03 19.50
N GLY A 189 36.04 -0.88 20.45
CA GLY A 189 35.93 -0.52 21.84
C GLY A 189 34.53 -0.37 22.39
N ALA A 190 33.50 -0.61 21.58
CA ALA A 190 32.13 -0.38 22.04
C ALA A 190 31.81 -1.20 23.29
N ASN A 191 32.10 -2.51 23.23
CA ASN A 191 31.76 -3.44 24.33
C ASN A 191 32.69 -3.20 25.51
N ILE A 192 33.94 -2.79 25.28
CA ILE A 192 34.85 -2.45 26.36
C ILE A 192 34.35 -1.23 27.11
N VAL A 193 33.99 -0.18 26.36
CA VAL A 193 33.59 1.08 26.98
C VAL A 193 32.24 0.91 27.69
N ASN A 194 31.28 0.28 27.02
CA ASN A 194 29.96 0.11 27.63
C ASN A 194 30.05 -0.69 28.92
N ALA A 195 30.82 -1.78 28.92
CA ALA A 195 30.99 -2.58 30.12
C ALA A 195 31.60 -1.76 31.24
N MET A 196 32.63 -0.97 30.91
CA MET A 196 33.31 -0.16 31.91
C MET A 196 32.37 0.89 32.47
N LEU A 197 31.53 1.50 31.63
CA LEU A 197 30.66 2.57 32.09
C LEU A 197 29.54 2.05 32.99
N GLU A 198 28.93 0.93 32.63
CA GLU A 198 27.87 0.37 33.45
C GLU A 198 28.41 -0.06 34.81
N GLY A 199 29.65 -0.54 34.85
CA GLY A 199 30.26 -0.89 36.12
C GLY A 199 30.48 0.31 37.02
N VAL A 200 30.94 1.42 36.44
CA VAL A 200 31.14 2.63 37.23
C VAL A 200 29.81 3.26 37.60
N ALA A 201 28.79 3.09 36.74
CA ALA A 201 27.48 3.63 37.06
C ALA A 201 26.95 3.06 38.37
N GLU A 202 27.16 1.75 38.59
CA GLU A 202 26.75 1.14 39.85
C GLU A 202 27.38 1.87 41.03
N LEU A 203 28.69 2.13 40.95
CA LEU A 203 29.36 2.83 42.04
C LEU A 203 28.76 4.20 42.27
N PHE A 204 28.48 4.93 41.18
CA PHE A 204 27.87 6.26 41.31
C PHE A 204 26.54 6.18 42.06
N ARG A 205 25.65 5.26 41.66
CA ARG A 205 24.37 5.12 42.34
C ARG A 205 24.56 4.76 43.81
N GLU A 206 25.65 4.09 44.15
CA GLU A 206 25.95 3.82 45.55
C GLU A 206 26.44 5.08 46.25
N TRP A 207 27.20 5.92 45.56
CA TRP A 207 27.71 7.14 46.17
C TRP A 207 26.62 8.21 46.30
N PHE A 208 25.72 8.30 45.32
CA PHE A 208 24.70 9.34 45.28
C PHE A 208 23.33 8.69 45.08
N ALA A 209 22.79 8.13 46.17
CA ALA A 209 21.40 7.66 46.14
C ALA A 209 20.45 8.81 45.82
N GLU A 210 20.88 10.05 46.05
CA GLU A 210 20.04 11.19 45.76
C GLU A 210 19.87 11.39 44.25
N GLN A 211 20.92 11.20 43.48
CA GLN A 211 20.93 11.54 42.07
C GLN A 211 20.41 10.40 41.22
N LYS A 212 20.05 10.74 39.98
CA LYS A 212 19.51 9.80 39.02
C LYS A 212 20.40 9.79 37.78
N ILE A 213 20.59 8.60 37.21
CA ILE A 213 21.43 8.42 36.03
C ILE A 213 20.50 8.11 34.86
N LEU A 214 20.59 8.93 33.81
CA LEU A 214 19.74 8.74 32.64
C LEU A 214 20.22 7.57 31.80
N PHE A 215 21.53 7.48 31.54
CA PHE A 215 22.07 6.37 30.78
C PHE A 215 23.59 6.36 30.87
N SER A 216 24.16 5.22 30.50
N SER A 216 24.17 5.23 30.49
CA SER A 216 25.61 5.06 30.37
CA SER A 216 25.61 5.08 30.37
C SER A 216 25.87 4.39 29.04
C SER A 216 25.90 4.37 29.06
N ILE A 217 26.59 5.06 28.16
CA ILE A 217 26.80 4.57 26.80
C ILE A 217 28.06 5.18 26.21
N LEU A 218 28.65 4.47 25.24
CA LEU A 218 29.79 4.96 24.43
C LEU A 218 29.31 6.09 23.50
N SER A 219 30.17 7.04 23.17
CA SER A 219 29.93 8.08 22.18
C SER A 219 30.64 7.70 20.89
N ASN A 220 29.92 7.71 19.78
CA ASN A 220 30.55 7.42 18.49
C ASN A 220 31.29 8.63 17.92
N TYR A 221 31.14 9.82 18.52
CA TYR A 221 31.84 11.02 18.09
C TYR A 221 33.26 10.96 18.67
N ALA A 222 34.13 10.26 17.94
CA ALA A 222 35.47 9.96 18.43
C ALA A 222 36.45 11.09 18.08
N THR A 223 36.18 12.27 18.65
CA THR A 223 37.03 13.42 18.39
C THR A 223 38.44 13.23 18.93
N GLU A 224 38.69 12.20 19.73
CA GLU A 224 40.03 11.87 20.20
C GLU A 224 40.65 10.72 19.43
N SER A 225 40.10 10.40 18.27
CA SER A 225 40.71 9.44 17.34
C SER A 225 40.98 10.09 15.98
N VAL A 226 41.16 11.40 15.98
CA VAL A 226 41.34 12.14 14.73
C VAL A 226 42.69 11.83 14.11
N VAL A 227 42.73 11.73 12.79
N VAL A 227 42.72 11.73 12.79
CA VAL A 227 43.95 11.55 12.04
CA VAL A 227 43.94 11.54 12.01
C VAL A 227 43.99 12.60 10.95
C VAL A 227 43.98 12.63 10.95
N THR A 228 45.17 13.23 10.77
CA THR A 228 45.38 14.25 9.74
C THR A 228 46.44 13.77 8.78
N MET A 229 46.07 13.68 7.51
N MET A 229 46.07 13.66 7.50
CA MET A 229 46.98 13.32 6.42
CA MET A 229 46.98 13.32 6.43
C MET A 229 47.12 14.51 5.48
C MET A 229 47.14 14.54 5.51
N LYS A 230 48.22 14.55 4.75
CA LYS A 230 48.47 15.63 3.81
C LYS A 230 49.24 15.09 2.61
N THR A 231 49.26 15.89 1.54
CA THR A 231 49.97 15.56 0.32
C THR A 231 50.40 16.85 -0.36
N ALA A 232 51.56 16.81 -1.00
CA ALA A 232 52.08 17.92 -1.80
C ALA A 232 52.24 17.44 -3.24
N ILE A 233 51.60 18.11 -4.17
CA ILE A 233 51.50 17.65 -5.55
C ILE A 233 52.07 18.71 -6.48
N PRO A 234 53.14 18.42 -7.21
CA PRO A 234 53.59 19.34 -8.27
C PRO A 234 52.46 19.52 -9.27
N VAL A 235 52.07 20.77 -9.50
CA VAL A 235 50.86 21.03 -10.29
C VAL A 235 50.93 20.43 -11.69
N SER A 236 52.14 20.15 -12.20
CA SER A 236 52.25 19.55 -13.52
C SER A 236 51.59 18.18 -13.57
N ARG A 237 51.53 17.47 -12.44
CA ARG A 237 50.95 16.13 -12.42
C ARG A 237 49.42 16.16 -12.50
N LEU A 238 48.81 17.34 -12.44
CA LEU A 238 47.36 17.43 -12.47
C LEU A 238 46.79 17.41 -13.88
N SER A 239 47.64 17.53 -14.90
CA SER A 239 47.20 17.49 -16.29
C SER A 239 48.29 16.83 -17.11
N LYS A 240 47.88 16.12 -18.16
CA LYS A 240 48.86 15.58 -19.10
C LYS A 240 49.53 16.70 -19.90
N GLY A 241 48.84 17.82 -20.08
CA GLY A 241 49.33 18.95 -20.84
C GLY A 241 49.90 20.04 -19.97
N SER A 242 49.69 21.29 -20.39
CA SER A 242 50.34 22.44 -19.79
C SER A 242 49.53 23.10 -18.70
N ASN A 243 48.20 22.97 -18.73
CA ASN A 243 47.32 23.66 -17.78
C ASN A 243 47.30 23.01 -16.40
N GLY A 244 48.47 22.61 -15.89
CA GLY A 244 48.50 22.02 -14.56
C GLY A 244 48.12 22.99 -13.47
N ARG A 245 48.62 24.22 -13.56
CA ARG A 245 48.29 25.22 -12.54
C ARG A 245 46.84 25.66 -12.63
N GLU A 246 46.28 25.71 -13.85
CA GLU A 246 44.88 26.10 -13.99
C GLU A 246 43.98 25.09 -13.30
N ILE A 247 44.24 23.80 -13.49
CA ILE A 247 43.44 22.77 -12.83
C ILE A 247 43.57 22.90 -11.32
N ALA A 248 44.78 23.19 -10.83
CA ALA A 248 44.99 23.34 -9.39
C ALA A 248 44.20 24.52 -8.85
N GLU A 249 44.23 25.65 -9.54
CA GLU A 249 43.51 26.83 -9.07
C GLU A 249 42.01 26.58 -8.99
N LYS A 250 41.47 25.76 -9.90
CA LYS A 250 40.05 25.45 -9.86
C LYS A 250 39.75 24.41 -8.78
N ILE A 251 40.65 23.45 -8.56
CA ILE A 251 40.51 22.54 -7.43
C ILE A 251 40.46 23.33 -6.14
N VAL A 252 41.38 24.27 -5.98
CA VAL A 252 41.39 25.12 -4.79
C VAL A 252 40.07 25.89 -4.67
N LEU A 253 39.55 26.37 -5.80
CA LEU A 253 38.28 27.11 -5.78
C LEU A 253 37.13 26.19 -5.40
N ALA A 254 37.11 24.97 -5.93
CA ALA A 254 36.04 24.03 -5.60
C ALA A 254 36.06 23.67 -4.12
N SER A 255 37.24 23.49 -3.55
CA SER A 255 37.33 23.13 -2.15
C SER A 255 36.82 24.26 -1.26
N ARG A 256 37.13 25.51 -1.63
CA ARG A 256 36.68 26.63 -0.81
C ARG A 256 35.18 26.83 -0.93
N TYR A 257 34.61 26.54 -2.11
CA TYR A 257 33.16 26.68 -2.25
C TYR A 257 32.42 25.65 -1.40
N ALA A 258 33.05 24.51 -1.11
CA ALA A 258 32.46 23.57 -0.16
C ALA A 258 32.31 24.18 1.22
N SER A 259 33.23 25.07 1.60
CA SER A 259 33.14 25.77 2.88
C SER A 259 32.04 26.81 2.88
N LEU A 260 31.48 27.16 1.73
CA LEU A 260 30.43 28.16 1.64
C LEU A 260 29.05 27.57 1.39
N ASP A 261 28.97 26.51 0.59
CA ASP A 261 27.68 25.91 0.21
C ASP A 261 27.58 24.51 0.80
N PRO A 262 26.80 24.31 1.87
CA PRO A 262 26.58 22.94 2.36
C PRO A 262 26.11 21.98 1.30
N TYR A 263 25.34 22.45 0.32
CA TYR A 263 24.87 21.56 -0.74
C TYR A 263 26.02 20.99 -1.57
N ARG A 264 27.15 21.70 -1.61
CA ARG A 264 28.36 21.15 -2.21
C ARG A 264 29.20 20.38 -1.20
N ALA A 265 29.24 20.84 0.05
CA ALA A 265 30.03 20.15 1.07
C ALA A 265 29.57 18.71 1.26
N VAL A 266 28.25 18.48 1.25
CA VAL A 266 27.72 17.14 1.44
C VAL A 266 28.18 16.23 0.31
N THR A 267 28.05 16.69 -0.93
CA THR A 267 28.58 15.94 -2.06
C THR A 267 30.08 15.81 -1.95
N HIS A 268 30.78 16.89 -1.58
CA HIS A 268 32.22 16.86 -1.36
C HIS A 268 32.61 15.75 -0.39
N ASN A 269 31.96 15.69 0.77
CA ASN A 269 32.32 14.67 1.75
C ASN A 269 31.81 13.30 1.35
N LYS A 270 30.64 13.23 0.69
CA LYS A 270 30.18 11.95 0.15
C LYS A 270 31.24 11.33 -0.76
N GLY A 271 31.87 12.15 -1.60
CA GLY A 271 32.94 11.64 -2.45
C GLY A 271 34.07 11.04 -1.64
N ILE A 272 34.42 11.67 -0.52
CA ILE A 272 35.47 11.15 0.35
C ILE A 272 35.04 9.81 0.93
N MET A 273 33.80 9.73 1.41
N MET A 273 33.80 9.73 1.41
CA MET A 273 33.33 8.50 2.06
CA MET A 273 33.32 8.50 2.05
C MET A 273 33.17 7.36 1.07
C MET A 273 33.19 7.35 1.07
N ASN A 274 33.13 7.64 -0.24
CA ASN A 274 33.10 6.55 -1.22
C ASN A 274 34.33 5.67 -1.07
N GLY A 275 35.48 6.27 -0.81
CA GLY A 275 36.68 5.50 -0.57
C GLY A 275 36.81 4.98 0.85
N ILE A 276 36.59 5.86 1.82
CA ILE A 276 36.72 5.45 3.21
C ILE A 276 35.77 4.30 3.54
N GLU A 277 34.47 4.42 3.23
CA GLU A 277 33.46 3.38 3.58
C GLU A 277 33.75 2.10 2.78
N ALA A 278 34.41 2.17 1.64
CA ALA A 278 34.76 0.95 0.91
C ALA A 278 35.81 0.15 1.66
N VAL A 279 36.80 0.83 2.24
CA VAL A 279 37.84 0.12 3.01
C VAL A 279 37.27 -0.31 4.36
N VAL A 280 36.53 0.57 5.02
CA VAL A 280 35.89 0.20 6.28
C VAL A 280 35.05 -1.04 6.11
N LEU A 281 34.25 -1.11 5.03
CA LEU A 281 33.40 -2.27 4.80
C LEU A 281 34.24 -3.50 4.52
N ALA A 282 35.21 -3.38 3.61
CA ALA A 282 36.00 -4.55 3.20
C ALA A 282 36.72 -5.19 4.37
N THR A 283 37.12 -4.41 5.38
CA THR A 283 37.86 -4.93 6.52
C THR A 283 36.97 -5.33 7.70
N GLY A 284 35.66 -5.39 7.51
CA GLY A 284 34.79 -5.82 8.58
C GLY A 284 34.57 -4.80 9.67
N ASN A 285 34.79 -3.52 9.38
CA ASN A 285 34.57 -2.47 10.37
C ASN A 285 33.16 -1.91 10.25
N ASP A 286 32.77 -1.13 11.28
CA ASP A 286 31.41 -0.61 11.40
C ASP A 286 31.28 0.64 10.55
N THR A 287 30.51 0.54 9.46
CA THR A 287 30.37 1.65 8.54
C THR A 287 29.53 2.78 9.13
N ARG A 288 28.51 2.46 9.93
CA ARG A 288 27.68 3.51 10.50
C ARG A 288 28.48 4.37 11.47
N ALA A 289 29.34 3.76 12.27
CA ALA A 289 30.12 4.52 13.25
C ALA A 289 31.04 5.52 12.56
N VAL A 290 31.78 5.07 11.54
CA VAL A 290 32.72 5.98 10.89
C VAL A 290 31.98 7.08 10.15
N SER A 291 30.86 6.76 9.52
CA SER A 291 30.07 7.75 8.74
C SER A 291 29.52 8.78 9.74
N ALA A 292 29.14 8.38 10.95
CA ALA A 292 28.56 9.31 11.91
C ALA A 292 29.61 10.30 12.42
N SER A 293 30.78 9.79 12.80
CA SER A 293 31.81 10.68 13.37
C SER A 293 32.38 11.61 12.30
N CYS A 294 32.65 11.09 11.10
CA CYS A 294 33.24 11.93 10.06
C CYS A 294 32.32 13.08 9.68
N HIS A 295 31.05 12.76 9.38
CA HIS A 295 30.11 13.81 8.98
C HIS A 295 29.87 14.81 10.11
N ALA A 296 29.81 14.33 11.36
CA ALA A 296 29.65 15.24 12.48
C ALA A 296 30.89 16.11 12.65
N PHE A 297 32.08 15.55 12.40
CA PHE A 297 33.32 16.32 12.44
C PHE A 297 33.36 17.38 11.35
N ALA A 298 32.53 17.25 10.31
CA ALA A 298 32.50 18.26 9.26
C ALA A 298 31.84 19.56 9.72
N VAL A 299 31.14 19.53 10.86
CA VAL A 299 30.44 20.71 11.36
C VAL A 299 31.48 21.58 12.07
N LYS A 300 31.96 22.62 11.41
CA LYS A 300 32.92 23.56 11.97
C LYS A 300 32.30 24.95 11.95
N GLU A 301 32.17 25.56 13.13
CA GLU A 301 31.60 26.89 13.26
C GLU A 301 30.12 26.91 12.90
N GLY A 302 29.38 25.90 13.35
CA GLY A 302 27.96 25.86 13.13
C GLY A 302 27.53 25.71 11.69
N ARG A 303 28.42 25.24 10.83
CA ARG A 303 28.13 25.08 9.41
C ARG A 303 28.76 23.80 8.90
N TYR A 304 27.99 23.01 8.16
CA TYR A 304 28.50 21.79 7.56
C TYR A 304 29.42 22.14 6.39
N GLN A 305 30.69 21.79 6.49
CA GLN A 305 31.70 22.15 5.49
C GLN A 305 32.46 20.90 5.06
N GLY A 306 33.45 21.10 4.18
CA GLY A 306 34.23 19.99 3.70
C GLY A 306 35.23 19.50 4.73
N LEU A 307 35.52 18.20 4.66
CA LEU A 307 36.50 17.58 5.55
C LEU A 307 37.93 17.74 5.07
N THR A 308 38.15 18.39 3.93
CA THR A 308 39.48 18.57 3.37
C THR A 308 39.66 20.03 2.97
N SER A 309 40.92 20.46 2.93
CA SER A 309 41.30 21.78 2.42
C SER A 309 42.35 21.60 1.34
N TRP A 310 42.26 22.42 0.29
CA TRP A 310 43.21 22.40 -0.81
C TRP A 310 43.71 23.82 -1.04
N THR A 311 45.03 24.01 -0.97
CA THR A 311 45.63 25.32 -1.12
C THR A 311 46.84 25.22 -2.04
N LEU A 312 47.22 26.37 -2.61
CA LEU A 312 48.35 26.47 -3.51
C LEU A 312 49.49 27.16 -2.79
N ASP A 313 50.64 26.49 -2.69
CA ASP A 313 51.84 27.04 -2.07
C ASP A 313 52.94 26.95 -3.13
N GLY A 314 53.05 28.02 -3.93
CA GLY A 314 54.05 28.03 -4.99
C GLY A 314 53.57 27.22 -6.18
N GLU A 315 54.40 26.27 -6.61
CA GLU A 315 54.05 25.36 -7.70
C GLU A 315 53.54 24.01 -7.19
N GLN A 316 53.07 23.95 -5.96
CA GLN A 316 52.54 22.72 -5.37
C GLN A 316 51.10 22.92 -4.94
N LEU A 317 50.26 21.94 -5.25
CA LEU A 317 48.92 21.86 -4.69
C LEU A 317 48.97 21.04 -3.41
N ILE A 318 48.51 21.61 -2.30
CA ILE A 318 48.63 20.99 -0.98
C ILE A 318 47.23 20.69 -0.46
N GLY A 319 46.97 19.42 -0.18
CA GLY A 319 45.70 18.99 0.35
C GLY A 319 45.88 18.40 1.75
N GLU A 320 44.88 18.62 2.58
CA GLU A 320 44.90 18.09 3.95
C GLU A 320 43.52 17.54 4.27
N ILE A 321 43.48 16.44 5.02
CA ILE A 321 42.24 15.84 5.50
C ILE A 321 42.36 15.63 7.00
N SER A 322 41.23 15.77 7.70
CA SER A 322 41.15 15.51 9.13
C SER A 322 39.85 14.79 9.41
N VAL A 323 39.93 13.56 9.91
CA VAL A 323 38.73 12.76 10.16
C VAL A 323 38.88 11.95 11.44
N PRO A 324 37.81 11.76 12.21
CA PRO A 324 37.88 10.82 13.34
C PRO A 324 37.67 9.40 12.85
N LEU A 325 38.70 8.55 13.02
CA LEU A 325 38.70 7.19 12.48
C LEU A 325 39.03 6.21 13.60
N ALA A 326 38.02 5.88 14.40
CA ALA A 326 38.15 4.88 15.46
C ALA A 326 37.89 3.49 14.85
N LEU A 327 38.84 3.06 14.02
CA LEU A 327 38.72 1.80 13.30
C LEU A 327 39.31 0.67 14.14
N ALA A 328 39.26 -0.54 13.60
CA ALA A 328 39.67 -1.72 14.36
C ALA A 328 40.32 -2.74 13.44
N THR A 329 41.25 -3.50 14.02
CA THR A 329 41.81 -4.68 13.39
C THR A 329 41.47 -5.95 14.14
N VAL A 330 40.76 -5.85 15.27
CA VAL A 330 40.30 -6.99 16.05
C VAL A 330 38.91 -6.70 16.60
N GLY A 331 38.18 -7.77 16.91
CA GLY A 331 36.84 -7.64 17.41
C GLY A 331 35.81 -7.37 16.33
N GLY A 332 34.55 -7.35 16.74
CA GLY A 332 33.47 -7.07 15.80
C GLY A 332 33.46 -8.09 14.68
N ALA A 333 33.39 -7.59 13.44
CA ALA A 333 33.35 -8.45 12.26
C ALA A 333 34.68 -8.51 11.52
N THR A 334 35.77 -8.05 12.14
CA THR A 334 37.07 -8.02 11.47
C THR A 334 37.70 -9.40 11.37
N LYS A 335 37.26 -10.36 12.18
CA LYS A 335 37.85 -11.70 12.18
C LYS A 335 36.87 -12.80 11.81
N VAL A 336 35.65 -12.78 12.35
CA VAL A 336 34.72 -13.88 12.13
C VAL A 336 34.31 -13.98 10.66
N LEU A 337 34.29 -12.86 9.93
CA LEU A 337 34.02 -12.89 8.50
C LEU A 337 35.31 -13.21 7.75
N PRO A 338 35.39 -14.37 7.07
CA PRO A 338 36.64 -14.69 6.36
C PRO A 338 37.06 -13.63 5.36
N LYS A 339 36.12 -12.97 4.69
CA LYS A 339 36.51 -11.94 3.73
C LYS A 339 37.20 -10.77 4.43
N SER A 340 36.83 -10.49 5.69
CA SER A 340 37.52 -9.45 6.44
C SER A 340 38.97 -9.83 6.68
N GLN A 341 39.23 -11.10 6.99
CA GLN A 341 40.61 -11.56 7.18
C GLN A 341 41.38 -11.49 5.87
N ALA A 342 40.75 -11.88 4.76
CA ALA A 342 41.42 -11.81 3.47
C ALA A 342 41.77 -10.38 3.11
N ALA A 343 40.80 -9.47 3.26
CA ALA A 343 41.10 -8.06 3.00
C ALA A 343 42.19 -7.52 3.91
N ALA A 344 42.25 -8.00 5.15
CA ALA A 344 43.31 -7.57 6.07
C ALA A 344 44.66 -8.11 5.64
N ASP A 345 44.70 -9.33 5.11
CA ASP A 345 45.94 -9.86 4.54
C ASP A 345 46.43 -9.01 3.38
N LEU A 346 45.52 -8.60 2.49
CA LEU A 346 45.92 -7.78 1.36
C LEU A 346 46.45 -6.44 1.82
N LEU A 347 45.74 -5.77 2.73
CA LEU A 347 46.17 -4.45 3.21
C LEU A 347 47.45 -4.56 4.02
N ALA A 348 47.49 -5.54 4.95
CA ALA A 348 48.70 -5.87 5.70
C ALA A 348 49.14 -4.73 6.62
N VAL A 349 48.19 -4.14 7.32
CA VAL A 349 48.52 -3.15 8.35
C VAL A 349 48.74 -3.89 9.67
N THR A 350 49.67 -3.37 10.48
CA THR A 350 50.10 -4.07 11.69
C THR A 350 49.28 -3.72 12.92
N ASP A 351 48.48 -2.65 12.86
CA ASP A 351 47.70 -2.23 14.02
C ASP A 351 46.64 -1.23 13.59
N ALA A 352 45.77 -0.88 14.53
CA ALA A 352 44.60 -0.06 14.19
C ALA A 352 45.01 1.36 13.84
N LYS A 353 46.02 1.90 14.53
CA LYS A 353 46.48 3.25 14.21
C LYS A 353 46.90 3.34 12.75
N GLU A 354 47.62 2.32 12.27
CA GLU A 354 48.05 2.30 10.88
C GLU A 354 46.86 2.19 9.94
N LEU A 355 45.87 1.37 10.29
CA LEU A 355 44.66 1.28 9.48
C LEU A 355 44.01 2.65 9.33
N SER A 356 43.92 3.41 10.42
CA SER A 356 43.30 4.73 10.34
C SER A 356 44.10 5.67 9.43
N ARG A 357 45.44 5.61 9.51
CA ARG A 357 46.24 6.48 8.63
C ARG A 357 46.02 6.11 7.17
N VAL A 358 45.99 4.82 6.85
CA VAL A 358 45.76 4.40 5.47
C VAL A 358 44.37 4.83 5.01
N VAL A 359 43.37 4.68 5.87
CA VAL A 359 42.01 5.03 5.46
C VAL A 359 41.88 6.53 5.25
N ALA A 360 42.49 7.33 6.13
CA ALA A 360 42.43 8.78 5.95
C ALA A 360 43.11 9.21 4.66
N ALA A 361 44.18 8.50 4.24
CA ALA A 361 44.84 8.82 2.99
C ALA A 361 43.94 8.47 1.81
N VAL A 362 43.25 7.33 1.89
CA VAL A 362 42.29 6.98 0.85
C VAL A 362 41.25 8.09 0.69
N GLY A 363 40.78 8.63 1.81
CA GLY A 363 39.80 9.70 1.74
C GLY A 363 40.31 10.88 0.94
N LEU A 364 41.53 11.34 1.25
CA LEU A 364 42.09 12.49 0.56
C LEU A 364 42.39 12.18 -0.89
N ALA A 365 42.82 10.94 -1.19
CA ALA A 365 43.06 10.55 -2.58
C ALA A 365 41.75 10.54 -3.37
N GLN A 366 40.70 9.95 -2.77
CA GLN A 366 39.39 9.97 -3.42
C GLN A 366 38.95 11.40 -3.72
N ASN A 367 39.17 12.32 -2.78
CA ASN A 367 38.75 13.71 -2.96
C ASN A 367 39.52 14.37 -4.08
N LEU A 368 40.81 14.08 -4.19
CA LEU A 368 41.61 14.68 -5.26
C LEU A 368 41.08 14.25 -6.63
N ALA A 369 40.83 12.95 -6.81
CA ALA A 369 40.31 12.47 -8.09
C ALA A 369 38.95 13.09 -8.39
N ALA A 370 38.13 13.27 -7.37
CA ALA A 370 36.80 13.83 -7.58
C ALA A 370 36.87 15.29 -8.01
N LEU A 371 37.64 16.10 -7.29
CA LEU A 371 37.72 17.52 -7.63
C LEU A 371 38.38 17.73 -8.99
N ARG A 372 39.44 16.98 -9.28
CA ARG A 372 40.11 17.13 -10.56
C ARG A 372 39.18 16.82 -11.72
N ALA A 373 38.39 15.74 -11.59
CA ALA A 373 37.41 15.43 -12.63
C ALA A 373 36.31 16.49 -12.67
N LEU A 374 35.93 17.03 -11.53
CA LEU A 374 34.84 17.99 -11.50
C LEU A 374 35.18 19.25 -12.28
N VAL A 375 36.41 19.76 -12.12
CA VAL A 375 36.77 21.03 -12.74
C VAL A 375 37.41 20.87 -14.12
N SER A 376 37.76 19.64 -14.51
N SER A 376 37.76 19.63 -14.50
CA SER A 376 38.39 19.41 -15.80
CA SER A 376 38.39 19.41 -15.80
C SER A 376 37.39 19.23 -16.94
C SER A 376 37.38 19.26 -16.94
N GLU A 377 36.14 18.94 -16.63
CA GLU A 377 35.12 18.74 -17.66
C GLU A 377 34.64 20.09 -18.19
N PRO B 3 65.97 8.03 -0.59
CA PRO B 3 65.53 7.51 -1.90
C PRO B 3 64.02 7.42 -2.01
N ARG B 4 63.51 7.08 -3.20
CA ARG B 4 62.06 7.04 -3.43
C ARG B 4 61.79 6.06 -4.57
N GLY B 5 61.67 4.78 -4.23
CA GLY B 5 61.31 3.78 -5.21
C GLY B 5 59.84 3.84 -5.57
N SER B 6 59.52 3.29 -6.75
CA SER B 6 58.15 3.32 -7.23
C SER B 6 57.27 2.37 -6.41
N HIS B 7 55.96 2.49 -6.65
CA HIS B 7 54.92 1.70 -5.94
C HIS B 7 55.05 0.23 -6.36
N MET B 8 54.75 -0.70 -5.47
CA MET B 8 54.91 -2.13 -5.74
C MET B 8 53.84 -2.70 -6.68
N LEU B 9 52.94 -1.89 -7.22
CA LEU B 9 51.91 -2.38 -8.17
C LEU B 9 52.47 -2.67 -9.53
N LEU B 10 53.51 -1.97 -9.93
CA LEU B 10 54.15 -2.20 -11.22
C LEU B 10 54.88 -3.54 -11.21
N GLU B 11 54.86 -4.21 -10.06
CA GLU B 11 55.24 -5.62 -10.01
C GLU B 11 54.12 -6.54 -10.50
N ARG B 12 52.85 -6.20 -10.37
CA ARG B 12 51.70 -7.06 -10.80
C ARG B 12 51.62 -7.16 -12.34
N PRO B 13 51.80 -6.09 -13.15
CA PRO B 13 51.82 -6.21 -14.60
C PRO B 13 52.65 -7.37 -15.18
N GLN B 14 52.11 -8.01 -16.21
CA GLN B 14 52.79 -9.10 -16.95
C GLN B 14 53.16 -8.41 -18.27
N GLN B 15 54.26 -7.66 -18.33
CA GLN B 15 54.60 -6.87 -19.51
C GLN B 15 55.25 -7.69 -20.62
N LYS B 16 55.59 -8.96 -20.35
CA LYS B 16 56.07 -9.86 -21.39
C LYS B 16 54.94 -10.38 -22.27
N LYS B 17 53.69 -9.99 -21.97
CA LYS B 17 52.48 -10.38 -22.74
C LYS B 17 52.02 -9.16 -23.55
N SER B 19 49.98 -6.63 -20.37
CA SER B 19 48.73 -6.75 -19.65
C SER B 19 48.78 -5.99 -18.33
N ARG B 20 47.90 -4.99 -18.19
CA ARG B 20 47.83 -4.19 -16.98
C ARG B 20 46.80 -4.78 -16.02
N PHE B 21 46.93 -4.42 -14.75
CA PHE B 21 46.09 -5.00 -13.71
C PHE B 21 44.60 -4.81 -14.03
N TYR B 22 44.21 -3.58 -14.36
CA TYR B 22 42.80 -3.29 -14.65
C TYR B 22 42.32 -3.99 -15.91
N GLN B 23 43.22 -4.57 -16.70
CA GLN B 23 42.81 -5.32 -17.89
C GLN B 23 42.69 -6.82 -17.61
N MET B 24 43.40 -7.34 -16.61
CA MET B 24 43.43 -8.76 -16.37
C MET B 24 42.06 -9.25 -15.94
N SER B 25 41.86 -10.56 -16.03
CA SER B 25 40.68 -11.18 -15.48
C SER B 25 40.81 -11.32 -13.96
N PRO B 26 39.69 -11.40 -13.24
CA PRO B 26 39.76 -11.59 -11.78
C PRO B 26 40.71 -12.69 -11.36
N GLU B 27 40.70 -13.84 -12.05
CA GLU B 27 41.61 -14.93 -11.70
C GLU B 27 43.06 -14.52 -11.89
N GLU B 28 43.37 -13.86 -13.02
CA GLU B 28 44.75 -13.41 -13.24
C GLU B 28 45.16 -12.40 -12.19
N ARG B 29 44.24 -11.51 -11.79
CA ARG B 29 44.52 -10.46 -10.78
C ARG B 29 44.85 -11.17 -9.45
N LEU B 30 44.19 -12.27 -9.07
CA LEU B 30 44.48 -12.97 -7.83
C LEU B 30 45.80 -13.72 -7.93
N ALA B 31 46.04 -14.39 -9.06
CA ALA B 31 47.32 -15.07 -9.25
C ALA B 31 48.47 -14.10 -9.13
N SER B 32 48.35 -12.91 -9.74
CA SER B 32 49.39 -11.91 -9.64
C SER B 32 49.58 -11.46 -8.19
N LEU B 33 48.49 -11.29 -7.46
CA LEU B 33 48.59 -10.87 -6.07
C LEU B 33 49.36 -11.90 -5.24
N LEU B 34 49.13 -13.19 -5.49
CA LEU B 34 49.83 -14.22 -4.73
C LEU B 34 51.30 -14.31 -5.14
N ASN B 35 51.58 -14.15 -6.43
CA ASN B 35 52.94 -14.32 -6.90
C ASN B 35 53.85 -13.16 -6.50
N GLU B 36 53.28 -12.02 -6.11
CA GLU B 36 54.06 -10.87 -5.67
C GLU B 36 54.06 -10.69 -4.16
N GLY B 37 53.75 -11.76 -3.41
CA GLY B 37 53.83 -11.70 -1.96
C GLY B 37 52.82 -10.80 -1.28
N GLN B 38 51.70 -10.52 -1.91
CA GLN B 38 50.71 -9.63 -1.33
C GLN B 38 49.60 -10.37 -0.59
N ILE B 39 49.35 -11.63 -0.93
CA ILE B 39 48.36 -12.45 -0.25
C ILE B 39 48.89 -13.87 -0.13
N SER B 40 48.30 -14.63 0.79
CA SER B 40 48.65 -16.02 0.98
C SER B 40 47.77 -16.91 0.11
N ALA B 41 48.16 -18.18 0.00
CA ALA B 41 47.36 -19.13 -0.77
C ALA B 41 45.95 -19.25 -0.18
N ASP B 42 45.85 -19.33 1.15
CA ASP B 42 44.54 -19.46 1.78
C ASP B 42 43.69 -18.22 1.53
N THR B 43 44.31 -17.04 1.58
CA THR B 43 43.57 -15.82 1.29
C THR B 43 43.03 -15.83 -0.14
N LYS B 44 43.83 -16.34 -1.09
CA LYS B 44 43.44 -16.39 -2.51
C LYS B 44 42.22 -17.32 -2.62
N LYS B 45 42.23 -18.47 -1.94
CA LYS B 45 41.12 -19.40 -2.04
C LYS B 45 39.87 -18.80 -1.41
N GLU B 46 40.02 -18.09 -0.31
CA GLU B 46 38.87 -17.41 0.28
C GLU B 46 38.31 -16.35 -0.65
N PHE B 47 39.18 -15.56 -1.28
CA PHE B 47 38.71 -14.58 -2.26
C PHE B 47 37.96 -15.27 -3.40
N GLU B 48 38.34 -16.50 -3.74
CA GLU B 48 37.74 -17.24 -4.84
C GLU B 48 36.38 -17.83 -4.48
N ASN B 49 35.98 -17.76 -3.21
CA ASN B 49 34.71 -18.33 -2.75
C ASN B 49 33.67 -17.22 -2.78
N THR B 50 33.01 -17.09 -3.93
CA THR B 50 32.08 -15.99 -4.17
C THR B 50 30.74 -16.53 -4.65
N ALA B 51 29.69 -15.80 -4.30
CA ALA B 51 28.33 -16.15 -4.71
C ALA B 51 27.80 -15.25 -5.81
N LEU B 52 28.28 -14.01 -5.89
CA LEU B 52 27.87 -13.10 -6.95
C LEU B 52 28.61 -13.45 -8.24
N SER B 53 27.88 -13.53 -9.33
CA SER B 53 28.45 -13.91 -10.62
C SER B 53 29.70 -13.10 -10.91
N SER B 54 30.77 -13.78 -11.32
CA SER B 54 32.01 -13.11 -11.62
C SER B 54 31.85 -12.11 -12.75
N GLN B 55 30.98 -12.41 -13.71
CA GLN B 55 30.77 -11.48 -14.82
C GLN B 55 30.05 -10.22 -14.35
N ILE B 56 29.15 -10.35 -13.38
CA ILE B 56 28.45 -9.18 -12.85
C ILE B 56 29.39 -8.32 -12.04
N ALA B 57 30.11 -8.93 -11.10
CA ALA B 57 31.00 -8.17 -10.22
C ALA B 57 32.10 -7.47 -11.00
N ASN B 58 32.68 -8.16 -12.00
CA ASN B 58 33.84 -7.61 -12.69
C ASN B 58 33.48 -6.40 -13.54
N HIS B 59 32.25 -6.31 -14.03
CA HIS B 59 31.83 -5.21 -14.88
C HIS B 59 31.14 -4.08 -14.11
N MET B 60 31.01 -4.21 -12.79
CA MET B 60 30.42 -3.18 -11.96
C MET B 60 31.48 -2.24 -11.37
N ILE B 61 32.63 -2.78 -11.02
CA ILE B 61 33.72 -2.03 -10.41
C ILE B 61 35.00 -2.35 -11.17
N GLU B 62 36.06 -1.63 -10.83
CA GLU B 62 37.38 -1.83 -11.41
C GLU B 62 38.27 -2.65 -10.48
N ASN B 63 39.27 -3.30 -11.07
CA ASN B 63 40.22 -4.12 -10.33
C ASN B 63 39.49 -5.11 -9.41
N GLN B 64 38.41 -5.68 -9.91
CA GLN B 64 37.60 -6.60 -9.10
C GLN B 64 38.35 -7.90 -8.87
N ILE B 65 38.28 -8.41 -7.64
CA ILE B 65 38.96 -9.65 -7.29
C ILE B 65 38.05 -10.59 -6.51
N SER B 66 37.12 -10.03 -5.73
CA SER B 66 36.28 -10.90 -4.91
C SER B 66 34.99 -10.16 -4.54
N GLU B 67 34.48 -10.41 -3.33
CA GLU B 67 33.27 -9.78 -2.85
C GLU B 67 33.26 -9.81 -1.33
N THR B 68 32.62 -8.81 -0.74
CA THR B 68 32.30 -8.81 0.68
C THR B 68 30.88 -9.35 0.86
N GLU B 69 30.71 -10.22 1.84
CA GLU B 69 29.43 -10.85 2.14
C GLU B 69 28.93 -10.32 3.48
N VAL B 70 27.80 -9.64 3.46
CA VAL B 70 27.17 -9.11 4.67
C VAL B 70 25.95 -9.97 4.98
N PRO B 71 25.83 -10.55 6.17
CA PRO B 71 24.63 -11.33 6.48
C PRO B 71 23.37 -10.48 6.35
N MET B 72 22.28 -11.13 5.94
CA MET B 72 21.01 -10.45 5.75
C MET B 72 19.94 -11.19 6.54
N GLY B 73 19.21 -10.45 7.37
CA GLY B 73 18.10 -10.99 8.12
C GLY B 73 16.81 -10.25 7.82
N VAL B 74 15.76 -10.64 8.52
CA VAL B 74 14.42 -10.10 8.31
C VAL B 74 13.97 -9.42 9.60
N GLY B 75 13.71 -8.12 9.53
CA GLY B 75 13.06 -7.43 10.65
C GLY B 75 11.55 -7.62 10.60
N LEU B 76 10.94 -7.74 11.77
CA LEU B 76 9.54 -8.10 11.90
C LEU B 76 8.76 -7.01 12.61
N HIS B 77 7.43 -7.12 12.50
CA HIS B 77 6.46 -6.34 13.24
C HIS B 77 6.34 -4.90 12.80
N LEU B 78 6.91 -4.54 11.65
CA LEU B 78 6.84 -3.17 11.17
C LEU B 78 5.54 -2.95 10.41
N THR B 79 4.85 -1.85 10.75
CA THR B 79 3.60 -1.46 10.11
C THR B 79 3.69 0.01 9.76
N VAL B 80 3.46 0.33 8.49
CA VAL B 80 3.52 1.70 7.98
C VAL B 80 2.24 1.99 7.22
N ASP B 81 1.50 2.99 7.68
CA ASP B 81 0.22 3.36 7.07
C ASP B 81 -0.69 2.14 6.91
N GLU B 82 -0.90 1.42 8.03
CA GLU B 82 -1.81 0.23 8.10
C GLU B 82 -1.32 -0.90 7.19
N THR B 83 -0.09 -0.88 6.66
CA THR B 83 0.44 -1.99 5.87
C THR B 83 1.58 -2.67 6.62
N ASP B 84 1.54 -4.00 6.68
CA ASP B 84 2.57 -4.79 7.32
C ASP B 84 3.71 -5.07 6.34
N TYR B 85 4.95 -5.06 6.85
CA TYR B 85 6.11 -5.26 6.00
C TYR B 85 7.07 -6.27 6.63
N LEU B 86 7.84 -6.92 5.77
CA LEU B 86 8.99 -7.71 6.16
C LEU B 86 10.22 -6.99 5.60
N VAL B 87 11.09 -6.53 6.49
CA VAL B 87 12.18 -5.62 6.12
C VAL B 87 13.46 -6.45 5.92
N PRO B 88 14.00 -6.51 4.71
CA PRO B 88 15.34 -7.10 4.56
C PRO B 88 16.37 -6.18 5.18
N MET B 89 17.25 -6.74 6.01
CA MET B 89 18.23 -5.96 6.74
C MET B 89 19.59 -6.63 6.59
N ALA B 90 20.53 -5.91 6.00
CA ALA B 90 21.90 -6.39 5.79
C ALA B 90 22.81 -5.70 6.79
N THR B 91 23.40 -6.46 7.69
CA THR B 91 24.20 -5.87 8.76
C THR B 91 25.12 -6.93 9.32
N GLU B 92 26.24 -6.49 9.88
CA GLU B 92 27.17 -7.38 10.56
C GLU B 92 27.11 -7.22 12.08
N GLU B 93 26.27 -6.32 12.59
CA GLU B 93 26.23 -6.02 14.01
C GLU B 93 25.13 -6.82 14.68
N PRO B 94 25.43 -7.60 15.72
CA PRO B 94 24.37 -8.33 16.41
C PRO B 94 23.41 -7.38 17.11
N SER B 95 22.17 -7.84 17.28
CA SER B 95 21.09 -7.20 18.01
C SER B 95 20.38 -6.12 17.19
N VAL B 96 20.93 -5.71 16.03
CA VAL B 96 20.29 -4.65 15.25
C VAL B 96 18.92 -5.11 14.77
N ILE B 97 18.84 -6.34 14.24
CA ILE B 97 17.59 -6.82 13.66
C ILE B 97 16.59 -7.14 14.77
N ALA B 98 17.05 -7.77 15.86
CA ALA B 98 16.17 -8.04 16.97
C ALA B 98 15.64 -6.74 17.58
N ALA B 99 16.50 -5.73 17.67
CA ALA B 99 16.07 -4.45 18.22
C ALA B 99 15.04 -3.77 17.31
N LEU B 100 15.25 -3.85 15.99
CA LEU B 100 14.27 -3.26 15.07
C LEU B 100 12.92 -3.94 15.24
N SER B 101 12.91 -5.26 15.39
CA SER B 101 11.64 -5.97 15.61
C SER B 101 11.01 -5.56 16.93
N ASN B 102 11.81 -5.51 18.00
CA ASN B 102 11.29 -5.07 19.29
C ASN B 102 10.74 -3.66 19.21
N GLY B 103 11.46 -2.75 18.56
CA GLY B 103 11.00 -1.37 18.47
C GLY B 103 9.72 -1.24 17.66
N ALA B 104 9.64 -1.96 16.55
CA ALA B 104 8.42 -1.92 15.75
C ALA B 104 7.25 -2.54 16.52
N LYS B 105 7.50 -3.64 17.22
CA LYS B 105 6.44 -4.27 18.00
C LYS B 105 5.92 -3.36 19.10
N ILE B 106 6.82 -2.66 19.79
CA ILE B 106 6.40 -1.74 20.85
C ILE B 106 5.54 -0.63 20.28
N ALA B 107 5.91 -0.11 19.10
CA ALA B 107 5.21 1.02 18.51
C ALA B 107 3.95 0.58 17.77
N GLN B 108 3.93 -0.65 17.29
CA GLN B 108 2.77 -1.22 16.59
C GLN B 108 2.62 -0.68 15.17
N GLY B 109 2.90 0.60 14.95
CA GLY B 109 2.77 1.14 13.61
C GLY B 109 3.27 2.56 13.52
N PHE B 110 3.51 2.99 12.27
CA PHE B 110 3.99 4.33 11.96
C PHE B 110 3.14 4.91 10.85
N LYS B 111 2.94 6.23 10.89
CA LYS B 111 2.19 6.94 9.87
C LYS B 111 3.03 8.05 9.27
N THR B 112 2.66 8.46 8.06
CA THR B 112 3.37 9.49 7.32
C THR B 112 2.79 10.86 7.67
N VAL B 113 3.67 11.80 8.02
CA VAL B 113 3.26 13.18 8.25
C VAL B 113 3.38 14.02 6.98
N ASN B 114 4.54 14.00 6.34
CA ASN B 114 4.74 14.70 5.09
C ASN B 114 5.85 13.99 4.31
N GLN B 115 5.87 14.21 3.00
CA GLN B 115 6.90 13.62 2.16
C GLN B 115 7.06 14.43 0.88
N GLN B 116 8.31 14.60 0.47
CA GLN B 116 8.66 15.22 -0.80
C GLN B 116 9.68 14.33 -1.50
N ARG B 117 9.73 14.42 -2.82
CA ARG B 117 10.73 13.64 -3.56
C ARG B 117 11.18 14.44 -4.79
N LEU B 118 12.26 15.21 -4.65
CA LEU B 118 12.92 15.94 -5.75
C LEU B 118 14.44 15.90 -5.49
N MET B 119 15.25 15.58 -6.49
CA MET B 119 16.75 15.58 -6.39
C MET B 119 17.30 16.97 -6.72
N ARG B 120 18.27 17.48 -5.97
CA ARG B 120 18.89 18.79 -6.25
C ARG B 120 20.05 18.67 -7.22
N GLY B 121 20.34 19.73 -7.98
CA GLY B 121 21.55 19.85 -8.77
C GLY B 121 21.99 21.29 -8.74
N GLN B 122 23.21 21.56 -9.19
CA GLN B 122 23.72 22.92 -9.16
C GLN B 122 24.76 23.16 -10.23
N ILE B 123 24.68 24.34 -10.85
CA ILE B 123 25.71 24.87 -11.73
C ILE B 123 26.26 26.12 -11.05
N VAL B 124 27.55 26.12 -10.75
CA VAL B 124 28.17 27.15 -9.91
C VAL B 124 29.04 28.04 -10.78
N PHE B 125 28.75 29.34 -10.77
CA PHE B 125 29.58 30.34 -11.43
C PHE B 125 30.59 30.89 -10.44
N TYR B 126 31.82 31.11 -10.92
CA TYR B 126 32.88 31.70 -10.11
C TYR B 126 33.43 32.91 -10.83
N ASP B 127 33.98 33.85 -10.05
CA ASP B 127 34.53 35.10 -10.58
C ASP B 127 33.42 35.95 -11.18
N VAL B 128 32.28 36.01 -10.51
CA VAL B 128 31.14 36.79 -10.97
C VAL B 128 31.25 38.20 -10.38
N ALA B 129 31.39 39.20 -11.27
CA ALA B 129 31.52 40.58 -10.81
C ALA B 129 30.30 41.01 -10.01
N ASP B 130 29.12 41.08 -10.65
CA ASP B 130 27.85 41.51 -10.00
C ASP B 130 26.95 40.25 -9.89
N PRO B 131 26.84 39.55 -8.74
CA PRO B 131 25.98 38.36 -8.69
C PRO B 131 24.51 38.67 -8.94
N GLU B 132 23.98 39.74 -8.33
CA GLU B 132 22.53 40.08 -8.45
C GLU B 132 22.22 40.33 -9.93
N SER B 133 23.18 40.79 -10.75
CA SER B 133 22.91 41.07 -12.15
C SER B 133 22.74 39.78 -12.95
N LEU B 134 23.73 38.90 -12.89
CA LEU B 134 23.65 37.64 -13.63
C LEU B 134 22.41 36.84 -13.23
N ILE B 135 22.04 36.88 -11.96
CA ILE B 135 20.87 36.14 -11.51
C ILE B 135 19.64 36.61 -12.27
N ASP B 136 19.33 37.91 -12.18
CA ASP B 136 18.16 38.44 -12.88
C ASP B 136 18.25 38.18 -14.39
N LYS B 137 19.46 38.28 -14.94
CA LYS B 137 19.63 37.98 -16.36
C LYS B 137 19.26 36.54 -16.69
N LEU B 138 19.22 35.65 -15.69
CA LEU B 138 18.85 34.26 -15.89
C LEU B 138 17.40 33.97 -15.55
N GLN B 139 16.82 34.65 -14.57
CA GLN B 139 15.46 34.36 -14.16
C GLN B 139 14.46 34.62 -15.30
N VAL B 140 14.71 35.65 -16.11
CA VAL B 140 13.77 36.01 -17.15
C VAL B 140 13.82 35.05 -18.34
N ARG B 141 14.90 34.28 -18.48
CA ARG B 141 15.06 33.33 -19.58
C ARG B 141 14.77 31.89 -19.13
N GLU B 142 13.96 31.71 -18.10
CA GLU B 142 13.72 30.36 -17.58
C GLU B 142 12.96 29.49 -18.57
N ALA B 143 12.21 30.08 -19.50
CA ALA B 143 11.48 29.27 -20.46
C ALA B 143 12.41 28.40 -21.28
N GLU B 144 13.57 28.93 -21.67
CA GLU B 144 14.50 28.18 -22.50
C GLU B 144 15.39 27.26 -21.68
N ILE B 145 15.63 27.61 -20.41
CA ILE B 145 16.45 26.77 -19.48
C ILE B 145 15.69 25.43 -19.33
N PHE B 146 14.37 25.49 -19.15
CA PHE B 146 13.51 24.28 -18.97
C PHE B 146 13.54 23.49 -20.30
N GLN B 147 13.62 24.15 -21.46
CA GLN B 147 13.59 23.47 -22.75
C GLN B 147 14.87 22.69 -23.01
N GLN B 148 16.02 23.33 -22.80
CA GLN B 148 17.28 22.62 -22.99
C GLN B 148 17.40 21.43 -22.03
N ALA B 149 16.94 21.60 -20.79
CA ALA B 149 16.98 20.50 -19.84
C ALA B 149 16.28 19.27 -20.39
N GLU B 150 15.20 19.49 -21.14
CA GLU B 150 14.44 18.35 -21.68
C GLU B 150 15.22 17.64 -22.78
N LEU B 151 15.93 18.38 -23.62
CA LEU B 151 16.67 17.75 -24.71
C LEU B 151 17.99 17.16 -24.26
N SER B 152 18.56 17.68 -23.17
CA SER B 152 19.79 17.08 -22.63
C SER B 152 19.52 15.68 -22.09
N TYR B 153 18.28 15.40 -21.69
CA TYR B 153 17.88 14.07 -21.22
C TYR B 153 16.37 13.93 -21.41
N PRO B 154 15.91 13.52 -22.60
CA PRO B 154 14.47 13.47 -22.86
C PRO B 154 13.81 12.24 -22.25
N SER B 155 14.57 11.16 -22.09
CA SER B 155 14.00 9.92 -21.57
C SER B 155 13.20 10.16 -20.29
N ILE B 156 13.74 10.97 -19.39
CA ILE B 156 13.06 11.20 -18.11
C ILE B 156 11.76 11.98 -18.32
N VAL B 157 11.74 12.90 -19.28
CA VAL B 157 10.56 13.75 -19.45
C VAL B 157 9.38 12.94 -19.96
N LYS B 158 9.63 11.96 -20.83
CA LYS B 158 8.54 11.13 -21.33
C LYS B 158 8.10 10.10 -20.29
N ARG B 159 8.94 9.78 -19.31
CA ARG B 159 8.53 8.94 -18.20
C ARG B 159 7.83 9.73 -17.10
N GLY B 160 7.58 11.02 -17.32
CA GLY B 160 6.80 11.82 -16.41
C GLY B 160 7.55 12.74 -15.48
N GLY B 161 8.86 12.88 -15.65
CA GLY B 161 9.66 13.68 -14.74
C GLY B 161 10.40 14.81 -15.41
N GLY B 162 11.50 15.25 -14.81
CA GLY B 162 12.34 16.30 -15.35
C GLY B 162 12.44 17.49 -14.41
N LEU B 163 13.03 18.57 -14.92
CA LEU B 163 13.27 19.81 -14.15
C LEU B 163 11.91 20.30 -13.64
N ARG B 164 11.83 20.70 -12.38
CA ARG B 164 10.61 21.23 -11.78
C ARG B 164 10.74 22.66 -11.29
N ASP B 165 11.92 23.09 -10.83
CA ASP B 165 12.07 24.44 -10.32
C ASP B 165 13.51 24.90 -10.51
N LEU B 166 13.70 26.23 -10.46
CA LEU B 166 15.01 26.84 -10.54
C LEU B 166 15.11 27.89 -9.45
N GLN B 167 16.15 27.80 -8.62
CA GLN B 167 16.43 28.78 -7.58
C GLN B 167 17.86 29.26 -7.72
N TYR B 168 18.17 30.38 -7.06
CA TYR B 168 19.44 31.06 -7.25
C TYR B 168 19.96 31.55 -5.90
N ARG B 169 21.27 31.44 -5.72
CA ARG B 169 21.93 31.90 -4.51
C ARG B 169 23.29 32.50 -4.86
N ALA B 170 23.77 33.39 -4.01
CA ALA B 170 25.06 34.03 -4.18
C ALA B 170 25.84 33.96 -2.88
N PHE B 171 27.12 33.64 -2.99
CA PHE B 171 28.01 33.53 -1.84
C PHE B 171 29.22 34.42 -2.05
N ASP B 172 29.65 35.09 -0.99
CA ASP B 172 30.87 35.89 -0.99
C ASP B 172 30.83 37.01 -2.02
N GLU B 173 29.66 37.31 -2.59
CA GLU B 173 29.52 38.32 -3.63
C GLU B 173 30.38 38.03 -4.85
N SER B 174 30.86 36.79 -4.98
CA SER B 174 31.64 36.37 -6.13
C SER B 174 31.25 35.00 -6.67
N PHE B 175 30.62 34.13 -5.88
CA PHE B 175 30.09 32.87 -6.35
C PHE B 175 28.61 33.01 -6.62
N VAL B 176 28.12 32.26 -7.60
CA VAL B 176 26.68 32.17 -7.88
C VAL B 176 26.35 30.71 -8.18
N SER B 177 25.23 30.24 -7.64
CA SER B 177 24.80 28.86 -7.81
C SER B 177 23.37 28.84 -8.33
N VAL B 178 23.15 28.13 -9.43
CA VAL B 178 21.82 27.92 -9.98
C VAL B 178 21.35 26.55 -9.49
N ASP B 179 20.32 26.54 -8.65
CA ASP B 179 19.80 25.30 -8.07
C ASP B 179 18.71 24.73 -8.96
N PHE B 180 18.81 23.42 -9.23
CA PHE B 180 17.86 22.70 -10.06
C PHE B 180 17.15 21.65 -9.23
N LEU B 181 15.82 21.68 -9.24
CA LEU B 181 15.00 20.68 -8.57
C LEU B 181 14.41 19.77 -9.64
N VAL B 182 14.80 18.51 -9.64
CA VAL B 182 14.46 17.57 -10.69
C VAL B 182 13.66 16.42 -10.10
N ASP B 183 12.67 15.94 -10.86
CA ASP B 183 11.91 14.75 -10.52
C ASP B 183 12.50 13.60 -11.31
N VAL B 184 13.20 12.70 -10.62
CA VAL B 184 13.87 11.57 -11.26
C VAL B 184 13.06 10.29 -11.10
N LYS B 185 11.81 10.38 -10.65
CA LYS B 185 10.91 9.23 -10.54
C LYS B 185 11.57 8.21 -9.61
N ASP B 186 11.67 6.94 -9.98
CA ASP B 186 12.08 5.89 -9.07
C ASP B 186 13.60 5.70 -9.00
N ALA B 187 14.37 6.41 -9.82
CA ALA B 187 15.82 6.33 -9.78
C ALA B 187 16.39 7.27 -8.72
N MET B 188 17.67 7.07 -8.39
CA MET B 188 18.32 7.98 -7.46
C MET B 188 18.56 9.33 -8.09
N GLY B 189 18.86 9.35 -9.40
CA GLY B 189 18.90 10.58 -10.16
C GLY B 189 20.27 11.10 -10.51
N ALA B 190 21.34 10.43 -10.09
CA ALA B 190 22.68 10.96 -10.27
C ALA B 190 22.98 11.23 -11.74
N ASN B 191 22.85 10.20 -12.57
CA ASN B 191 23.20 10.34 -13.98
C ASN B 191 22.14 11.12 -14.75
N ILE B 192 20.89 11.08 -14.29
CA ILE B 192 19.85 11.89 -14.93
C ILE B 192 20.13 13.37 -14.70
N VAL B 193 20.44 13.75 -13.46
CA VAL B 193 20.73 15.14 -13.16
C VAL B 193 21.99 15.59 -13.87
N ASN B 194 23.10 14.90 -13.62
CA ASN B 194 24.39 15.32 -14.17
C ASN B 194 24.29 15.63 -15.66
N ALA B 195 23.80 14.66 -16.44
CA ALA B 195 23.67 14.88 -17.88
C ALA B 195 22.80 16.09 -18.17
N MET B 196 21.71 16.27 -17.40
CA MET B 196 20.83 17.41 -17.64
C MET B 196 21.54 18.73 -17.33
N LEU B 197 22.38 18.75 -16.29
CA LEU B 197 23.06 19.98 -15.91
C LEU B 197 24.23 20.29 -16.86
N GLU B 198 24.98 19.27 -17.27
CA GLU B 198 26.08 19.48 -18.20
C GLU B 198 25.57 19.97 -19.54
N GLY B 199 24.33 19.62 -19.90
CA GLY B 199 23.73 20.10 -21.12
C GLY B 199 23.26 21.53 -20.99
N VAL B 200 22.73 21.89 -19.81
CA VAL B 200 22.30 23.26 -19.58
C VAL B 200 23.50 24.17 -19.40
N ALA B 201 24.60 23.65 -18.84
CA ALA B 201 25.81 24.45 -18.72
C ALA B 201 26.28 24.92 -20.08
N GLU B 202 26.14 24.07 -21.11
CA GLU B 202 26.57 24.42 -22.45
C GLU B 202 25.98 25.75 -22.90
N LEU B 203 24.64 25.85 -22.93
CA LEU B 203 24.01 27.07 -23.39
C LEU B 203 24.27 28.23 -22.43
N PHE B 204 24.49 27.94 -21.15
CA PHE B 204 24.92 29.00 -20.23
C PHE B 204 26.21 29.64 -20.72
N ARG B 205 27.12 28.84 -21.29
CA ARG B 205 28.33 29.38 -21.88
C ARG B 205 28.02 30.14 -23.17
N GLU B 206 27.18 29.57 -24.04
CA GLU B 206 26.80 30.26 -25.26
C GLU B 206 26.13 31.60 -24.94
N TRP B 207 25.27 31.63 -23.93
CA TRP B 207 24.60 32.87 -23.56
C TRP B 207 25.60 33.88 -22.99
N PHE B 208 26.53 33.42 -22.15
CA PHE B 208 27.47 34.30 -21.45
C PHE B 208 28.89 33.82 -21.74
N ALA B 209 29.51 34.35 -22.80
CA ALA B 209 30.94 34.14 -22.99
C ALA B 209 31.77 34.97 -22.02
N GLU B 210 31.13 35.85 -21.23
CA GLU B 210 31.84 36.69 -20.27
C GLU B 210 32.09 35.95 -18.96
N GLN B 211 31.14 35.13 -18.53
CA GLN B 211 31.22 34.50 -17.21
C GLN B 211 31.86 33.13 -17.31
N LYS B 212 32.22 32.58 -16.14
CA LYS B 212 32.91 31.31 -16.04
C LYS B 212 32.17 30.39 -15.09
N ILE B 213 32.03 29.13 -15.49
CA ILE B 213 31.39 28.10 -14.68
C ILE B 213 32.47 27.27 -14.02
N LEU B 214 32.35 27.05 -12.71
CA LEU B 214 33.33 26.23 -12.01
C LEU B 214 33.02 24.74 -12.14
N PHE B 215 31.75 24.36 -12.02
CA PHE B 215 31.37 22.96 -12.19
C PHE B 215 29.86 22.87 -12.31
N SER B 216 29.41 21.71 -12.80
CA SER B 216 28.00 21.39 -12.90
C SER B 216 27.84 19.94 -12.49
N ILE B 217 27.14 19.69 -11.38
CA ILE B 217 27.05 18.36 -10.80
C ILE B 217 25.87 18.33 -9.84
N LEU B 218 25.42 17.12 -9.52
CA LEU B 218 24.34 16.92 -8.57
C LEU B 218 24.80 17.27 -7.14
N SER B 219 23.82 17.39 -6.26
CA SER B 219 24.07 17.61 -4.83
C SER B 219 23.45 16.46 -4.07
N ASN B 220 24.26 15.79 -3.24
CA ASN B 220 23.73 14.68 -2.45
C ASN B 220 22.87 15.13 -1.30
N TYR B 221 22.78 16.45 -1.03
CA TYR B 221 22.00 16.98 0.08
C TYR B 221 20.57 17.14 -0.42
N ALA B 222 19.79 16.06 -0.31
CA ALA B 222 18.46 15.99 -0.89
C ALA B 222 17.40 16.53 0.07
N THR B 223 17.52 17.83 0.38
CA THR B 223 16.57 18.45 1.29
C THR B 223 15.15 18.47 0.73
N GLU B 224 14.99 18.21 -0.57
CA GLU B 224 13.67 18.11 -1.19
C GLU B 224 13.20 16.67 -1.30
N SER B 225 13.83 15.75 -0.58
CA SER B 225 13.39 14.36 -0.47
C SER B 225 13.14 13.99 1.00
N VAL B 226 12.80 14.97 1.82
CA VAL B 226 12.55 14.72 3.23
C VAL B 226 11.23 13.99 3.41
N VAL B 227 11.25 12.93 4.22
CA VAL B 227 10.05 12.22 4.64
C VAL B 227 10.00 12.23 6.15
N THR B 228 8.82 12.51 6.71
CA THR B 228 8.63 12.61 8.14
C THR B 228 7.63 11.56 8.58
N MET B 229 8.02 10.72 9.54
N MET B 229 8.03 10.72 9.53
CA MET B 229 7.17 9.66 10.06
CA MET B 229 7.19 9.66 10.08
C MET B 229 6.87 9.92 11.52
C MET B 229 6.84 9.96 11.52
N LYS B 230 5.73 9.39 11.98
CA LYS B 230 5.23 9.61 13.32
C LYS B 230 4.74 8.30 13.93
N THR B 231 4.75 8.25 15.26
CA THR B 231 4.23 7.10 15.98
C THR B 231 3.68 7.57 17.32
N ALA B 232 2.72 6.80 17.85
CA ALA B 232 2.06 7.10 19.11
C ALA B 232 1.92 5.81 19.90
N ILE B 233 2.54 5.74 21.06
CA ILE B 233 2.68 4.50 21.81
C ILE B 233 2.06 4.71 23.19
N PRO B 234 1.07 3.91 23.59
CA PRO B 234 0.65 3.92 24.99
C PRO B 234 1.84 3.61 25.88
N VAL B 235 2.07 4.48 26.87
CA VAL B 235 3.26 4.38 27.71
C VAL B 235 3.38 3.00 28.33
N SER B 236 2.25 2.29 28.48
CA SER B 236 2.29 0.96 29.10
C SER B 236 3.08 -0.03 28.26
N ARG B 237 3.20 0.19 26.95
CA ARG B 237 3.93 -0.74 26.10
C ARG B 237 5.44 -0.64 26.25
N LEU B 238 5.94 0.34 26.99
CA LEU B 238 7.37 0.60 27.09
C LEU B 238 8.05 -0.17 28.20
N SER B 239 7.32 -1.03 28.91
CA SER B 239 7.92 -1.79 29.99
C SER B 239 7.11 -3.06 30.21
N LYS B 240 7.82 -4.16 30.49
CA LYS B 240 7.14 -5.38 30.93
C LYS B 240 6.59 -5.23 32.34
N GLY B 241 7.06 -4.24 33.08
CA GLY B 241 6.61 -3.99 34.43
C GLY B 241 5.49 -2.97 34.48
N SER B 242 5.46 -2.21 35.58
CA SER B 242 4.42 -1.23 35.84
C SER B 242 4.89 0.21 35.65
N ASN B 243 6.16 0.42 35.33
CA ASN B 243 6.75 1.75 35.23
C ASN B 243 6.81 2.25 33.78
N GLY B 244 5.85 1.86 32.96
CA GLY B 244 5.87 2.28 31.56
C GLY B 244 6.02 3.77 31.40
N ARG B 245 5.24 4.54 32.17
CA ARG B 245 5.31 5.99 32.07
C ARG B 245 6.70 6.50 32.43
N GLU B 246 7.24 6.04 33.57
CA GLU B 246 8.58 6.43 33.98
C GLU B 246 9.59 6.25 32.85
N ILE B 247 9.51 5.12 32.13
CA ILE B 247 10.42 4.89 31.02
C ILE B 247 10.20 5.93 29.93
N ALA B 248 8.93 6.20 29.59
CA ALA B 248 8.64 7.21 28.58
C ALA B 248 9.26 8.55 28.95
N GLU B 249 9.13 8.95 30.23
CA GLU B 249 9.70 10.22 30.65
C GLU B 249 11.20 10.26 30.45
N LYS B 250 11.87 9.11 30.67
CA LYS B 250 13.31 9.07 30.49
C LYS B 250 13.70 9.12 29.01
N ILE B 251 12.88 8.51 28.15
CA ILE B 251 13.16 8.56 26.71
C ILE B 251 13.06 9.98 26.20
N VAL B 252 12.07 10.73 26.69
CA VAL B 252 11.92 12.13 26.30
C VAL B 252 13.18 12.92 26.66
N LEU B 253 13.70 12.71 27.87
CA LEU B 253 14.88 13.45 28.30
C LEU B 253 16.12 13.02 27.52
N ALA B 254 16.26 11.72 27.25
CA ALA B 254 17.36 11.26 26.42
C ALA B 254 17.30 11.89 25.03
N SER B 255 16.10 11.92 24.44
CA SER B 255 15.95 12.62 23.17
C SER B 255 16.25 14.11 23.32
N ARG B 256 15.80 14.71 24.41
CA ARG B 256 16.07 16.12 24.64
C ARG B 256 17.56 16.36 24.89
N TYR B 257 18.22 15.44 25.59
CA TYR B 257 19.64 15.61 25.86
C TYR B 257 20.46 15.51 24.57
N ALA B 258 20.02 14.68 23.62
CA ALA B 258 20.70 14.62 22.34
C ALA B 258 20.74 15.98 21.66
N SER B 259 19.72 16.81 21.90
CA SER B 259 19.66 18.14 21.32
C SER B 259 20.57 19.14 22.03
N LEU B 260 21.22 18.74 23.11
CA LEU B 260 22.14 19.61 23.84
C LEU B 260 23.60 19.19 23.73
N ASP B 261 23.87 17.89 23.64
CA ASP B 261 25.24 17.38 23.62
C ASP B 261 25.49 16.67 22.30
N PRO B 262 26.26 17.26 21.37
CA PRO B 262 26.52 16.57 20.10
C PRO B 262 27.20 15.23 20.29
N TYR B 263 27.94 15.04 21.39
CA TYR B 263 28.58 13.75 21.62
C TYR B 263 27.54 12.64 21.78
N ARG B 264 26.36 12.97 22.27
CA ARG B 264 25.27 12.00 22.36
C ARG B 264 24.46 11.94 21.07
N ALA B 265 24.27 13.09 20.42
CA ALA B 265 23.47 13.13 19.20
C ALA B 265 24.08 12.24 18.12
N VAL B 266 25.40 12.24 18.00
CA VAL B 266 26.05 11.41 16.99
C VAL B 266 25.75 9.94 17.24
N THR B 267 25.88 9.50 18.50
CA THR B 267 25.54 8.12 18.83
C THR B 267 24.05 7.89 18.62
N HIS B 268 23.23 8.86 18.99
CA HIS B 268 21.79 8.78 18.78
C HIS B 268 21.47 8.51 17.31
N ASN B 269 22.06 9.29 16.41
CA ASN B 269 21.81 9.08 14.98
C ASN B 269 22.51 7.82 14.47
N LYS B 270 23.65 7.47 15.06
CA LYS B 270 24.30 6.22 14.66
C LYS B 270 23.36 5.03 14.86
N GLY B 271 22.67 4.98 15.99
CA GLY B 271 21.68 3.93 16.20
C GLY B 271 20.57 3.95 15.17
N ILE B 272 20.11 5.14 14.81
CA ILE B 272 19.11 5.25 13.75
C ILE B 272 19.62 4.64 12.46
N MET B 273 20.86 4.98 12.09
CA MET B 273 21.41 4.55 10.81
C MET B 273 21.73 3.07 10.80
N ASN B 274 21.88 2.43 11.96
CA ASN B 274 22.07 0.98 11.97
C ASN B 274 20.93 0.30 11.24
N GLY B 275 19.70 0.82 11.41
CA GLY B 275 18.55 0.27 10.73
C GLY B 275 18.39 0.80 9.32
N ILE B 276 18.49 2.13 9.16
CA ILE B 276 18.31 2.73 7.85
C ILE B 276 19.32 2.16 6.85
N GLU B 277 20.61 2.20 7.19
CA GLU B 277 21.62 1.73 6.25
C GLU B 277 21.49 0.22 5.98
N ALA B 278 20.93 -0.54 6.94
CA ALA B 278 20.80 -1.98 6.71
C ALA B 278 19.77 -2.28 5.63
N VAL B 279 18.71 -1.48 5.53
CA VAL B 279 17.74 -1.65 4.45
C VAL B 279 18.29 -1.05 3.15
N VAL B 280 18.96 0.10 3.26
CA VAL B 280 19.56 0.73 2.09
C VAL B 280 20.53 -0.23 1.41
N LEU B 281 21.38 -0.89 2.20
CA LEU B 281 22.35 -1.82 1.64
C LEU B 281 21.68 -3.05 1.05
N ALA B 282 20.69 -3.61 1.75
CA ALA B 282 20.03 -4.81 1.26
C ALA B 282 19.35 -4.59 -0.08
N THR B 283 18.78 -3.41 -0.30
CA THR B 283 18.08 -3.10 -1.54
C THR B 283 19.00 -2.58 -2.64
N GLY B 284 20.31 -2.57 -2.40
CA GLY B 284 21.25 -2.15 -3.43
C GLY B 284 21.31 -0.66 -3.65
N ASN B 285 20.94 0.14 -2.66
CA ASN B 285 21.04 1.58 -2.78
C ASN B 285 22.39 2.07 -2.27
N ASP B 286 22.69 3.34 -2.54
CA ASP B 286 23.97 3.97 -2.24
C ASP B 286 24.00 4.38 -0.77
N THR B 287 24.78 3.66 0.03
CA THR B 287 24.82 3.92 1.47
C THR B 287 25.51 5.23 1.82
N ARG B 288 26.49 5.66 1.01
CA ARG B 288 27.18 6.91 1.31
C ARG B 288 26.24 8.10 1.13
N ALA B 289 25.44 8.09 0.08
CA ALA B 289 24.56 9.22 -0.19
C ALA B 289 23.55 9.41 0.93
N VAL B 290 23.01 8.30 1.45
CA VAL B 290 22.00 8.40 2.49
C VAL B 290 22.61 8.93 3.77
N SER B 291 23.73 8.35 4.20
CA SER B 291 24.33 8.80 5.45
C SER B 291 24.84 10.23 5.33
N ALA B 292 25.26 10.64 4.14
CA ALA B 292 25.73 12.01 3.97
C ALA B 292 24.58 13.00 4.12
N SER B 293 23.49 12.77 3.40
CA SER B 293 22.36 13.69 3.50
C SER B 293 21.69 13.62 4.87
N CYS B 294 21.65 12.44 5.48
CA CYS B 294 21.00 12.30 6.77
C CYS B 294 21.76 13.04 7.87
N HIS B 295 23.09 12.86 7.91
CA HIS B 295 23.87 13.49 8.97
C HIS B 295 23.94 15.01 8.78
N ALA B 296 24.00 15.47 7.53
CA ALA B 296 23.99 16.90 7.29
C ALA B 296 22.64 17.50 7.67
N PHE B 297 21.55 16.80 7.36
CA PHE B 297 20.23 17.26 7.77
C PHE B 297 20.14 17.35 9.30
N ALA B 298 20.90 16.52 10.02
CA ALA B 298 20.90 16.57 11.47
C ALA B 298 21.36 17.93 12.00
N VAL B 299 22.11 18.68 11.22
CA VAL B 299 22.56 20.00 11.64
C VAL B 299 21.40 20.96 11.55
N LYS B 300 21.04 21.57 12.67
N LYS B 300 20.97 21.50 12.69
CA LYS B 300 19.97 22.56 12.72
CA LYS B 300 19.83 22.46 12.75
C LYS B 300 20.37 23.65 13.69
C LYS B 300 20.28 23.61 13.66
N GLU B 301 19.92 24.87 13.38
CA GLU B 301 20.29 26.08 14.13
C GLU B 301 21.77 26.05 14.54
N GLY B 302 22.61 25.67 13.60
CA GLY B 302 24.05 25.67 13.83
C GLY B 302 24.52 24.69 14.88
N ARG B 303 23.84 23.55 15.02
CA ARG B 303 24.18 22.56 16.02
C ARG B 303 23.77 21.18 15.52
N TYR B 304 24.72 20.25 15.53
CA TYR B 304 24.40 18.87 15.18
C TYR B 304 23.54 18.25 16.28
N GLN B 305 22.33 17.82 15.92
CA GLN B 305 21.34 17.33 16.88
C GLN B 305 20.78 16.00 16.42
N GLY B 306 19.89 15.43 17.23
CA GLY B 306 19.28 14.16 16.88
C GLY B 306 18.26 14.33 15.77
N LEU B 307 18.14 13.29 14.95
CA LEU B 307 17.21 13.31 13.83
C LEU B 307 15.78 12.98 14.23
N THR B 308 15.53 12.60 15.48
CA THR B 308 14.20 12.29 15.96
C THR B 308 13.85 13.16 17.16
N SER B 309 12.56 13.24 17.43
CA SER B 309 12.04 13.92 18.61
C SER B 309 11.06 13.00 19.33
N TRP B 310 11.12 13.00 20.65
CA TRP B 310 10.24 12.18 21.48
C TRP B 310 9.60 13.07 22.53
N THR B 311 8.27 13.07 22.58
CA THR B 311 7.53 13.91 23.51
C THR B 311 6.38 13.11 24.11
N LEU B 312 5.90 13.57 25.26
CA LEU B 312 4.79 12.93 25.95
C LEU B 312 3.53 13.76 25.74
N ASP B 313 2.43 13.09 25.40
CA ASP B 313 1.13 13.74 25.18
C ASP B 313 0.09 12.91 25.94
N GLY B 314 -0.12 13.26 27.21
CA GLY B 314 -1.03 12.48 28.03
C GLY B 314 -0.44 11.12 28.33
N GLU B 315 -1.20 10.07 28.03
CA GLU B 315 -0.78 8.70 28.23
C GLU B 315 -0.02 8.13 27.04
N GLN B 316 0.48 9.00 26.15
CA GLN B 316 1.07 8.57 24.89
C GLN B 316 2.49 9.09 24.75
N LEU B 317 3.39 8.22 24.29
CA LEU B 317 4.74 8.61 23.90
C LEU B 317 4.73 8.87 22.39
N ILE B 318 5.06 10.10 22.00
CA ILE B 318 5.00 10.51 20.60
C ILE B 318 6.43 10.60 20.07
N GLY B 319 6.70 9.84 19.01
CA GLY B 319 8.00 9.88 18.34
C GLY B 319 7.84 10.34 16.91
N GLU B 320 8.87 11.03 16.42
CA GLU B 320 8.86 11.56 15.06
C GLU B 320 10.29 11.59 14.52
N ILE B 321 10.44 11.16 13.26
CA ILE B 321 11.70 11.19 12.54
C ILE B 321 11.52 12.02 11.28
N SER B 322 12.59 12.71 10.90
CA SER B 322 12.60 13.50 9.68
C SER B 322 13.98 13.39 9.05
N VAL B 323 14.04 12.77 7.87
CA VAL B 323 15.33 12.53 7.21
C VAL B 323 15.17 12.66 5.69
N PRO B 324 16.21 13.08 4.97
CA PRO B 324 16.14 13.08 3.51
C PRO B 324 16.56 11.72 2.95
N LEU B 325 15.65 11.04 2.26
CA LEU B 325 15.89 9.71 1.73
C LEU B 325 15.56 9.71 0.24
N ALA B 326 16.54 10.09 -0.58
CA ALA B 326 16.42 10.00 -2.02
C ALA B 326 16.80 8.59 -2.48
N LEU B 327 16.05 7.61 -1.97
CA LEU B 327 16.31 6.23 -2.31
C LEU B 327 15.75 5.90 -3.69
N ALA B 328 16.07 4.69 -4.17
CA ALA B 328 15.69 4.28 -5.51
C ALA B 328 15.22 2.84 -5.51
N THR B 329 14.31 2.54 -6.44
CA THR B 329 13.88 1.18 -6.70
C THR B 329 14.37 0.67 -8.05
N VAL B 330 14.97 1.53 -8.88
CA VAL B 330 15.54 1.16 -10.16
C VAL B 330 16.87 1.88 -10.34
N GLY B 331 17.70 1.35 -11.22
CA GLY B 331 19.00 1.95 -11.49
C GLY B 331 20.04 1.60 -10.45
N GLY B 332 21.24 2.11 -10.67
CA GLY B 332 22.34 1.82 -9.77
C GLY B 332 22.52 0.32 -9.59
N ALA B 333 22.57 -0.12 -8.34
CA ALA B 333 22.74 -1.54 -8.02
C ALA B 333 21.44 -2.20 -7.58
N THR B 334 20.30 -1.55 -7.82
CA THR B 334 19.02 -2.08 -7.34
C THR B 334 18.55 -3.28 -8.16
N LYS B 335 19.10 -3.49 -9.35
CA LYS B 335 18.64 -4.60 -10.20
C LYS B 335 19.77 -5.49 -10.69
N VAL B 336 20.93 -4.93 -11.03
CA VAL B 336 22.03 -5.75 -11.52
C VAL B 336 22.52 -6.73 -10.45
N LEU B 337 22.30 -6.43 -9.18
CA LEU B 337 22.67 -7.35 -8.11
C LEU B 337 21.48 -8.25 -7.80
N PRO B 338 21.55 -9.56 -8.06
CA PRO B 338 20.39 -10.43 -7.79
C PRO B 338 19.87 -10.33 -6.37
N LYS B 339 20.76 -10.18 -5.38
CA LYS B 339 20.28 -10.10 -4.00
C LYS B 339 19.44 -8.85 -3.79
N SER B 340 19.71 -7.79 -4.54
CA SER B 340 18.88 -6.60 -4.43
C SER B 340 17.45 -6.90 -4.85
N GLN B 341 17.28 -7.63 -5.96
CA GLN B 341 15.93 -7.99 -6.41
C GLN B 341 15.26 -8.91 -5.40
N ALA B 342 16.00 -9.89 -4.86
CA ALA B 342 15.42 -10.77 -3.87
C ALA B 342 14.98 -10.00 -2.64
N ALA B 343 15.81 -9.06 -2.18
CA ALA B 343 15.41 -8.24 -1.04
C ALA B 343 14.21 -7.37 -1.40
N ALA B 344 14.13 -6.92 -2.64
CA ALA B 344 12.99 -6.10 -3.07
C ALA B 344 11.71 -6.92 -3.10
N ASP B 345 11.81 -8.20 -3.50
CA ASP B 345 10.64 -9.07 -3.48
C ASP B 345 10.10 -9.23 -2.06
N LEU B 346 11.00 -9.26 -1.07
CA LEU B 346 10.57 -9.46 0.32
C LEU B 346 9.95 -8.19 0.89
N LEU B 347 10.61 -7.04 0.68
CA LEU B 347 10.06 -5.79 1.20
C LEU B 347 8.71 -5.49 0.56
N ALA B 348 8.60 -5.70 -0.76
CA ALA B 348 7.33 -5.64 -1.48
C ALA B 348 6.80 -4.21 -1.56
N VAL B 349 7.68 -3.26 -1.80
CA VAL B 349 7.27 -1.88 -2.05
C VAL B 349 7.02 -1.72 -3.55
N THR B 350 6.16 -0.76 -3.88
CA THR B 350 5.77 -0.55 -5.27
C THR B 350 6.52 0.59 -5.93
N ASP B 351 7.03 1.56 -5.16
CA ASP B 351 7.70 2.71 -5.72
C ASP B 351 8.75 3.21 -4.73
N ALA B 352 9.60 4.12 -5.21
CA ALA B 352 10.68 4.64 -4.38
C ALA B 352 10.14 5.50 -3.24
N LYS B 353 9.03 6.21 -3.46
CA LYS B 353 8.44 7.00 -2.38
C LYS B 353 8.05 6.10 -1.21
N GLU B 354 7.50 4.93 -1.51
CA GLU B 354 7.13 4.01 -0.43
C GLU B 354 8.36 3.44 0.26
N LEU B 355 9.42 3.17 -0.52
CA LEU B 355 10.67 2.71 0.07
C LEU B 355 11.16 3.70 1.11
N SER B 356 11.20 4.99 0.75
CA SER B 356 11.67 6.00 1.69
C SER B 356 10.82 6.03 2.94
N ARG B 357 9.51 5.83 2.80
CA ARG B 357 8.62 5.85 3.96
C ARG B 357 8.91 4.70 4.90
N VAL B 358 9.11 3.50 4.35
CA VAL B 358 9.41 2.33 5.19
C VAL B 358 10.76 2.49 5.87
N VAL B 359 11.76 3.03 5.15
CA VAL B 359 13.09 3.15 5.73
C VAL B 359 13.10 4.18 6.85
N ALA B 360 12.38 5.29 6.67
CA ALA B 360 12.29 6.29 7.74
C ALA B 360 11.64 5.69 8.98
N ALA B 361 10.58 4.92 8.80
CA ALA B 361 9.94 4.27 9.95
C ALA B 361 10.90 3.29 10.63
N VAL B 362 11.68 2.56 9.82
CA VAL B 362 12.69 1.66 10.41
C VAL B 362 13.63 2.44 11.30
N GLY B 363 14.03 3.64 10.86
CA GLY B 363 14.92 4.44 11.68
C GLY B 363 14.31 4.82 13.01
N LEU B 364 13.03 5.21 13.00
CA LEU B 364 12.36 5.60 14.24
C LEU B 364 12.17 4.40 15.16
N ALA B 365 11.77 3.26 14.61
CA ALA B 365 11.67 2.05 15.42
C ALA B 365 13.03 1.70 16.02
N GLN B 366 14.09 1.75 15.20
CA GLN B 366 15.43 1.49 15.71
C GLN B 366 15.78 2.42 16.86
N ASN B 367 15.49 3.71 16.70
CA ASN B 367 15.75 4.69 17.76
C ASN B 367 15.01 4.31 19.05
N LEU B 368 13.75 3.88 18.91
CA LEU B 368 12.96 3.53 20.08
C LEU B 368 13.62 2.38 20.86
N ALA B 369 14.00 1.31 20.15
CA ALA B 369 14.59 0.17 20.83
C ALA B 369 15.86 0.57 21.58
N ALA B 370 16.72 1.37 20.95
CA ALA B 370 17.95 1.77 21.60
C ALA B 370 17.67 2.61 22.85
N LEU B 371 16.84 3.64 22.70
CA LEU B 371 16.60 4.55 23.82
C LEU B 371 15.94 3.82 24.99
N ARG B 372 14.96 2.95 24.71
CA ARG B 372 14.31 2.20 25.78
C ARG B 372 15.34 1.39 26.56
N ALA B 373 16.23 0.69 25.85
CA ALA B 373 17.24 -0.11 26.51
C ALA B 373 18.22 0.76 27.29
N LEU B 374 18.63 1.89 26.72
CA LEU B 374 19.62 2.73 27.39
C LEU B 374 19.11 3.25 28.73
N VAL B 375 17.85 3.71 28.77
CA VAL B 375 17.30 4.30 29.98
C VAL B 375 16.66 3.27 30.90
N SER B 376 16.57 2.00 30.49
CA SER B 376 15.99 0.96 31.32
C SER B 376 17.09 0.09 31.93
N GLU B 377 17.22 -1.15 31.47
CA GLU B 377 18.20 -2.06 32.03
C GLU B 377 19.62 -1.79 31.54
N GLY B 378 19.79 -0.98 30.51
CA GLY B 378 21.10 -0.79 29.91
C GLY B 378 21.27 -1.58 28.63
N ILE B 379 22.23 -1.14 27.81
CA ILE B 379 22.43 -1.76 26.51
C ILE B 379 23.06 -3.14 26.65
N GLN B 380 23.86 -3.36 27.70
CA GLN B 380 24.66 -4.57 27.78
C GLN B 380 23.81 -5.82 27.99
N LYS B 381 22.81 -5.76 28.88
CA LYS B 381 22.04 -6.95 29.20
C LYS B 381 21.49 -7.62 27.94
N GLY B 382 20.90 -6.83 27.05
CA GLY B 382 20.40 -7.41 25.81
C GLY B 382 21.49 -8.06 24.96
N HIS B 383 22.61 -7.37 24.79
CA HIS B 383 23.70 -7.92 23.97
C HIS B 383 24.17 -9.25 24.52
N MET B 384 24.53 -9.30 25.80
CA MET B 384 25.04 -10.53 26.39
C MET B 384 24.07 -11.68 26.21
N ALA B 385 22.77 -11.40 26.29
CA ALA B 385 21.77 -12.47 26.14
C ALA B 385 21.80 -13.04 24.74
N LEU B 386 21.78 -12.18 23.71
CA LEU B 386 21.90 -12.64 22.34
C LEU B 386 23.24 -13.35 22.13
N GLN B 387 24.29 -12.87 22.80
CA GLN B 387 25.60 -13.48 22.65
C GLN B 387 25.63 -14.89 23.22
N ALA B 388 24.94 -15.10 24.35
CA ALA B 388 24.88 -16.43 24.94
C ALA B 388 24.12 -17.40 24.05
N ARG B 389 23.08 -16.92 23.36
CA ARG B 389 22.36 -17.76 22.43
C ARG B 389 23.18 -18.06 21.18
N SER B 390 23.91 -17.05 20.68
CA SER B 390 24.78 -17.28 19.54
C SER B 390 25.84 -18.33 19.87
N LEU B 391 26.49 -18.20 21.03
CA LEU B 391 27.51 -19.17 21.43
C LEU B 391 26.92 -20.56 21.58
N ALA B 392 25.62 -20.66 21.88
CA ALA B 392 24.99 -21.96 22.02
C ALA B 392 24.80 -22.63 20.66
N MET B 393 24.29 -21.87 19.68
CA MET B 393 24.09 -22.43 18.34
C MET B 393 25.41 -22.74 17.66
N THR B 394 26.46 -21.97 17.96
CA THR B 394 27.78 -22.25 17.38
C THR B 394 28.23 -23.67 17.72
N VAL B 395 28.18 -24.03 19.01
CA VAL B 395 28.60 -25.37 19.43
C VAL B 395 27.60 -26.45 19.05
N GLY B 396 26.41 -26.07 18.60
CA GLY B 396 25.46 -27.04 18.08
C GLY B 396 24.16 -27.13 18.84
N ALA B 397 23.84 -26.10 19.62
CA ALA B 397 22.58 -26.11 20.38
C ALA B 397 21.39 -26.11 19.44
N THR B 398 20.40 -26.94 19.75
CA THR B 398 19.23 -27.12 18.92
C THR B 398 17.98 -27.03 19.79
N GLY B 399 16.84 -26.86 19.14
CA GLY B 399 15.57 -26.87 19.85
C GLY B 399 15.58 -25.97 21.06
N LYS B 400 15.06 -26.48 22.20
CA LYS B 400 14.95 -25.74 23.50
C LYS B 400 16.28 -25.81 24.25
N GLU B 401 17.26 -26.56 23.74
CA GLU B 401 18.61 -26.56 24.32
C GLU B 401 19.20 -25.17 24.06
N VAL B 402 18.72 -24.35 23.13
CA VAL B 402 19.38 -23.03 22.87
C VAL B 402 19.27 -22.20 24.17
N GLU B 403 18.08 -22.13 24.78
CA GLU B 403 17.87 -21.32 25.98
C GLU B 403 18.50 -21.97 27.21
N ALA B 404 18.47 -23.30 27.28
CA ALA B 404 19.09 -24.00 28.40
C ALA B 404 20.57 -23.71 28.48
N VAL B 405 21.28 -23.84 27.35
CA VAL B 405 22.72 -23.57 27.35
C VAL B 405 22.99 -22.09 27.58
N ALA B 406 22.12 -21.22 27.07
CA ALA B 406 22.31 -19.79 27.31
C ALA B 406 22.10 -19.44 28.77
N GLN B 407 21.15 -20.10 29.42
CA GLN B 407 20.90 -19.84 30.83
C GLN B 407 22.12 -20.19 31.68
N GLN B 408 22.77 -21.31 31.36
CA GLN B 408 23.96 -21.70 32.12
C GLN B 408 25.17 -20.81 31.79
N LEU B 409 25.29 -20.36 30.55
CA LEU B 409 26.38 -19.45 30.19
C LEU B 409 26.27 -18.13 30.94
N LYS B 410 25.05 -17.70 31.25
CA LYS B 410 24.87 -16.48 32.03
C LYS B 410 25.55 -16.58 33.39
N ARG B 411 25.48 -17.76 34.02
CA ARG B 411 26.06 -17.93 35.34
C ARG B 411 27.58 -17.80 35.34
N GLN B 412 28.20 -18.06 34.18
CA GLN B 412 29.68 -18.08 34.05
C GLN B 412 30.16 -16.62 34.03
N LYS B 413 31.22 -16.29 34.77
CA LYS B 413 31.78 -14.93 34.73
C LYS B 413 32.25 -14.57 33.33
N THR B 414 32.65 -15.56 32.53
CA THR B 414 33.09 -15.33 31.16
C THR B 414 32.57 -16.45 30.30
N MET B 415 31.70 -16.09 29.34
CA MET B 415 31.13 -17.08 28.42
C MET B 415 32.12 -17.37 27.30
N ASN B 416 32.10 -18.62 26.82
CA ASN B 416 33.05 -19.06 25.82
C ASN B 416 32.41 -20.15 24.97
N GLN B 417 33.07 -20.44 23.84
CA GLN B 417 32.72 -21.62 23.05
C GLN B 417 33.27 -22.88 23.70
N ASP B 418 34.43 -22.79 24.36
CA ASP B 418 34.97 -23.94 25.07
C ASP B 418 34.01 -24.43 26.14
N ARG B 419 33.41 -23.50 26.88
CA ARG B 419 32.53 -23.84 27.99
C ARG B 419 31.10 -24.11 27.55
N ALA B 420 30.63 -23.46 26.47
CA ALA B 420 29.29 -23.71 25.99
C ALA B 420 29.14 -25.13 25.46
N LEU B 421 30.19 -25.69 24.88
CA LEU B 421 30.12 -27.08 24.42
C LEU B 421 30.02 -28.04 25.60
N ALA B 422 30.76 -27.77 26.68
CA ALA B 422 30.67 -28.59 27.87
C ALA B 422 29.25 -28.61 28.41
N ILE B 423 28.61 -27.43 28.48
CA ILE B 423 27.24 -27.35 28.97
C ILE B 423 26.32 -28.17 28.07
N LEU B 424 26.53 -28.11 26.76
CA LEU B 424 25.64 -28.79 25.84
C LEU B 424 25.76 -30.31 25.97
N ASN B 425 27.00 -30.82 26.05
CA ASN B 425 27.19 -32.27 26.12
C ASN B 425 26.54 -32.85 27.37
N ASP B 426 26.63 -32.13 28.50
CA ASP B 426 26.01 -32.62 29.72
C ASP B 426 24.49 -32.79 29.54
N LEU B 427 23.86 -31.86 28.82
CA LEU B 427 22.42 -31.92 28.64
C LEU B 427 21.98 -33.12 27.81
N ARG B 428 22.86 -33.64 26.96
CA ARG B 428 22.53 -34.75 26.08
C ARG B 428 22.92 -36.09 26.69
N HIS C 7 -35.27 -12.47 -35.99
CA HIS C 7 -34.65 -13.82 -36.14
C HIS C 7 -35.14 -14.76 -35.06
N MET C 8 -35.99 -14.23 -34.17
CA MET C 8 -36.54 -15.03 -33.09
C MET C 8 -37.70 -15.90 -33.57
N LEU C 9 -38.43 -15.46 -34.60
CA LEU C 9 -39.45 -16.30 -35.21
C LEU C 9 -38.84 -17.44 -36.02
N LEU C 10 -37.51 -17.44 -36.23
CA LEU C 10 -36.82 -18.52 -36.90
C LEU C 10 -36.39 -19.64 -35.94
N GLU C 11 -36.75 -19.53 -34.66
CA GLU C 11 -36.37 -20.53 -33.67
C GLU C 11 -37.30 -21.73 -33.61
N ARG C 12 -38.59 -21.52 -33.91
CA ARG C 12 -39.63 -22.57 -33.71
C ARG C 12 -39.68 -23.52 -34.91
N PRO C 13 -39.61 -24.86 -34.75
CA PRO C 13 -39.84 -25.79 -35.86
C PRO C 13 -41.37 -25.76 -35.97
N GLN C 14 -41.94 -24.82 -36.74
CA GLN C 14 -43.42 -24.63 -36.82
C GLN C 14 -44.04 -25.76 -37.68
N GLN C 15 -43.23 -26.65 -38.27
CA GLN C 15 -43.74 -27.80 -39.06
C GLN C 15 -44.23 -28.89 -38.08
N LYS C 16 -43.64 -29.00 -36.89
CA LYS C 16 -44.10 -29.97 -35.90
C LYS C 16 -45.42 -29.50 -35.28
N LYS C 17 -46.19 -30.46 -34.78
CA LYS C 17 -47.50 -30.15 -34.20
C LYS C 17 -47.38 -29.26 -32.98
N ASN C 18 -46.78 -29.76 -31.90
CA ASN C 18 -46.60 -29.02 -30.66
C ASN C 18 -45.13 -28.62 -30.56
N SER C 19 -44.81 -27.39 -30.95
CA SER C 19 -43.42 -26.94 -30.95
C SER C 19 -43.39 -25.42 -31.06
N ARG C 20 -43.06 -24.76 -29.96
CA ARG C 20 -42.78 -23.33 -29.91
C ARG C 20 -41.75 -23.11 -28.82
N PHE C 21 -40.98 -22.03 -28.93
CA PHE C 21 -39.83 -21.86 -28.04
C PHE C 21 -40.24 -21.93 -26.57
N TYR C 22 -41.35 -21.28 -26.20
CA TYR C 22 -41.74 -21.28 -24.79
C TYR C 22 -42.15 -22.67 -24.32
N GLN C 23 -42.64 -23.52 -25.23
CA GLN C 23 -43.06 -24.87 -24.88
C GLN C 23 -42.01 -25.92 -25.23
N MET C 24 -40.87 -25.51 -25.80
CA MET C 24 -39.79 -26.43 -26.20
C MET C 24 -39.04 -26.86 -24.92
N SER C 25 -38.42 -28.04 -24.92
CA SER C 25 -37.63 -28.50 -23.79
C SER C 25 -36.27 -27.81 -23.81
N PRO C 26 -35.65 -27.64 -22.64
CA PRO C 26 -34.34 -26.95 -22.60
C PRO C 26 -33.33 -27.50 -23.60
N GLU C 27 -33.32 -28.82 -23.84
CA GLU C 27 -32.38 -29.39 -24.80
C GLU C 27 -32.70 -28.92 -26.21
N GLU C 28 -33.99 -28.88 -26.58
CA GLU C 28 -34.38 -28.41 -27.90
C GLU C 28 -34.04 -26.94 -28.08
N ARG C 29 -34.29 -26.12 -27.07
CA ARG C 29 -34.06 -24.65 -27.16
C ARG C 29 -32.57 -24.39 -27.42
N LEU C 30 -31.65 -25.22 -26.88
CA LEU C 30 -30.22 -25.02 -27.11
C LEU C 30 -29.82 -25.50 -28.49
N ALA C 31 -30.44 -26.58 -28.97
CA ALA C 31 -30.15 -27.07 -30.32
C ALA C 31 -30.66 -26.09 -31.37
N SER C 32 -31.84 -25.50 -31.15
CA SER C 32 -32.34 -24.49 -32.06
C SER C 32 -31.41 -23.27 -32.09
N LEU C 33 -30.98 -22.80 -30.92
CA LEU C 33 -30.04 -21.64 -30.82
C LEU C 33 -28.71 -22.05 -31.51
N LEU C 34 -28.29 -23.32 -31.48
CA LEU C 34 -27.09 -23.75 -32.18
C LEU C 34 -27.32 -23.78 -33.69
N ASN C 35 -28.49 -24.23 -34.13
CA ASN C 35 -28.75 -24.42 -35.55
C ASN C 35 -29.16 -23.13 -36.25
N GLU C 36 -29.58 -22.11 -35.51
CA GLU C 36 -29.84 -20.79 -36.09
C GLU C 36 -28.62 -19.86 -36.03
N GLY C 37 -27.44 -20.39 -35.71
CA GLY C 37 -26.23 -19.59 -35.71
C GLY C 37 -26.12 -18.59 -34.59
N GLN C 38 -26.80 -18.81 -33.47
CA GLN C 38 -26.77 -17.86 -32.36
C GLN C 38 -25.72 -18.19 -31.32
N ILE C 39 -25.25 -19.43 -31.26
CA ILE C 39 -24.22 -19.82 -30.30
C ILE C 39 -23.39 -20.93 -30.94
N SER C 40 -22.14 -21.03 -30.51
CA SER C 40 -21.24 -22.05 -31.01
C SER C 40 -21.46 -23.37 -30.27
N ALA C 41 -20.72 -24.40 -30.68
CA ALA C 41 -20.84 -25.70 -30.03
C ALA C 41 -20.18 -25.68 -28.65
N ASP C 42 -19.15 -24.86 -28.47
CA ASP C 42 -18.54 -24.72 -27.15
C ASP C 42 -19.47 -23.97 -26.20
N THR C 43 -20.08 -22.88 -26.67
CA THR C 43 -21.06 -22.18 -25.85
C THR C 43 -22.22 -23.09 -25.48
N LYS C 44 -22.59 -24.01 -26.37
CA LYS C 44 -23.66 -24.95 -26.07
C LYS C 44 -23.22 -25.97 -25.03
N LYS C 45 -21.97 -26.44 -25.12
CA LYS C 45 -21.46 -27.40 -24.14
C LYS C 45 -21.39 -26.77 -22.75
N GLU C 46 -21.04 -25.50 -22.67
CA GLU C 46 -20.95 -24.84 -21.37
C GLU C 46 -22.32 -24.62 -20.78
N PHE C 47 -23.31 -24.23 -21.60
CA PHE C 47 -24.73 -24.04 -21.16
C PHE C 47 -25.30 -25.40 -20.71
N GLU C 48 -24.68 -26.52 -21.06
CA GLU C 48 -25.13 -27.83 -20.61
C GLU C 48 -24.46 -28.25 -19.30
N ASN C 49 -23.36 -27.60 -18.92
CA ASN C 49 -22.66 -27.90 -17.66
C ASN C 49 -23.38 -27.18 -16.53
N THR C 50 -24.34 -27.88 -15.91
CA THR C 50 -25.20 -27.31 -14.89
C THR C 50 -25.28 -28.22 -13.67
N ALA C 51 -25.56 -27.61 -12.52
CA ALA C 51 -25.73 -28.32 -11.27
C ALA C 51 -27.14 -28.27 -10.74
N LEU C 52 -27.87 -27.19 -11.01
CA LEU C 52 -29.29 -27.12 -10.67
C LEU C 52 -30.07 -28.05 -11.58
N SER C 53 -30.91 -28.90 -10.98
CA SER C 53 -31.63 -29.90 -11.76
C SER C 53 -32.44 -29.25 -12.87
N SER C 54 -32.47 -29.91 -14.03
CA SER C 54 -33.15 -29.35 -15.19
C SER C 54 -34.63 -29.11 -14.90
N GLN C 55 -35.32 -30.14 -14.42
CA GLN C 55 -36.75 -30.00 -14.17
C GLN C 55 -37.04 -28.87 -13.19
N ILE C 56 -36.15 -28.64 -12.24
CA ILE C 56 -36.32 -27.52 -11.31
C ILE C 56 -36.24 -26.19 -12.06
N ALA C 57 -35.10 -25.95 -12.73
CA ALA C 57 -34.89 -24.65 -13.37
C ALA C 57 -35.92 -24.38 -14.46
N ASN C 58 -36.30 -25.40 -15.22
CA ASN C 58 -37.21 -25.20 -16.34
C ASN C 58 -38.62 -24.82 -15.90
N HIS C 59 -38.95 -24.99 -14.61
CA HIS C 59 -40.30 -24.71 -14.11
C HIS C 59 -40.35 -23.47 -13.23
N MET C 60 -39.21 -22.82 -12.97
CA MET C 60 -39.21 -21.56 -12.24
C MET C 60 -39.32 -20.35 -13.18
N ILE C 61 -38.76 -20.45 -14.38
CA ILE C 61 -38.72 -19.34 -15.32
C ILE C 61 -39.12 -19.86 -16.69
N GLU C 62 -39.36 -18.92 -17.60
CA GLU C 62 -39.70 -19.22 -18.98
C GLU C 62 -38.47 -19.07 -19.85
N ASN C 63 -38.46 -19.81 -20.97
CA ASN C 63 -37.37 -19.77 -21.95
C ASN C 63 -36.04 -20.17 -21.32
N GLN C 64 -36.10 -21.08 -20.34
CA GLN C 64 -34.91 -21.50 -19.60
C GLN C 64 -34.03 -22.39 -20.47
N ILE C 65 -32.72 -22.22 -20.34
CA ILE C 65 -31.76 -22.98 -21.13
C ILE C 65 -30.55 -23.39 -20.30
N SER C 66 -30.22 -22.61 -19.26
CA SER C 66 -29.02 -22.93 -18.49
C SER C 66 -29.11 -22.21 -17.13
N GLU C 67 -27.95 -21.91 -16.54
CA GLU C 67 -27.88 -21.29 -15.24
C GLU C 67 -26.66 -20.40 -15.18
N THR C 68 -26.67 -19.45 -14.25
CA THR C 68 -25.49 -18.66 -13.92
C THR C 68 -25.00 -19.08 -12.54
N GLU C 69 -23.69 -19.33 -12.42
CA GLU C 69 -23.08 -19.77 -11.17
C GLU C 69 -22.37 -18.58 -10.53
N VAL C 70 -22.76 -18.25 -9.30
CA VAL C 70 -22.16 -17.18 -8.52
C VAL C 70 -21.38 -17.82 -7.37
N PRO C 71 -20.07 -17.63 -7.28
CA PRO C 71 -19.32 -18.27 -6.19
C PRO C 71 -19.92 -17.92 -4.85
N MET C 72 -19.85 -18.87 -3.92
CA MET C 72 -20.39 -18.71 -2.57
C MET C 72 -19.31 -19.01 -1.56
N GLY C 73 -19.06 -18.06 -0.66
CA GLY C 73 -18.10 -18.24 0.42
C GLY C 73 -18.75 -18.00 1.77
N VAL C 74 -17.96 -17.98 2.85
CA VAL C 74 -18.47 -17.83 4.21
C VAL C 74 -17.89 -16.57 4.82
N GLY C 75 -18.76 -15.63 5.19
CA GLY C 75 -18.32 -14.47 5.94
C GLY C 75 -18.23 -14.81 7.43
N LEU C 76 -17.13 -14.38 8.05
CA LEU C 76 -16.77 -14.81 9.39
C LEU C 76 -16.86 -13.66 10.39
N HIS C 77 -16.92 -14.04 11.67
CA HIS C 77 -16.79 -13.15 12.83
C HIS C 77 -18.02 -12.27 13.05
N LEU C 78 -19.14 -12.57 12.41
CA LEU C 78 -20.36 -11.78 12.63
C LEU C 78 -21.02 -12.24 13.92
N THR C 79 -21.33 -11.28 14.79
CA THR C 79 -22.07 -11.53 16.02
C THR C 79 -23.19 -10.52 16.12
N VAL C 80 -24.41 -11.01 16.35
CA VAL C 80 -25.61 -10.17 16.42
C VAL C 80 -26.36 -10.55 17.68
N ASP C 81 -26.51 -9.58 18.59
CA ASP C 81 -27.15 -9.83 19.88
C ASP C 81 -26.52 -11.03 20.57
N GLU C 82 -25.19 -11.00 20.69
CA GLU C 82 -24.43 -12.03 21.40
C GLU C 82 -24.68 -13.42 20.82
N THR C 83 -25.00 -13.49 19.52
CA THR C 83 -25.16 -14.75 18.81
C THR C 83 -24.18 -14.75 17.62
N ASP C 84 -23.40 -15.83 17.50
CA ASP C 84 -22.45 -15.98 16.42
C ASP C 84 -23.13 -16.56 15.19
N TYR C 85 -22.66 -16.13 14.02
CA TYR C 85 -23.21 -16.60 12.75
C TYR C 85 -22.08 -16.86 11.76
N LEU C 86 -22.31 -17.82 10.87
CA LEU C 86 -21.49 -18.05 9.69
C LEU C 86 -22.35 -17.70 8.49
N VAL C 87 -21.94 -16.69 7.73
CA VAL C 87 -22.79 -16.03 6.75
C VAL C 87 -22.46 -16.55 5.37
N PRO C 88 -23.38 -17.23 4.68
CA PRO C 88 -23.15 -17.58 3.28
C PRO C 88 -23.29 -16.34 2.41
N MET C 89 -22.35 -16.18 1.48
CA MET C 89 -22.28 -14.99 0.65
C MET C 89 -22.01 -15.41 -0.79
N ALA C 90 -23.01 -15.20 -1.65
CA ALA C 90 -22.88 -15.49 -3.08
C ALA C 90 -22.46 -14.20 -3.76
N THR C 91 -21.24 -14.17 -4.28
CA THR C 91 -20.75 -12.99 -4.97
C THR C 91 -19.68 -13.39 -5.98
N GLU C 92 -19.54 -12.57 -7.01
CA GLU C 92 -18.50 -12.76 -8.02
C GLU C 92 -17.39 -11.72 -7.90
N GLU C 93 -17.56 -10.73 -7.01
CA GLU C 93 -16.56 -9.65 -6.81
C GLU C 93 -15.50 -10.13 -5.81
N PRO C 94 -14.19 -9.94 -6.04
CA PRO C 94 -13.17 -10.28 -5.04
C PRO C 94 -13.12 -9.24 -3.94
N SER C 95 -12.72 -9.70 -2.75
CA SER C 95 -12.46 -8.92 -1.55
C SER C 95 -13.75 -8.60 -0.78
N VAL C 96 -14.93 -8.88 -1.32
CA VAL C 96 -16.17 -8.55 -0.62
C VAL C 96 -16.31 -9.39 0.65
N ILE C 97 -16.08 -10.70 0.54
CA ILE C 97 -16.23 -11.58 1.69
C ILE C 97 -15.16 -11.31 2.74
N ALA C 98 -13.91 -11.15 2.30
CA ALA C 98 -12.84 -10.82 3.24
C ALA C 98 -13.11 -9.48 3.93
N ALA C 99 -13.68 -8.52 3.20
CA ALA C 99 -13.99 -7.24 3.80
C ALA C 99 -15.04 -7.37 4.91
N LEU C 100 -16.08 -8.16 4.67
CA LEU C 100 -17.08 -8.37 5.71
C LEU C 100 -16.46 -9.05 6.92
N SER C 101 -15.68 -10.12 6.70
CA SER C 101 -15.02 -10.81 7.80
C SER C 101 -14.19 -9.84 8.61
N ASN C 102 -13.41 -8.99 7.93
CA ASN C 102 -12.59 -8.01 8.63
C ASN C 102 -13.46 -6.97 9.33
N GLY C 103 -14.56 -6.57 8.70
CA GLY C 103 -15.43 -5.59 9.32
C GLY C 103 -16.14 -6.15 10.54
N ALA C 104 -16.61 -7.38 10.46
CA ALA C 104 -17.26 -7.99 11.61
C ALA C 104 -16.27 -8.22 12.74
N LYS C 105 -15.03 -8.55 12.40
CA LYS C 105 -14.01 -8.76 13.41
C LYS C 105 -13.66 -7.46 14.13
N ILE C 106 -13.55 -6.36 13.38
CA ILE C 106 -13.26 -5.08 14.01
C ILE C 106 -14.41 -4.64 14.90
N ALA C 107 -15.66 -4.80 14.41
CA ALA C 107 -16.81 -4.33 15.16
C ALA C 107 -17.12 -5.21 16.35
N GLN C 108 -16.78 -6.50 16.27
CA GLN C 108 -16.97 -7.46 17.36
C GLN C 108 -18.41 -7.90 17.53
N GLY C 109 -19.37 -6.98 17.35
CA GLY C 109 -20.77 -7.34 17.54
C GLY C 109 -21.69 -6.22 17.14
N PHE C 110 -22.94 -6.60 16.87
CA PHE C 110 -23.98 -5.67 16.45
C PHE C 110 -25.24 -5.88 17.29
N LYS C 111 -25.87 -4.78 17.67
CA LYS C 111 -27.05 -4.81 18.53
C LYS C 111 -28.25 -4.26 17.76
N THR C 112 -29.42 -4.84 18.00
CA THR C 112 -30.64 -4.42 17.34
C THR C 112 -31.24 -3.23 18.06
N VAL C 113 -31.46 -2.13 17.35
CA VAL C 113 -32.06 -0.93 17.91
C VAL C 113 -33.58 -1.05 17.86
N ASN C 114 -34.13 -1.26 16.67
CA ASN C 114 -35.56 -1.46 16.51
C ASN C 114 -35.79 -2.27 15.24
N GLN C 115 -37.00 -2.81 15.10
CA GLN C 115 -37.33 -3.62 13.94
C GLN C 115 -38.84 -3.70 13.80
N GLN C 116 -39.29 -3.76 12.54
CA GLN C 116 -40.68 -3.98 12.20
C GLN C 116 -40.73 -4.91 10.99
N ARG C 117 -41.87 -5.58 10.81
CA ARG C 117 -42.00 -6.47 9.66
C ARG C 117 -43.48 -6.51 9.24
N LEU C 118 -43.83 -5.66 8.28
CA LEU C 118 -45.13 -5.67 7.65
C LEU C 118 -44.95 -5.32 6.17
N MET C 119 -45.62 -6.07 5.31
CA MET C 119 -45.55 -5.85 3.86
C MET C 119 -46.71 -4.95 3.46
N ARG C 120 -46.40 -3.86 2.76
CA ARG C 120 -47.42 -2.92 2.32
C ARG C 120 -47.96 -3.27 0.94
N GLY C 121 -49.26 -3.05 0.76
CA GLY C 121 -49.87 -3.10 -0.56
C GLY C 121 -50.82 -1.93 -0.71
N GLN C 122 -51.30 -1.73 -1.94
CA GLN C 122 -52.13 -0.57 -2.20
C GLN C 122 -53.19 -0.87 -3.25
N ILE C 123 -54.36 -0.28 -3.06
CA ILE C 123 -55.37 -0.10 -4.10
C ILE C 123 -55.55 1.40 -4.29
N VAL C 124 -55.63 1.84 -5.54
CA VAL C 124 -55.66 3.26 -5.87
C VAL C 124 -56.82 3.56 -6.79
N PHE C 125 -57.62 4.55 -6.41
CA PHE C 125 -58.64 5.10 -7.29
C PHE C 125 -58.05 6.30 -8.06
N TYR C 126 -58.76 6.68 -9.13
CA TYR C 126 -58.35 7.82 -10.00
C TYR C 126 -59.63 8.54 -10.46
N ASP C 127 -59.52 9.78 -10.94
CA ASP C 127 -60.65 10.58 -11.41
C ASP C 127 -61.75 10.62 -10.34
N VAL C 128 -61.32 10.76 -9.09
CA VAL C 128 -62.22 10.86 -7.96
C VAL C 128 -62.54 12.34 -7.75
N ALA C 129 -63.80 12.71 -7.98
CA ALA C 129 -64.20 14.11 -7.86
C ALA C 129 -63.80 14.68 -6.50
N ASP C 130 -64.35 14.12 -5.42
CA ASP C 130 -64.06 14.56 -4.06
C ASP C 130 -63.19 13.52 -3.37
N PRO C 131 -61.88 13.74 -3.23
CA PRO C 131 -61.03 12.69 -2.65
C PRO C 131 -61.35 12.42 -1.19
N GLU C 132 -61.43 13.49 -0.39
CA GLU C 132 -61.69 13.32 1.03
C GLU C 132 -63.06 12.70 1.29
N SER C 133 -64.05 13.00 0.45
CA SER C 133 -65.37 12.40 0.64
C SER C 133 -65.30 10.88 0.52
N LEU C 134 -64.51 10.36 -0.44
CA LEU C 134 -64.40 8.88 -0.68
C LEU C 134 -63.74 8.26 0.55
N ILE C 135 -62.66 8.84 1.10
CA ILE C 135 -61.96 8.19 2.21
C ILE C 135 -62.78 8.28 3.49
N ASP C 136 -63.56 9.36 3.68
CA ASP C 136 -64.41 9.42 4.85
C ASP C 136 -65.38 8.25 4.89
N LYS C 137 -65.86 7.81 3.72
CA LYS C 137 -66.81 6.71 3.64
C LYS C 137 -66.13 5.35 3.49
N LEU C 138 -64.79 5.32 3.42
CA LEU C 138 -63.99 4.05 3.42
C LEU C 138 -63.63 3.70 4.87
N GLN C 139 -63.38 4.68 5.75
CA GLN C 139 -63.07 4.42 7.15
C GLN C 139 -64.28 3.85 7.89
N VAL C 140 -65.48 4.30 7.54
CA VAL C 140 -66.69 3.81 8.18
C VAL C 140 -66.89 2.33 7.91
N ARG C 141 -66.21 1.77 6.90
CA ARG C 141 -66.41 0.40 6.48
C ARG C 141 -65.13 -0.42 6.60
N GLU C 142 -64.30 -0.11 7.60
CA GLU C 142 -63.05 -0.86 7.76
C GLU C 142 -63.30 -2.27 8.29
N ALA C 143 -64.38 -2.47 9.04
CA ALA C 143 -64.64 -3.79 9.62
C ALA C 143 -64.92 -4.83 8.54
N GLU C 144 -65.56 -4.44 7.44
CA GLU C 144 -65.86 -5.37 6.36
C GLU C 144 -64.70 -5.53 5.38
N ILE C 145 -63.77 -4.58 5.33
CA ILE C 145 -62.60 -4.76 4.49
C ILE C 145 -61.69 -5.84 5.06
N PHE C 146 -61.59 -5.91 6.40
CA PHE C 146 -60.80 -6.95 7.02
C PHE C 146 -61.40 -8.34 6.78
N GLN C 147 -62.73 -8.43 6.73
CA GLN C 147 -63.38 -9.72 6.55
C GLN C 147 -63.18 -10.25 5.15
N GLN C 148 -63.38 -9.41 4.13
CA GLN C 148 -63.13 -9.83 2.76
C GLN C 148 -61.65 -10.13 2.53
N ALA C 149 -60.75 -9.44 3.25
CA ALA C 149 -59.33 -9.74 3.12
C ALA C 149 -59.01 -11.14 3.61
N GLU C 150 -59.71 -11.61 4.65
CA GLU C 150 -59.50 -12.97 5.14
C GLU C 150 -60.01 -14.01 4.16
N LEU C 151 -61.20 -13.78 3.58
CA LEU C 151 -61.74 -14.72 2.62
C LEU C 151 -60.86 -14.83 1.37
N SER C 152 -60.25 -13.71 0.97
CA SER C 152 -59.42 -13.73 -0.24
C SER C 152 -58.21 -14.62 -0.07
N TYR C 153 -57.55 -14.56 1.09
CA TYR C 153 -56.38 -15.40 1.38
C TYR C 153 -56.45 -15.82 2.85
N PRO C 154 -57.24 -16.85 3.15
CA PRO C 154 -57.39 -17.26 4.56
C PRO C 154 -56.25 -18.13 5.09
N SER C 155 -55.43 -18.70 4.22
CA SER C 155 -54.34 -19.55 4.70
C SER C 155 -53.35 -18.79 5.56
N ILE C 156 -53.26 -17.47 5.41
CA ILE C 156 -52.29 -16.69 6.16
C ILE C 156 -52.83 -16.28 7.53
N VAL C 157 -54.15 -16.13 7.67
CA VAL C 157 -54.71 -15.80 8.98
C VAL C 157 -54.67 -17.03 9.90
N LYS C 158 -54.79 -18.22 9.33
CA LYS C 158 -54.61 -19.43 10.12
C LYS C 158 -53.19 -19.51 10.69
N ARG C 159 -52.20 -19.10 9.89
CA ARG C 159 -50.82 -19.04 10.36
C ARG C 159 -50.59 -17.93 11.37
N GLY C 160 -51.58 -17.11 11.64
CA GLY C 160 -51.46 -16.04 12.60
C GLY C 160 -51.10 -14.68 12.04
N GLY C 161 -51.42 -14.42 10.77
CA GLY C 161 -51.07 -13.19 10.10
C GLY C 161 -52.29 -12.60 9.39
N GLY C 162 -52.00 -11.82 8.35
CA GLY C 162 -53.02 -11.19 7.56
C GLY C 162 -53.01 -9.68 7.75
N LEU C 163 -54.04 -9.04 7.19
CA LEU C 163 -54.14 -7.59 7.24
C LEU C 163 -54.09 -7.11 8.68
N ARG C 164 -53.44 -5.96 8.88
CA ARG C 164 -53.27 -5.39 10.21
C ARG C 164 -53.74 -3.95 10.31
N ASP C 165 -53.54 -3.15 9.27
CA ASP C 165 -53.90 -1.73 9.34
C ASP C 165 -54.20 -1.23 7.93
N LEU C 166 -55.05 -0.20 7.87
CA LEU C 166 -55.40 0.47 6.62
C LEU C 166 -55.15 1.96 6.76
N GLN C 167 -54.54 2.55 5.72
CA GLN C 167 -54.24 3.97 5.69
C GLN C 167 -54.73 4.56 4.38
N TYR C 168 -54.86 5.89 4.36
CA TYR C 168 -55.43 6.60 3.23
C TYR C 168 -54.62 7.85 2.95
N ARG C 169 -54.40 8.13 1.67
CA ARG C 169 -53.65 9.29 1.22
C ARG C 169 -54.28 9.86 -0.03
N ALA C 170 -54.53 11.16 -0.04
CA ALA C 170 -55.07 11.86 -1.19
C ALA C 170 -53.95 12.55 -1.95
N PHE C 171 -53.96 12.42 -3.29
CA PHE C 171 -52.90 12.96 -4.18
C PHE C 171 -53.41 14.22 -4.89
N ASP C 172 -52.85 14.61 -6.06
CA ASP C 172 -53.18 15.88 -6.75
C ASP C 172 -54.51 15.77 -7.50
N GLU C 173 -55.67 15.77 -6.82
CA GLU C 173 -57.04 15.81 -7.44
C GLU C 173 -57.50 14.44 -7.96
N SER C 174 -56.85 13.90 -8.97
CA SER C 174 -57.30 12.69 -9.64
C SER C 174 -57.22 11.47 -8.72
N PHE C 175 -56.03 11.20 -8.18
CA PHE C 175 -55.75 9.93 -7.56
C PHE C 175 -56.02 9.96 -6.05
N VAL C 176 -56.21 8.76 -5.49
CA VAL C 176 -56.30 8.56 -4.05
C VAL C 176 -55.97 7.11 -3.77
N SER C 177 -55.15 6.88 -2.74
CA SER C 177 -54.57 5.57 -2.49
C SER C 177 -55.04 5.02 -1.15
N VAL C 178 -55.37 3.73 -1.15
CA VAL C 178 -55.72 2.99 0.06
C VAL C 178 -54.60 1.99 0.31
N ASP C 179 -53.84 2.21 1.37
CA ASP C 179 -52.66 1.42 1.66
C ASP C 179 -52.96 0.34 2.69
N PHE C 180 -52.52 -0.87 2.43
CA PHE C 180 -52.75 -2.02 3.28
C PHE C 180 -51.44 -2.44 3.94
N LEU C 181 -51.42 -2.76 5.25
CA LEU C 181 -50.19 -3.14 6.03
C LEU C 181 -50.39 -4.59 6.49
N VAL C 182 -49.87 -5.62 5.80
CA VAL C 182 -50.16 -7.06 6.06
C VAL C 182 -49.04 -7.74 6.87
N ASP C 183 -49.31 -8.79 7.67
CA ASP C 183 -48.34 -9.65 8.34
C ASP C 183 -48.29 -10.96 7.55
N VAL C 184 -47.18 -11.17 6.83
CA VAL C 184 -47.02 -12.35 5.98
C VAL C 184 -46.09 -13.37 6.60
N LYS C 185 -45.75 -13.22 7.87
CA LYS C 185 -44.93 -14.18 8.61
C LYS C 185 -43.60 -14.34 7.87
N ASP C 186 -43.14 -15.56 7.60
CA ASP C 186 -41.78 -15.78 7.10
C ASP C 186 -41.69 -15.72 5.58
N ALA C 187 -42.76 -15.38 4.88
CA ALA C 187 -42.74 -15.28 3.43
C ALA C 187 -42.49 -13.83 2.98
N MET C 188 -42.15 -13.67 1.70
CA MET C 188 -41.98 -12.33 1.15
C MET C 188 -43.33 -11.62 1.03
N GLY C 189 -44.38 -12.34 0.64
CA GLY C 189 -45.74 -11.84 0.72
C GLY C 189 -46.35 -11.37 -0.57
N ALA C 190 -45.62 -11.43 -1.69
CA ALA C 190 -46.15 -10.90 -2.95
C ALA C 190 -47.47 -11.60 -3.32
N ASN C 191 -47.44 -12.93 -3.33
CA ASN C 191 -48.61 -13.76 -3.70
C ASN C 191 -49.70 -13.53 -2.64
N ILE C 192 -49.33 -13.37 -1.37
CA ILE C 192 -50.31 -13.20 -0.30
C ILE C 192 -50.98 -11.83 -0.41
N VAL C 193 -50.19 -10.78 -0.64
CA VAL C 193 -50.73 -9.43 -0.65
C VAL C 193 -51.53 -9.18 -1.93
N ASN C 194 -51.04 -9.66 -3.06
CA ASN C 194 -51.74 -9.41 -4.32
C ASN C 194 -53.12 -10.07 -4.32
N ALA C 195 -53.22 -11.27 -3.75
CA ALA C 195 -54.50 -11.97 -3.72
C ALA C 195 -55.47 -11.29 -2.76
N MET C 196 -54.98 -10.86 -1.59
CA MET C 196 -55.85 -10.19 -0.64
C MET C 196 -56.33 -8.84 -1.15
N LEU C 197 -55.54 -8.19 -2.02
CA LEU C 197 -55.94 -6.90 -2.55
C LEU C 197 -56.93 -7.04 -3.69
N GLU C 198 -56.67 -7.95 -4.62
CA GLU C 198 -57.60 -8.18 -5.72
C GLU C 198 -58.96 -8.65 -5.23
N GLY C 199 -59.02 -9.22 -4.04
CA GLY C 199 -60.31 -9.57 -3.46
C GLY C 199 -61.06 -8.35 -2.96
N VAL C 200 -60.41 -7.54 -2.13
CA VAL C 200 -61.04 -6.32 -1.66
C VAL C 200 -61.33 -5.40 -2.84
N ALA C 201 -60.53 -5.48 -3.91
CA ALA C 201 -60.80 -4.69 -5.10
C ALA C 201 -62.18 -5.00 -5.67
N GLU C 202 -62.46 -6.28 -5.91
CA GLU C 202 -63.80 -6.69 -6.35
C GLU C 202 -64.86 -6.11 -5.42
N LEU C 203 -64.63 -6.20 -4.12
CA LEU C 203 -65.62 -5.75 -3.14
C LEU C 203 -65.80 -4.23 -3.20
N PHE C 204 -64.72 -3.49 -3.46
CA PHE C 204 -64.84 -2.05 -3.65
C PHE C 204 -65.70 -1.74 -4.87
N ARG C 205 -65.58 -2.54 -5.94
CA ARG C 205 -66.33 -2.27 -7.16
C ARG C 205 -67.83 -2.28 -6.91
N GLU C 206 -68.30 -3.07 -5.93
CA GLU C 206 -69.72 -3.12 -5.63
C GLU C 206 -70.18 -1.89 -4.87
N TRP C 207 -69.47 -1.53 -3.79
CA TRP C 207 -69.82 -0.34 -3.02
C TRP C 207 -69.99 0.86 -3.94
N PHE C 208 -68.90 1.27 -4.57
CA PHE C 208 -68.83 2.51 -5.35
C PHE C 208 -68.86 2.15 -6.83
N ALA C 209 -69.94 2.54 -7.51
CA ALA C 209 -70.11 2.23 -8.92
C ALA C 209 -69.49 3.28 -9.83
N GLU C 210 -69.55 4.55 -9.44
CA GLU C 210 -69.00 5.61 -10.26
C GLU C 210 -67.51 5.84 -10.04
N GLN C 211 -66.94 5.28 -8.97
CA GLN C 211 -65.50 5.34 -8.75
C GLN C 211 -64.84 4.13 -9.40
N LYS C 212 -63.62 4.34 -9.91
CA LYS C 212 -62.92 3.31 -10.66
C LYS C 212 -61.47 3.24 -10.21
N ILE C 213 -60.98 2.03 -9.97
CA ILE C 213 -59.64 1.79 -9.48
C ILE C 213 -58.71 1.58 -10.66
N LEU C 214 -57.45 2.00 -10.50
CA LEU C 214 -56.45 1.79 -11.53
C LEU C 214 -55.74 0.45 -11.38
N PHE C 215 -55.38 0.06 -10.15
CA PHE C 215 -54.73 -1.23 -9.95
C PHE C 215 -54.78 -1.64 -8.49
N SER C 216 -54.48 -2.91 -8.26
CA SER C 216 -54.35 -3.49 -6.92
C SER C 216 -53.08 -4.34 -6.94
N ILE C 217 -52.05 -3.90 -6.20
CA ILE C 217 -50.74 -4.51 -6.29
C ILE C 217 -49.97 -4.19 -5.02
N LEU C 218 -49.02 -5.06 -4.67
CA LEU C 218 -48.15 -4.81 -3.53
C LEU C 218 -47.21 -3.65 -3.84
N SER C 219 -46.47 -3.22 -2.82
CA SER C 219 -45.45 -2.19 -2.96
C SER C 219 -44.15 -2.71 -2.37
N ASN C 220 -43.12 -2.82 -3.21
CA ASN C 220 -41.83 -3.29 -2.72
C ASN C 220 -41.16 -2.29 -1.79
N TYR C 221 -41.68 -1.07 -1.68
CA TYR C 221 -41.13 -0.06 -0.77
C TYR C 221 -41.62 -0.41 0.64
N ALA C 222 -40.99 -1.44 1.21
CA ALA C 222 -41.41 -1.99 2.50
C ALA C 222 -40.90 -1.10 3.63
N THR C 223 -41.56 0.06 3.78
CA THR C 223 -41.18 1.01 4.81
C THR C 223 -41.51 0.52 6.20
N GLU C 224 -42.36 -0.49 6.33
CA GLU C 224 -42.72 -1.05 7.63
C GLU C 224 -41.97 -2.34 7.92
N SER C 225 -40.91 -2.63 7.16
CA SER C 225 -40.00 -3.75 7.45
C SER C 225 -38.61 -3.23 7.74
N VAL C 226 -38.53 -2.02 8.31
CA VAL C 226 -37.24 -1.39 8.57
C VAL C 226 -36.58 -2.06 9.76
N VAL C 227 -35.27 -2.28 9.64
CA VAL C 227 -34.43 -2.77 10.72
C VAL C 227 -33.37 -1.72 10.99
N THR C 228 -33.02 -1.53 12.26
CA THR C 228 -31.95 -0.62 12.66
C THR C 228 -30.97 -1.39 13.53
N MET C 229 -29.71 -1.47 13.08
CA MET C 229 -28.65 -2.15 13.81
C MET C 229 -27.56 -1.15 14.13
N LYS C 230 -26.87 -1.36 15.26
CA LYS C 230 -25.86 -0.45 15.75
C LYS C 230 -24.64 -1.24 16.19
N THR C 231 -23.53 -0.53 16.39
CA THR C 231 -22.28 -1.12 16.83
C THR C 231 -21.44 -0.05 17.49
N ALA C 232 -20.73 -0.42 18.55
CA ALA C 232 -19.80 0.45 19.26
C ALA C 232 -18.41 -0.18 19.20
N ILE C 233 -17.46 0.56 18.64
CA ILE C 233 -16.13 0.03 18.36
C ILE C 233 -15.10 0.92 19.05
N PRO C 234 -14.33 0.42 20.00
CA PRO C 234 -13.18 1.19 20.49
C PRO C 234 -12.26 1.56 19.33
N VAL C 235 -11.88 2.84 19.26
CA VAL C 235 -11.17 3.34 18.10
C VAL C 235 -9.81 2.68 17.92
N SER C 236 -9.27 2.07 18.98
CA SER C 236 -7.98 1.40 18.85
C SER C 236 -8.04 0.19 17.93
N ARG C 237 -9.23 -0.37 17.71
CA ARG C 237 -9.40 -1.52 16.84
C ARG C 237 -9.42 -1.15 15.36
N LEU C 238 -9.54 0.13 15.03
CA LEU C 238 -9.57 0.56 13.64
C LEU C 238 -8.19 0.64 13.01
N SER C 239 -7.15 0.74 13.82
CA SER C 239 -5.78 0.96 13.33
C SER C 239 -4.95 -0.28 13.61
N LYS C 240 -4.52 -0.97 12.54
CA LYS C 240 -3.53 -2.02 12.67
C LYS C 240 -2.19 -1.47 13.16
N GLY C 241 -1.99 -0.16 13.05
CA GLY C 241 -0.81 0.48 13.59
C GLY C 241 -1.08 1.22 14.89
N SER C 242 -0.90 2.54 14.88
CA SER C 242 -0.98 3.35 16.10
C SER C 242 -1.78 4.62 15.86
N ASN C 243 -2.82 4.53 15.04
CA ASN C 243 -3.59 5.72 14.62
C ASN C 243 -5.08 5.43 14.70
N GLY C 244 -5.54 4.98 15.87
CA GLY C 244 -6.93 4.58 16.00
C GLY C 244 -7.90 5.74 15.94
N ARG C 245 -7.59 6.81 16.68
CA ARG C 245 -8.53 7.92 16.79
C ARG C 245 -8.70 8.65 15.46
N GLU C 246 -7.60 8.93 14.77
CA GLU C 246 -7.69 9.69 13.53
C GLU C 246 -8.51 8.96 12.48
N ILE C 247 -8.36 7.64 12.39
CA ILE C 247 -9.13 6.87 11.42
C ILE C 247 -10.61 6.93 11.76
N ALA C 248 -10.95 6.91 13.05
CA ALA C 248 -12.35 7.04 13.44
C ALA C 248 -12.90 8.39 13.02
N GLU C 249 -12.11 9.46 13.20
CA GLU C 249 -12.57 10.78 12.79
C GLU C 249 -12.75 10.86 11.28
N LYS C 250 -11.84 10.25 10.52
CA LYS C 250 -11.95 10.28 9.06
C LYS C 250 -13.16 9.46 8.59
N ILE C 251 -13.40 8.32 9.21
CA ILE C 251 -14.57 7.52 8.86
C ILE C 251 -15.85 8.34 9.07
N VAL C 252 -15.89 9.13 10.15
CA VAL C 252 -17.06 9.97 10.41
C VAL C 252 -17.20 11.02 9.32
N LEU C 253 -16.09 11.65 8.93
CA LEU C 253 -16.15 12.66 7.87
C LEU C 253 -16.62 12.05 6.56
N ALA C 254 -16.23 10.82 6.28
CA ALA C 254 -16.66 10.16 5.05
C ALA C 254 -18.14 9.80 5.09
N SER C 255 -18.69 9.55 6.28
CA SER C 255 -20.12 9.29 6.39
C SER C 255 -20.92 10.57 6.24
N ARG C 256 -20.39 11.69 6.76
CA ARG C 256 -21.08 12.95 6.62
C ARG C 256 -20.95 13.52 5.21
N TYR C 257 -19.83 13.25 4.53
CA TYR C 257 -19.69 13.69 3.14
C TYR C 257 -20.70 13.00 2.24
N ALA C 258 -20.96 11.71 2.49
CA ALA C 258 -21.99 11.02 1.72
C ALA C 258 -23.35 11.67 1.88
N SER C 259 -23.56 12.39 3.00
CA SER C 259 -24.79 13.14 3.21
C SER C 259 -24.80 14.50 2.51
N LEU C 260 -23.74 14.82 1.76
CA LEU C 260 -23.66 16.07 1.01
C LEU C 260 -23.43 15.90 -0.48
N ASP C 261 -22.90 14.77 -0.91
CA ASP C 261 -22.59 14.52 -2.31
C ASP C 261 -23.24 13.21 -2.74
N PRO C 262 -24.27 13.25 -3.59
CA PRO C 262 -24.88 11.98 -4.03
C PRO C 262 -23.91 11.08 -4.77
N TYR C 263 -22.91 11.65 -5.44
CA TYR C 263 -21.96 10.83 -6.19
C TYR C 263 -21.19 9.89 -5.27
N ARG C 264 -20.96 10.29 -4.02
CA ARG C 264 -20.35 9.39 -3.04
C ARG C 264 -21.38 8.53 -2.33
N ALA C 265 -22.58 9.05 -2.09
CA ALA C 265 -23.60 8.26 -1.39
C ALA C 265 -23.97 7.02 -2.18
N VAL C 266 -24.09 7.14 -3.50
CA VAL C 266 -24.43 5.98 -4.32
C VAL C 266 -23.37 4.90 -4.19
N THR C 267 -22.10 5.30 -4.18
CA THR C 267 -21.02 4.34 -3.97
C THR C 267 -21.01 3.86 -2.52
N HIS C 268 -21.27 4.77 -1.58
CA HIS C 268 -21.36 4.40 -0.18
C HIS C 268 -22.38 3.29 0.03
N ASN C 269 -23.55 3.39 -0.60
CA ASN C 269 -24.57 2.36 -0.45
C ASN C 269 -24.28 1.13 -1.29
N LYS C 270 -23.70 1.30 -2.47
CA LYS C 270 -23.27 0.15 -3.26
C LYS C 270 -22.40 -0.77 -2.41
N GLY C 271 -21.45 -0.20 -1.66
CA GLY C 271 -20.64 -1.00 -0.76
C GLY C 271 -21.46 -1.73 0.27
N ILE C 272 -22.45 -1.04 0.84
CA ILE C 272 -23.36 -1.69 1.78
C ILE C 272 -24.08 -2.85 1.10
N MET C 273 -24.53 -2.66 -0.14
N MET C 273 -24.52 -2.66 -0.13
CA MET C 273 -25.30 -3.68 -0.82
CA MET C 273 -25.29 -3.68 -0.83
C MET C 273 -24.43 -4.84 -1.30
C MET C 273 -24.42 -4.84 -1.30
N ASN C 274 -23.11 -4.66 -1.37
CA ASN C 274 -22.24 -5.78 -1.69
C ASN C 274 -22.44 -6.90 -0.68
N GLY C 275 -22.58 -6.55 0.60
CA GLY C 275 -22.81 -7.53 1.63
C GLY C 275 -24.25 -7.99 1.65
N ILE C 276 -25.19 -7.05 1.67
CA ILE C 276 -26.60 -7.40 1.80
C ILE C 276 -27.05 -8.30 0.66
N GLU C 277 -26.76 -7.89 -0.59
CA GLU C 277 -27.21 -8.67 -1.74
C GLU C 277 -26.53 -10.03 -1.80
N ALA C 278 -25.31 -10.15 -1.27
CA ALA C 278 -24.61 -11.42 -1.31
C ALA C 278 -25.34 -12.48 -0.50
N VAL C 279 -25.86 -12.13 0.67
CA VAL C 279 -26.58 -13.09 1.49
C VAL C 279 -28.04 -13.17 1.10
N VAL C 280 -28.62 -12.06 0.64
CA VAL C 280 -29.95 -12.12 0.06
C VAL C 280 -29.96 -13.07 -1.12
N LEU C 281 -28.89 -13.06 -1.93
CA LEU C 281 -28.82 -13.95 -3.08
C LEU C 281 -28.58 -15.40 -2.66
N ALA C 282 -27.68 -15.62 -1.69
CA ALA C 282 -27.34 -16.98 -1.30
C ALA C 282 -28.47 -17.68 -0.58
N THR C 283 -29.46 -16.94 -0.08
CA THR C 283 -30.59 -17.52 0.63
C THR C 283 -31.84 -17.64 -0.23
N GLY C 284 -31.76 -17.29 -1.51
CA GLY C 284 -32.90 -17.46 -2.39
C GLY C 284 -33.91 -16.34 -2.36
N ASN C 285 -33.54 -15.17 -1.88
CA ASN C 285 -34.46 -14.04 -1.81
C ASN C 285 -34.38 -13.20 -3.09
N ASP C 286 -35.31 -12.25 -3.19
CA ASP C 286 -35.45 -11.41 -4.39
C ASP C 286 -34.49 -10.24 -4.32
N THR C 287 -33.39 -10.33 -5.07
CA THR C 287 -32.37 -9.28 -5.02
C THR C 287 -32.91 -7.93 -5.50
N ARG C 288 -33.81 -7.95 -6.50
CA ARG C 288 -34.34 -6.69 -7.01
C ARG C 288 -35.17 -5.98 -5.95
N ALA C 289 -36.03 -6.71 -5.25
CA ALA C 289 -36.93 -6.08 -4.28
C ALA C 289 -36.14 -5.45 -3.15
N VAL C 290 -35.03 -6.07 -2.74
CA VAL C 290 -34.22 -5.51 -1.66
C VAL C 290 -33.51 -4.25 -2.14
N SER C 291 -32.83 -4.33 -3.28
CA SER C 291 -32.10 -3.17 -3.79
C SER C 291 -33.03 -1.99 -3.97
N ALA C 292 -34.20 -2.22 -4.59
CA ALA C 292 -35.14 -1.12 -4.83
C ALA C 292 -35.57 -0.46 -3.53
N SER C 293 -35.85 -1.26 -2.49
CA SER C 293 -36.33 -0.69 -1.25
C SER C 293 -35.20 0.00 -0.50
N CYS C 294 -34.04 -0.65 -0.41
CA CYS C 294 -32.89 -0.03 0.25
C CYS C 294 -32.53 1.31 -0.42
N HIS C 295 -32.43 1.32 -1.75
CA HIS C 295 -32.00 2.53 -2.44
C HIS C 295 -33.07 3.62 -2.34
N ALA C 296 -34.34 3.26 -2.49
CA ALA C 296 -35.41 4.24 -2.35
C ALA C 296 -35.43 4.80 -0.92
N PHE C 297 -35.13 3.97 0.07
CA PHE C 297 -35.10 4.41 1.46
C PHE C 297 -33.95 5.37 1.73
N ALA C 298 -32.94 5.39 0.87
CA ALA C 298 -31.82 6.32 1.03
C ALA C 298 -32.21 7.75 0.74
N VAL C 299 -33.37 8.01 0.15
CA VAL C 299 -33.82 9.35 -0.14
C VAL C 299 -34.46 9.93 1.11
N LYS C 300 -33.80 10.90 1.73
CA LYS C 300 -34.29 11.56 2.93
C LYS C 300 -34.24 13.07 2.72
N GLU C 301 -35.30 13.75 3.14
CA GLU C 301 -35.39 15.21 3.00
C GLU C 301 -35.18 15.62 1.54
N GLY C 302 -35.65 14.80 0.61
CA GLY C 302 -35.51 15.11 -0.80
C GLY C 302 -34.09 15.06 -1.31
N ARG C 303 -33.24 14.21 -0.72
CA ARG C 303 -31.86 14.08 -1.15
C ARG C 303 -31.39 12.66 -0.93
N TYR C 304 -30.78 12.07 -1.95
CA TYR C 304 -30.22 10.73 -1.83
C TYR C 304 -28.95 10.79 -0.98
N GLN C 305 -28.98 10.16 0.19
CA GLN C 305 -27.86 10.16 1.13
C GLN C 305 -27.44 8.71 1.42
N GLY C 306 -26.59 8.55 2.43
CA GLY C 306 -26.14 7.23 2.81
C GLY C 306 -27.11 6.55 3.76
N LEU C 307 -27.08 5.21 3.75
CA LEU C 307 -27.94 4.40 4.59
C LEU C 307 -27.36 4.15 5.98
N THR C 308 -26.20 4.70 6.28
CA THR C 308 -25.54 4.50 7.57
C THR C 308 -25.15 5.85 8.15
N SER C 309 -24.90 5.84 9.46
CA SER C 309 -24.43 7.02 10.18
C SER C 309 -23.33 6.61 11.13
N TRP C 310 -22.21 7.32 11.07
CA TRP C 310 -21.05 7.06 11.91
C TRP C 310 -20.75 8.31 12.73
N THR C 311 -20.74 8.16 14.05
CA THR C 311 -20.46 9.27 14.96
C THR C 311 -19.40 8.83 15.96
N LEU C 312 -18.78 9.83 16.60
N LEU C 312 -18.76 9.82 16.58
CA LEU C 312 -17.72 9.60 17.58
CA LEU C 312 -17.74 9.61 17.58
C LEU C 312 -18.22 10.06 18.95
C LEU C 312 -18.28 10.06 18.94
N ASP C 313 -18.43 9.11 19.86
CA ASP C 313 -18.90 9.39 21.21
C ASP C 313 -17.78 9.01 22.16
N GLY C 314 -16.97 9.99 22.55
CA GLY C 314 -15.84 9.71 23.41
C GLY C 314 -14.75 8.99 22.65
N GLU C 315 -14.33 7.84 23.18
CA GLU C 315 -13.34 7.00 22.53
C GLU C 315 -13.96 5.78 21.85
N GLN C 316 -15.21 5.93 21.38
CA GLN C 316 -15.91 4.86 20.69
C GLN C 316 -16.49 5.40 19.39
N LEU C 317 -16.30 4.66 18.30
CA LEU C 317 -16.92 4.96 17.02
C LEU C 317 -18.24 4.20 16.93
N ILE C 318 -19.34 4.94 16.77
CA ILE C 318 -20.68 4.37 16.76
C ILE C 318 -21.19 4.36 15.33
N GLY C 319 -21.61 3.19 14.86
CA GLY C 319 -22.18 3.05 13.53
C GLY C 319 -23.59 2.52 13.61
N GLU C 320 -24.48 3.10 12.80
CA GLU C 320 -25.88 2.70 12.75
C GLU C 320 -26.29 2.55 11.30
N ILE C 321 -27.15 1.56 11.04
CA ILE C 321 -27.71 1.30 9.72
C ILE C 321 -29.22 1.17 9.86
N SER C 322 -29.97 1.87 9.02
CA SER C 322 -31.42 1.76 8.95
C SER C 322 -31.78 1.46 7.50
N VAL C 323 -32.34 0.27 7.27
CA VAL C 323 -32.55 -0.25 5.90
C VAL C 323 -33.80 -1.15 5.84
N PRO C 324 -34.72 -1.04 4.85
CA PRO C 324 -35.90 -1.91 4.82
C PRO C 324 -35.62 -3.29 4.22
N LEU C 325 -35.86 -4.35 4.99
CA LEU C 325 -35.53 -5.72 4.59
C LEU C 325 -36.75 -6.60 4.82
N ALA C 326 -37.60 -6.74 3.79
CA ALA C 326 -38.73 -7.65 3.84
C ALA C 326 -38.29 -9.00 3.26
N LEU C 327 -37.36 -9.64 3.97
CA LEU C 327 -36.77 -10.87 3.51
C LEU C 327 -37.65 -12.07 3.88
N ALA C 328 -37.23 -13.25 3.46
CA ALA C 328 -38.05 -14.45 3.59
C ALA C 328 -37.17 -15.66 3.91
N THR C 329 -37.75 -16.60 4.64
CA THR C 329 -37.16 -17.91 4.85
C THR C 329 -38.00 -19.02 4.23
N VAL C 330 -39.16 -18.69 3.65
CA VAL C 330 -40.03 -19.65 2.99
C VAL C 330 -40.67 -18.95 1.79
N GLY C 331 -41.06 -19.75 0.80
CA GLY C 331 -41.66 -19.22 -0.40
C GLY C 331 -40.64 -18.69 -1.39
N GLY C 332 -41.14 -18.30 -2.55
CA GLY C 332 -40.25 -17.83 -3.61
C GLY C 332 -39.25 -18.91 -3.96
N ALA C 333 -37.97 -18.55 -3.95
CA ALA C 333 -36.88 -19.48 -4.23
C ALA C 333 -36.12 -19.88 -2.98
N THR C 334 -36.67 -19.60 -1.79
CA THR C 334 -35.95 -19.90 -0.55
C THR C 334 -35.85 -21.39 -0.30
N LYS C 335 -36.80 -22.18 -0.81
CA LYS C 335 -36.86 -23.60 -0.55
C LYS C 335 -36.68 -24.46 -1.79
N VAL C 336 -37.24 -24.05 -2.94
CA VAL C 336 -37.19 -24.89 -4.13
C VAL C 336 -35.78 -24.94 -4.72
N LEU C 337 -34.92 -23.97 -4.41
CA LEU C 337 -33.54 -24.02 -4.86
C LEU C 337 -32.71 -24.76 -3.82
N PRO C 338 -32.14 -25.93 -4.12
CA PRO C 338 -31.36 -26.65 -3.10
C PRO C 338 -30.27 -25.82 -2.45
N LYS C 339 -29.59 -24.96 -3.21
CA LYS C 339 -28.53 -24.16 -2.62
C LYS C 339 -29.08 -23.19 -1.57
N SER C 340 -30.33 -22.75 -1.73
CA SER C 340 -30.89 -21.82 -0.76
C SER C 340 -31.06 -22.47 0.60
N GLN C 341 -31.54 -23.72 0.64
CA GLN C 341 -31.67 -24.43 1.91
C GLN C 341 -30.30 -24.75 2.51
N ALA C 342 -29.34 -25.10 1.66
CA ALA C 342 -27.99 -25.35 2.16
C ALA C 342 -27.40 -24.10 2.80
N ALA C 343 -27.61 -22.94 2.18
CA ALA C 343 -27.15 -21.69 2.79
C ALA C 343 -27.95 -21.37 4.04
N ALA C 344 -29.24 -21.71 4.08
CA ALA C 344 -30.03 -21.46 5.28
C ALA C 344 -29.57 -22.33 6.43
N ASP C 345 -29.15 -23.56 6.16
CA ASP C 345 -28.63 -24.41 7.23
C ASP C 345 -27.33 -23.84 7.79
N LEU C 346 -26.46 -23.32 6.93
CA LEU C 346 -25.22 -22.72 7.41
C LEU C 346 -25.51 -21.49 8.27
N LEU C 347 -26.44 -20.65 7.84
CA LEU C 347 -26.74 -19.44 8.60
C LEU C 347 -27.43 -19.78 9.91
N ALA C 348 -28.38 -20.70 9.88
CA ALA C 348 -29.05 -21.19 11.09
C ALA C 348 -29.84 -20.07 11.77
N VAL C 349 -30.72 -19.43 10.99
CA VAL C 349 -31.64 -18.44 11.53
C VAL C 349 -33.00 -19.11 11.71
N THR C 350 -33.71 -18.72 12.78
CA THR C 350 -34.95 -19.38 13.14
C THR C 350 -36.17 -18.81 12.39
N ASP C 351 -36.14 -17.53 12.04
CA ASP C 351 -37.27 -16.90 11.36
C ASP C 351 -36.76 -15.80 10.44
N ALA C 352 -37.70 -15.14 9.76
CA ALA C 352 -37.34 -14.13 8.77
C ALA C 352 -36.90 -12.83 9.44
N LYS C 353 -37.51 -12.47 10.57
CA LYS C 353 -37.08 -11.28 11.28
C LYS C 353 -35.62 -11.36 11.65
N GLU C 354 -35.17 -12.55 12.11
CA GLU C 354 -33.76 -12.73 12.45
C GLU C 354 -32.88 -12.64 11.21
N LEU C 355 -33.35 -13.19 10.09
CA LEU C 355 -32.59 -13.06 8.85
C LEU C 355 -32.38 -11.59 8.48
N SER C 356 -33.39 -10.75 8.71
CA SER C 356 -33.25 -9.34 8.40
C SER C 356 -32.21 -8.67 9.30
N ARG C 357 -32.21 -9.03 10.60
CA ARG C 357 -31.23 -8.45 11.52
C ARG C 357 -29.82 -8.83 11.13
N VAL C 358 -29.61 -10.09 10.72
CA VAL C 358 -28.28 -10.53 10.33
C VAL C 358 -27.86 -9.86 9.02
N VAL C 359 -28.80 -9.68 8.10
CA VAL C 359 -28.46 -9.03 6.83
C VAL C 359 -28.16 -7.55 7.05
N ALA C 360 -28.92 -6.90 7.93
CA ALA C 360 -28.65 -5.49 8.23
C ALA C 360 -27.29 -5.34 8.89
N ALA C 361 -26.92 -6.28 9.77
CA ALA C 361 -25.60 -6.21 10.40
C ALA C 361 -24.50 -6.43 9.37
N VAL C 362 -24.72 -7.32 8.40
CA VAL C 362 -23.74 -7.53 7.35
C VAL C 362 -23.52 -6.25 6.56
N GLY C 363 -24.61 -5.53 6.25
CA GLY C 363 -24.48 -4.30 5.51
C GLY C 363 -23.66 -3.26 6.24
N LEU C 364 -23.81 -3.20 7.57
CA LEU C 364 -23.04 -2.25 8.37
C LEU C 364 -21.59 -2.67 8.48
N ALA C 365 -21.34 -3.94 8.81
CA ALA C 365 -19.98 -4.45 8.81
C ALA C 365 -19.29 -4.20 7.49
N GLN C 366 -19.98 -4.48 6.38
CA GLN C 366 -19.42 -4.21 5.06
C GLN C 366 -19.05 -2.74 4.91
N ASN C 367 -19.96 -1.84 5.29
CA ASN C 367 -19.69 -0.41 5.20
C ASN C 367 -18.47 -0.02 6.02
N LEU C 368 -18.33 -0.62 7.21
CA LEU C 368 -17.17 -0.32 8.05
C LEU C 368 -15.88 -0.67 7.34
N ALA C 369 -15.77 -1.90 6.83
CA ALA C 369 -14.54 -2.32 6.17
C ALA C 369 -14.24 -1.43 4.96
N ALA C 370 -15.28 -0.98 4.25
CA ALA C 370 -15.06 -0.14 3.07
C ALA C 370 -14.56 1.25 3.47
N LEU C 371 -15.24 1.89 4.42
CA LEU C 371 -14.83 3.23 4.84
C LEU C 371 -13.43 3.22 5.45
N ARG C 372 -13.16 2.26 6.34
CA ARG C 372 -11.86 2.18 6.98
C ARG C 372 -10.75 2.12 5.95
N ALA C 373 -10.86 1.19 4.99
CA ALA C 373 -9.83 1.07 3.96
C ALA C 373 -9.73 2.33 3.11
N LEU C 374 -10.85 3.02 2.87
CA LEU C 374 -10.81 4.16 1.97
C LEU C 374 -10.08 5.36 2.57
N VAL C 375 -10.15 5.53 3.89
CA VAL C 375 -9.49 6.66 4.55
C VAL C 375 -8.15 6.26 5.15
N SER C 376 -7.67 5.05 4.88
CA SER C 376 -6.37 4.60 5.37
C SER C 376 -5.48 4.23 4.20
N GLU C 377 -5.23 2.95 3.99
CA GLU C 377 -4.33 2.52 2.92
C GLU C 377 -4.94 2.65 1.54
N GLY C 378 -6.23 2.91 1.45
CA GLY C 378 -6.89 2.96 0.14
C GLY C 378 -7.46 1.63 -0.27
N ILE C 379 -8.49 1.68 -1.11
CA ILE C 379 -9.18 0.45 -1.50
C ILE C 379 -8.29 -0.42 -2.38
N GLN C 380 -7.45 0.20 -3.23
CA GLN C 380 -6.67 -0.55 -4.25
C GLN C 380 -5.73 -1.58 -3.62
N LYS C 381 -5.10 -1.31 -2.50
CA LYS C 381 -4.13 -2.24 -1.93
C LYS C 381 -4.80 -3.57 -1.59
N GLY C 382 -5.82 -3.52 -0.72
CA GLY C 382 -6.50 -4.75 -0.35
C GLY C 382 -7.28 -5.37 -1.50
N HIS C 383 -8.04 -4.55 -2.23
CA HIS C 383 -8.89 -5.10 -3.27
C HIS C 383 -8.07 -5.73 -4.40
N MET C 384 -7.10 -4.99 -4.91
CA MET C 384 -6.30 -5.50 -6.02
C MET C 384 -5.43 -6.69 -5.62
N ALA C 385 -5.11 -6.82 -4.33
CA ALA C 385 -4.32 -7.97 -3.89
C ALA C 385 -5.09 -9.27 -4.13
N LEU C 386 -6.41 -9.22 -4.07
CA LEU C 386 -7.25 -10.38 -4.33
C LEU C 386 -7.77 -10.43 -5.77
N GLN C 387 -8.04 -9.28 -6.38
CA GLN C 387 -8.36 -9.25 -7.80
C GLN C 387 -7.20 -9.76 -8.65
N ALA C 388 -5.98 -9.69 -8.13
CA ALA C 388 -4.82 -10.16 -8.87
C ALA C 388 -5.02 -11.59 -9.37
N ARG C 389 -5.65 -12.44 -8.54
CA ARG C 389 -5.86 -13.82 -8.94
C ARG C 389 -6.78 -13.91 -10.16
N SER C 390 -7.82 -13.07 -10.20
CA SER C 390 -8.73 -13.08 -11.34
C SER C 390 -8.02 -12.58 -12.60
N LEU C 391 -7.15 -11.59 -12.44
CA LEU C 391 -6.39 -11.10 -13.58
C LEU C 391 -5.43 -12.16 -14.10
N ALA C 392 -4.77 -12.89 -13.19
CA ALA C 392 -3.89 -13.97 -13.60
C ALA C 392 -4.65 -15.02 -14.40
N MET C 393 -5.83 -15.41 -13.91
CA MET C 393 -6.63 -16.38 -14.64
C MET C 393 -7.07 -15.82 -15.99
N THR C 394 -7.34 -14.51 -16.06
CA THR C 394 -7.77 -13.91 -17.31
C THR C 394 -6.70 -14.02 -18.39
N VAL C 395 -5.42 -14.08 -17.99
CA VAL C 395 -4.33 -14.15 -18.95
C VAL C 395 -3.84 -15.59 -19.14
N GLY C 396 -4.50 -16.57 -18.53
CA GLY C 396 -4.21 -17.96 -18.77
C GLY C 396 -3.64 -18.73 -17.60
N ALA C 397 -3.38 -18.08 -16.47
CA ALA C 397 -2.78 -18.78 -15.34
C ALA C 397 -3.71 -19.88 -14.86
N THR C 398 -3.18 -21.09 -14.75
CA THR C 398 -3.95 -22.27 -14.35
C THR C 398 -3.33 -22.88 -13.10
N GLY C 399 -4.20 -23.38 -12.22
CA GLY C 399 -3.72 -24.12 -11.06
C GLY C 399 -2.87 -23.26 -10.15
N LYS C 400 -1.69 -23.76 -9.80
CA LYS C 400 -0.80 -23.06 -8.88
C LYS C 400 -0.13 -21.85 -9.51
N GLU C 401 -0.25 -21.66 -10.82
CA GLU C 401 0.28 -20.46 -11.44
C GLU C 401 -0.46 -19.21 -10.96
N VAL C 402 -1.74 -19.35 -10.63
CA VAL C 402 -2.55 -18.20 -10.24
C VAL C 402 -1.94 -17.51 -9.03
N GLU C 403 -1.52 -18.32 -8.05
CA GLU C 403 -0.97 -17.81 -6.77
C GLU C 403 0.43 -17.23 -7.01
N ALA C 404 1.25 -17.84 -7.88
CA ALA C 404 2.58 -17.32 -8.21
C ALA C 404 2.49 -16.02 -8.98
N VAL C 405 1.58 -15.95 -9.96
CA VAL C 405 1.43 -14.72 -10.74
C VAL C 405 0.94 -13.59 -9.84
N ALA C 406 -0.08 -13.88 -9.02
CA ALA C 406 -0.61 -12.86 -8.13
C ALA C 406 0.46 -12.38 -7.14
N GLN C 407 1.31 -13.31 -6.68
CA GLN C 407 2.37 -12.94 -5.75
C GLN C 407 3.26 -11.86 -6.33
N GLN C 408 3.75 -12.05 -7.56
CA GLN C 408 4.59 -11.05 -8.19
C GLN C 408 3.79 -9.86 -8.67
N LEU C 409 2.51 -10.06 -8.97
N LEU C 409 2.51 -10.05 -8.96
CA LEU C 409 1.69 -8.93 -9.44
CA LEU C 409 1.70 -8.93 -9.44
C LEU C 409 1.52 -7.88 -8.35
C LEU C 409 1.47 -7.89 -8.35
N LYS C 410 1.43 -8.31 -7.09
CA LYS C 410 1.31 -7.36 -5.98
C LYS C 410 2.56 -6.52 -5.78
N ARG C 411 3.68 -6.88 -6.41
CA ARG C 411 4.92 -6.12 -6.29
C ARG C 411 5.04 -5.03 -7.34
N GLN C 412 4.01 -4.82 -8.16
CA GLN C 412 4.05 -3.83 -9.22
C GLN C 412 3.22 -2.61 -8.83
N LYS C 413 3.64 -1.44 -9.32
CA LYS C 413 2.89 -0.23 -9.06
C LYS C 413 1.51 -0.27 -9.72
N THR C 414 1.41 -0.88 -10.89
CA THR C 414 0.14 -1.04 -11.59
C THR C 414 0.04 -2.48 -12.10
N MET C 415 -1.17 -3.03 -12.05
CA MET C 415 -1.42 -4.39 -12.51
C MET C 415 -2.26 -4.34 -13.78
N ASN C 416 -1.85 -5.09 -14.79
CA ASN C 416 -2.57 -5.17 -16.05
C ASN C 416 -2.22 -6.50 -16.72
N GLN C 417 -2.86 -6.76 -17.86
CA GLN C 417 -2.69 -8.04 -18.54
C GLN C 417 -1.27 -8.21 -19.05
N ASP C 418 -0.67 -7.13 -19.55
CA ASP C 418 0.69 -7.23 -20.06
C ASP C 418 1.66 -7.68 -18.98
N ARG C 419 1.60 -7.05 -17.80
CA ARG C 419 2.51 -7.45 -16.72
C ARG C 419 2.16 -8.84 -16.19
N ALA C 420 0.87 -9.17 -16.12
CA ALA C 420 0.47 -10.51 -15.70
C ALA C 420 0.98 -11.55 -16.69
N LEU C 421 0.94 -11.22 -17.98
CA LEU C 421 1.41 -12.16 -19.00
C LEU C 421 2.93 -12.29 -18.96
N ALA C 422 3.64 -11.18 -18.74
CA ALA C 422 5.08 -11.26 -18.59
C ALA C 422 5.47 -12.11 -17.39
N ILE C 423 4.77 -11.93 -16.27
CA ILE C 423 5.03 -12.74 -15.08
C ILE C 423 4.78 -14.22 -15.38
N LEU C 424 3.62 -14.53 -15.98
CA LEU C 424 3.29 -15.92 -16.26
C LEU C 424 4.33 -16.56 -17.17
N ASN C 425 4.72 -15.87 -18.24
CA ASN C 425 5.69 -16.44 -19.17
C ASN C 425 7.02 -16.70 -18.49
N ASP C 426 7.42 -15.83 -17.56
CA ASP C 426 8.62 -16.08 -16.78
C ASP C 426 8.51 -17.39 -16.01
N LEU C 427 7.39 -17.61 -15.32
CA LEU C 427 7.21 -18.83 -14.53
C LEU C 427 7.16 -20.06 -15.42
N ARG C 428 6.60 -19.94 -16.62
CA ARG C 428 6.45 -21.08 -17.52
C ARG C 428 7.82 -21.56 -18.01
N ARG D 20 -6.46 -19.13 9.16
CA ARG D 20 -6.51 -20.57 8.92
C ARG D 20 -7.63 -20.91 7.94
N PHE D 21 -8.88 -20.58 8.33
CA PHE D 21 -10.02 -20.94 7.48
C PHE D 21 -9.90 -20.35 6.09
N TYR D 22 -9.39 -19.13 5.98
CA TYR D 22 -9.21 -18.50 4.68
C TYR D 22 -8.10 -19.16 3.86
N GLN D 23 -7.28 -20.01 4.48
CA GLN D 23 -6.20 -20.70 3.78
C GLN D 23 -6.54 -22.14 3.44
N MET D 24 -7.49 -22.74 4.15
N MET D 24 -7.49 -22.75 4.14
CA MET D 24 -7.87 -24.12 3.87
CA MET D 24 -7.85 -24.13 3.87
C MET D 24 -8.41 -24.24 2.44
C MET D 24 -8.47 -24.25 2.47
N SER D 25 -8.38 -25.47 1.92
CA SER D 25 -8.99 -25.74 0.64
C SER D 25 -10.50 -25.78 0.80
N PRO D 26 -11.25 -25.58 -0.29
CA PRO D 26 -12.71 -25.65 -0.19
C PRO D 26 -13.21 -26.92 0.50
N GLU D 27 -12.62 -28.07 0.16
CA GLU D 27 -13.09 -29.32 0.76
C GLU D 27 -12.75 -29.38 2.25
N GLU D 28 -11.57 -28.88 2.62
CA GLU D 28 -11.24 -28.78 4.03
C GLU D 28 -12.24 -27.88 4.76
N ARG D 29 -12.64 -26.77 4.12
CA ARG D 29 -13.61 -25.88 4.73
C ARG D 29 -14.92 -26.61 4.99
N LEU D 30 -15.41 -27.33 3.98
CA LEU D 30 -16.67 -28.06 4.14
C LEU D 30 -16.55 -29.17 5.17
N ALA D 31 -15.39 -29.80 5.27
CA ALA D 31 -15.19 -30.83 6.28
C ALA D 31 -15.19 -30.23 7.69
N SER D 32 -14.51 -29.09 7.86
CA SER D 32 -14.50 -28.44 9.16
C SER D 32 -15.89 -28.00 9.56
N LEU D 33 -16.65 -27.41 8.64
CA LEU D 33 -18.02 -27.01 8.94
C LEU D 33 -18.87 -28.20 9.35
N LEU D 34 -18.72 -29.33 8.65
CA LEU D 34 -19.50 -30.51 9.00
C LEU D 34 -19.09 -31.06 10.37
N ASN D 35 -17.78 -31.09 10.64
CA ASN D 35 -17.31 -31.64 11.91
C ASN D 35 -17.65 -30.73 13.09
N GLU D 36 -17.86 -29.43 12.86
CA GLU D 36 -18.20 -28.45 13.92
C GLU D 36 -19.73 -28.39 14.05
N GLY D 37 -20.48 -29.22 13.31
CA GLY D 37 -21.93 -29.19 13.37
C GLY D 37 -22.60 -27.99 12.73
N GLN D 38 -21.87 -27.22 11.93
CA GLN D 38 -22.43 -26.03 11.32
C GLN D 38 -23.22 -26.32 10.05
N ILE D 39 -23.05 -27.51 9.46
CA ILE D 39 -23.86 -27.95 8.33
C ILE D 39 -24.16 -29.43 8.49
N SER D 40 -25.31 -29.84 7.97
CA SER D 40 -25.68 -31.25 7.98
C SER D 40 -24.93 -31.99 6.86
N ALA D 41 -25.04 -33.32 6.88
CA ALA D 41 -24.41 -34.13 5.84
C ALA D 41 -25.05 -33.85 4.48
N ASP D 42 -26.38 -33.81 4.44
CA ASP D 42 -27.08 -33.47 3.19
C ASP D 42 -26.62 -32.12 2.66
N THR D 43 -26.51 -31.12 3.55
CA THR D 43 -26.07 -29.79 3.11
C THR D 43 -24.66 -29.85 2.52
N LYS D 44 -23.77 -30.61 3.15
CA LYS D 44 -22.41 -30.74 2.60
C LYS D 44 -22.45 -31.35 1.20
N LYS D 45 -23.33 -32.34 0.99
CA LYS D 45 -23.42 -32.95 -0.32
C LYS D 45 -23.92 -31.96 -1.36
N GLU D 46 -24.88 -31.11 -0.98
CA GLU D 46 -25.40 -30.11 -1.91
C GLU D 46 -24.34 -29.06 -2.23
N PHE D 47 -23.61 -28.57 -1.23
CA PHE D 47 -22.56 -27.59 -1.49
C PHE D 47 -21.52 -28.16 -2.46
N GLU D 48 -21.34 -29.48 -2.48
CA GLU D 48 -20.38 -30.11 -3.37
C GLU D 48 -20.90 -30.30 -4.79
N ASN D 49 -22.20 -30.13 -5.03
CA ASN D 49 -22.84 -30.30 -6.37
C ASN D 49 -22.66 -28.99 -7.13
N THR D 50 -21.50 -28.71 -7.72
CA THR D 50 -21.15 -27.44 -8.34
C THR D 50 -20.82 -27.65 -9.82
N ALA D 51 -21.24 -26.70 -10.64
CA ALA D 51 -20.93 -26.70 -12.07
C ALA D 51 -19.75 -25.79 -12.39
N LEU D 52 -19.53 -24.76 -11.60
CA LEU D 52 -18.36 -23.90 -11.78
C LEU D 52 -17.11 -24.58 -11.23
N SER D 53 -16.03 -24.50 -11.99
CA SER D 53 -14.77 -25.10 -11.56
C SER D 53 -14.37 -24.58 -10.19
N SER D 54 -14.03 -25.51 -9.29
CA SER D 54 -13.63 -25.10 -7.95
C SER D 54 -12.39 -24.20 -8.01
N GLN D 55 -11.40 -24.57 -8.83
CA GLN D 55 -10.20 -23.74 -8.93
C GLN D 55 -10.56 -22.32 -9.35
N ILE D 56 -11.53 -22.16 -10.24
CA ILE D 56 -11.93 -20.82 -10.65
C ILE D 56 -12.64 -20.11 -9.50
N ALA D 57 -13.68 -20.74 -8.93
CA ALA D 57 -14.43 -20.10 -7.85
C ALA D 57 -13.55 -19.80 -6.66
N ASN D 58 -12.68 -20.75 -6.29
CA ASN D 58 -11.83 -20.56 -5.11
C ASN D 58 -10.81 -19.43 -5.29
N HIS D 59 -10.58 -19.00 -6.52
CA HIS D 59 -9.64 -17.91 -6.79
C HIS D 59 -10.33 -16.59 -7.12
N MET D 60 -11.67 -16.58 -7.18
N MET D 60 -11.67 -16.58 -7.16
CA MET D 60 -12.42 -15.36 -7.43
CA MET D 60 -12.42 -15.36 -7.44
C MET D 60 -12.83 -14.67 -6.13
C MET D 60 -12.95 -14.68 -6.18
N ILE D 61 -13.18 -15.45 -5.11
CA ILE D 61 -13.67 -14.92 -3.85
C ILE D 61 -12.90 -15.58 -2.70
N GLU D 62 -13.25 -15.20 -1.48
CA GLU D 62 -12.57 -15.65 -0.28
C GLU D 62 -13.48 -16.56 0.51
N ASN D 63 -12.88 -17.52 1.21
CA ASN D 63 -13.62 -18.49 2.03
C ASN D 63 -14.63 -19.27 1.19
N GLN D 64 -14.25 -19.54 -0.05
CA GLN D 64 -15.18 -20.20 -0.98
C GLN D 64 -15.46 -21.63 -0.53
N ILE D 65 -16.71 -22.03 -0.63
CA ILE D 65 -17.10 -23.39 -0.28
C ILE D 65 -17.97 -24.00 -1.38
N SER D 66 -18.72 -23.17 -2.10
CA SER D 66 -19.67 -23.71 -3.08
C SER D 66 -20.07 -22.61 -4.07
N GLU D 67 -21.31 -22.65 -4.54
CA GLU D 67 -21.80 -21.69 -5.52
C GLU D 67 -23.31 -21.58 -5.39
N THR D 68 -23.85 -20.51 -5.94
CA THR D 68 -25.29 -20.33 -6.11
C THR D 68 -25.64 -20.45 -7.58
N GLU D 69 -26.73 -21.16 -7.89
CA GLU D 69 -27.14 -21.43 -9.26
C GLU D 69 -28.45 -20.70 -9.52
N VAL D 70 -28.42 -19.70 -10.39
CA VAL D 70 -29.60 -18.94 -10.77
C VAL D 70 -30.05 -19.42 -12.14
N PRO D 71 -31.33 -19.76 -12.33
CA PRO D 71 -31.78 -20.13 -13.67
C PRO D 71 -31.58 -18.98 -14.64
N MET D 72 -31.32 -19.33 -15.90
CA MET D 72 -31.12 -18.33 -16.95
C MET D 72 -31.92 -18.73 -18.18
N GLY D 73 -32.74 -17.80 -18.67
CA GLY D 73 -33.55 -17.99 -19.85
C GLY D 73 -33.25 -16.96 -20.92
N VAL D 74 -33.90 -17.15 -22.08
CA VAL D 74 -33.66 -16.33 -23.26
C VAL D 74 -34.87 -15.42 -23.46
N GLY D 75 -34.69 -14.12 -23.27
CA GLY D 75 -35.71 -13.16 -23.63
C GLY D 75 -35.73 -12.96 -25.14
N LEU D 76 -36.94 -12.86 -25.69
CA LEU D 76 -37.13 -12.89 -27.13
C LEU D 76 -37.81 -11.62 -27.64
N HIS D 77 -37.66 -11.39 -28.95
CA HIS D 77 -38.43 -10.41 -29.71
C HIS D 77 -38.00 -8.97 -29.44
N LEU D 78 -36.82 -8.76 -28.86
CA LEU D 78 -36.30 -7.42 -28.66
C LEU D 78 -35.54 -6.98 -29.91
N THR D 79 -35.75 -5.72 -30.31
CA THR D 79 -35.07 -5.15 -31.46
C THR D 79 -34.69 -3.72 -31.12
N VAL D 80 -33.41 -3.38 -31.33
CA VAL D 80 -32.84 -2.10 -30.94
C VAL D 80 -32.13 -1.51 -32.16
N ASP D 81 -32.56 -0.32 -32.59
CA ASP D 81 -31.94 0.35 -33.73
C ASP D 81 -31.93 -0.57 -34.95
N GLU D 82 -33.04 -1.27 -35.15
CA GLU D 82 -33.22 -2.15 -36.30
C GLU D 82 -32.23 -3.31 -36.28
N THR D 83 -31.77 -3.69 -35.10
CA THR D 83 -30.94 -4.87 -34.91
C THR D 83 -31.63 -5.80 -33.91
N ASP D 84 -31.68 -7.08 -34.23
CA ASP D 84 -32.35 -8.06 -33.39
C ASP D 84 -31.38 -8.65 -32.37
N TYR D 85 -31.90 -8.98 -31.20
CA TYR D 85 -31.09 -9.52 -30.12
C TYR D 85 -31.83 -10.64 -29.42
N LEU D 86 -31.08 -11.60 -28.91
CA LEU D 86 -31.60 -12.66 -28.04
C LEU D 86 -30.96 -12.46 -26.66
N VAL D 87 -31.79 -12.20 -25.66
CA VAL D 87 -31.35 -11.62 -24.40
C VAL D 87 -31.18 -12.75 -23.38
N PRO D 88 -29.98 -13.01 -22.88
CA PRO D 88 -29.84 -13.94 -21.75
C PRO D 88 -30.25 -13.27 -20.45
N MET D 89 -31.09 -13.95 -19.66
CA MET D 89 -31.66 -13.38 -18.45
C MET D 89 -31.56 -14.43 -17.34
N ALA D 90 -30.76 -14.12 -16.33
CA ALA D 90 -30.59 -14.99 -15.17
C ALA D 90 -31.49 -14.46 -14.06
N THR D 91 -32.51 -15.24 -13.71
CA THR D 91 -33.47 -14.83 -12.70
C THR D 91 -34.08 -16.06 -12.06
N GLU D 92 -34.59 -15.88 -10.84
CA GLU D 92 -35.32 -16.93 -10.15
C GLU D 92 -36.80 -16.62 -10.01
N GLU D 93 -37.26 -15.46 -10.52
CA GLU D 93 -38.66 -15.06 -10.38
C GLU D 93 -39.44 -15.48 -11.61
N PRO D 94 -40.60 -16.13 -11.44
CA PRO D 94 -41.38 -16.53 -12.62
C PRO D 94 -42.03 -15.34 -13.30
N SER D 95 -42.31 -15.50 -14.59
CA SER D 95 -43.01 -14.57 -15.45
C SER D 95 -42.14 -13.39 -15.89
N VAL D 96 -40.90 -13.28 -15.41
CA VAL D 96 -40.07 -12.14 -15.77
C VAL D 96 -39.63 -12.23 -17.23
N ILE D 97 -39.19 -13.41 -17.67
CA ILE D 97 -38.67 -13.54 -19.02
C ILE D 97 -39.81 -13.53 -20.05
N ALA D 98 -40.89 -14.27 -19.78
CA ALA D 98 -42.04 -14.24 -20.68
C ALA D 98 -42.64 -12.84 -20.76
N ALA D 99 -42.58 -12.07 -19.67
CA ALA D 99 -43.08 -10.71 -19.70
C ALA D 99 -42.27 -9.84 -20.65
N LEU D 100 -40.94 -9.91 -20.55
CA LEU D 100 -40.10 -9.15 -21.47
C LEU D 100 -40.30 -9.62 -22.89
N SER D 101 -40.39 -10.94 -23.11
CA SER D 101 -40.67 -11.46 -24.45
C SER D 101 -41.98 -10.90 -24.97
N ASN D 102 -43.04 -10.97 -24.15
CA ASN D 102 -44.32 -10.39 -24.54
C ASN D 102 -44.19 -8.89 -24.79
N GLY D 103 -43.55 -8.18 -23.86
CA GLY D 103 -43.42 -6.74 -24.01
C GLY D 103 -42.59 -6.33 -25.21
N ALA D 104 -41.60 -7.13 -25.58
CA ALA D 104 -40.75 -6.78 -26.70
C ALA D 104 -41.52 -6.85 -28.02
N LYS D 105 -42.56 -7.67 -28.09
CA LYS D 105 -43.38 -7.74 -29.30
C LYS D 105 -44.31 -6.54 -29.42
N ILE D 106 -44.99 -6.19 -28.33
CA ILE D 106 -45.99 -5.08 -28.35
C ILE D 106 -45.26 -3.83 -28.86
N ALA D 107 -44.07 -3.53 -28.35
CA ALA D 107 -43.31 -2.30 -28.73
C ALA D 107 -42.83 -2.46 -30.18
N GLN D 108 -42.34 -3.64 -30.56
CA GLN D 108 -41.90 -3.98 -31.95
C GLN D 108 -40.44 -3.54 -32.14
N GLY D 109 -39.99 -2.47 -31.52
CA GLY D 109 -38.60 -2.01 -31.56
C GLY D 109 -38.34 -0.74 -30.79
N PHE D 110 -37.11 -0.49 -30.39
CA PHE D 110 -36.65 0.61 -29.55
C PHE D 110 -35.54 1.35 -30.29
N LYS D 111 -35.55 2.68 -30.18
CA LYS D 111 -34.57 3.52 -30.84
C LYS D 111 -33.80 4.34 -29.81
N THR D 112 -32.50 4.47 -30.05
CA THR D 112 -31.61 5.18 -29.12
C THR D 112 -31.75 6.68 -29.32
N VAL D 113 -32.29 7.41 -28.34
CA VAL D 113 -32.42 8.91 -28.42
C VAL D 113 -31.00 9.47 -28.20
N ASN D 114 -30.37 9.15 -27.07
CA ASN D 114 -29.03 9.65 -26.67
C ASN D 114 -28.19 8.51 -26.11
N GLN D 115 -26.86 8.66 -26.00
CA GLN D 115 -26.00 7.67 -25.28
C GLN D 115 -24.62 8.27 -24.99
N GLN D 116 -24.10 8.07 -23.78
CA GLN D 116 -22.76 8.48 -23.41
C GLN D 116 -22.09 7.33 -22.68
N ARG D 117 -20.76 7.38 -22.57
CA ARG D 117 -20.03 6.33 -21.87
C ARG D 117 -18.72 6.90 -21.32
N LEU D 118 -18.80 7.50 -20.13
CA LEU D 118 -17.63 7.88 -19.36
C LEU D 118 -17.88 7.54 -17.90
N MET D 119 -16.80 7.16 -17.21
N MET D 119 -16.80 7.16 -17.21
CA MET D 119 -16.88 6.82 -15.80
CA MET D 119 -16.87 6.82 -15.80
C MET D 119 -16.42 8.00 -14.94
C MET D 119 -16.42 8.00 -14.94
N ARG D 120 -16.98 8.09 -13.75
CA ARG D 120 -16.73 9.18 -12.83
C ARG D 120 -15.93 8.71 -11.63
N GLY D 121 -14.88 9.46 -11.28
CA GLY D 121 -14.17 9.26 -10.04
C GLY D 121 -14.03 10.58 -9.30
N GLN D 122 -13.62 10.50 -8.04
CA GLN D 122 -13.47 11.70 -7.24
C GLN D 122 -12.35 11.55 -6.23
N ILE D 123 -11.61 12.65 -6.04
CA ILE D 123 -10.64 12.80 -4.95
C ILE D 123 -11.17 13.94 -4.08
N VAL D 124 -11.35 13.65 -2.79
CA VAL D 124 -12.04 14.57 -1.88
C VAL D 124 -11.05 15.08 -0.84
N PHE D 125 -10.90 16.41 -0.80
CA PHE D 125 -10.17 17.08 0.27
C PHE D 125 -11.13 17.41 1.40
N TYR D 126 -10.60 17.56 2.61
CA TYR D 126 -11.43 17.90 3.77
C TYR D 126 -10.72 18.96 4.60
N ASP D 127 -11.53 19.74 5.32
N ASP D 127 -11.54 19.70 5.35
CA ASP D 127 -11.02 20.85 6.12
CA ASP D 127 -11.12 20.89 6.10
C ASP D 127 -10.15 21.78 5.28
C ASP D 127 -10.16 21.75 5.28
N VAL D 128 -10.59 22.06 4.07
CA VAL D 128 -9.85 22.96 3.17
C VAL D 128 -10.10 24.39 3.62
N ALA D 129 -9.01 25.12 3.89
CA ALA D 129 -9.10 26.48 4.40
C ALA D 129 -9.87 27.38 3.44
N ASP D 130 -9.35 27.57 2.23
CA ASP D 130 -10.02 28.38 1.16
C ASP D 130 -10.33 27.41 0.01
N PRO D 131 -11.48 26.71 -0.06
CA PRO D 131 -11.72 25.77 -1.14
C PRO D 131 -11.45 26.37 -2.54
N GLU D 132 -11.79 27.64 -2.78
CA GLU D 132 -11.66 28.28 -4.12
C GLU D 132 -10.18 28.51 -4.42
N SER D 133 -9.38 28.85 -3.42
CA SER D 133 -7.93 29.11 -3.60
C SER D 133 -7.33 27.80 -4.11
N LEU D 134 -7.57 26.68 -3.42
CA LEU D 134 -7.03 25.33 -3.79
C LEU D 134 -7.49 24.98 -5.21
N ILE D 135 -8.74 25.27 -5.59
CA ILE D 135 -9.30 24.85 -6.91
C ILE D 135 -8.56 25.60 -8.04
N ASP D 136 -8.09 26.82 -7.82
CA ASP D 136 -7.33 27.56 -8.83
C ASP D 136 -5.92 26.99 -8.96
N LYS D 137 -5.29 26.63 -7.84
CA LYS D 137 -3.96 26.02 -7.90
C LYS D 137 -3.99 24.71 -8.69
N LEU D 138 -5.08 23.95 -8.56
CA LEU D 138 -5.19 22.68 -9.27
C LEU D 138 -5.44 22.89 -10.76
N GLN D 139 -6.23 23.91 -11.10
CA GLN D 139 -6.60 24.12 -12.49
C GLN D 139 -5.40 24.52 -13.35
N VAL D 140 -4.42 25.20 -12.76
CA VAL D 140 -3.27 25.64 -13.54
C VAL D 140 -2.26 24.52 -13.77
N ARG D 141 -2.30 23.46 -12.96
CA ARG D 141 -1.43 22.31 -13.12
C ARG D 141 -2.12 21.14 -13.81
N GLU D 142 -3.21 21.42 -14.53
CA GLU D 142 -4.01 20.33 -15.08
C GLU D 142 -3.18 19.44 -16.00
N ALA D 143 -2.25 20.02 -16.75
CA ALA D 143 -1.44 19.24 -17.68
C ALA D 143 -0.69 18.14 -16.94
N GLU D 144 -0.12 18.45 -15.76
CA GLU D 144 0.59 17.42 -15.00
C GLU D 144 -0.37 16.39 -14.42
N ILE D 145 -1.58 16.82 -14.04
CA ILE D 145 -2.58 15.87 -13.54
C ILE D 145 -2.88 14.82 -14.60
N PHE D 146 -3.12 15.27 -15.84
CA PHE D 146 -3.40 14.31 -16.91
C PHE D 146 -2.24 13.33 -17.09
N GLN D 147 -1.01 13.84 -17.08
CA GLN D 147 0.14 12.95 -17.27
C GLN D 147 0.25 11.94 -16.15
N GLN D 148 0.14 12.41 -14.89
CA GLN D 148 0.16 11.47 -13.78
C GLN D 148 -0.93 10.42 -13.92
N ALA D 149 -2.09 10.81 -14.46
CA ALA D 149 -3.19 9.86 -14.65
C ALA D 149 -2.80 8.77 -15.64
N GLU D 150 -2.18 9.15 -16.77
CA GLU D 150 -1.76 8.16 -17.75
C GLU D 150 -0.76 7.18 -17.15
N LEU D 151 0.15 7.67 -16.30
CA LEU D 151 1.22 6.82 -15.78
C LEU D 151 0.74 5.90 -14.66
N SER D 152 -0.40 6.20 -14.03
CA SER D 152 -0.95 5.33 -13.00
C SER D 152 -1.74 4.17 -13.58
N TYR D 153 -2.13 4.24 -14.85
CA TYR D 153 -2.74 3.10 -15.55
C TYR D 153 -2.56 3.30 -17.04
N PRO D 154 -1.38 2.99 -17.59
CA PRO D 154 -1.13 3.27 -19.03
C PRO D 154 -1.81 2.31 -19.97
N SER D 155 -2.38 1.20 -19.48
CA SER D 155 -3.01 0.24 -20.39
C SER D 155 -4.23 0.84 -21.06
N ILE D 156 -5.06 1.57 -20.32
CA ILE D 156 -6.30 2.09 -20.88
C ILE D 156 -6.02 3.19 -21.89
N VAL D 157 -4.93 3.94 -21.71
CA VAL D 157 -4.61 5.00 -22.65
C VAL D 157 -4.06 4.39 -23.94
N LYS D 158 -3.34 3.28 -23.86
CA LYS D 158 -2.90 2.59 -25.07
C LYS D 158 -4.08 2.01 -25.84
N ARG D 159 -5.18 1.70 -25.14
CA ARG D 159 -6.39 1.19 -25.78
C ARG D 159 -7.24 2.29 -26.41
N GLY D 160 -6.87 3.55 -26.20
CA GLY D 160 -7.63 4.66 -26.76
C GLY D 160 -8.52 5.38 -25.77
N GLY D 161 -8.51 4.99 -24.51
CA GLY D 161 -9.30 5.63 -23.48
C GLY D 161 -8.46 6.53 -22.60
N GLY D 162 -8.87 6.64 -21.34
CA GLY D 162 -8.16 7.43 -20.36
C GLY D 162 -8.95 8.66 -19.94
N LEU D 163 -8.31 9.44 -19.07
CA LEU D 163 -8.93 10.64 -18.53
C LEU D 163 -9.35 11.57 -19.65
N ARG D 164 -10.57 12.11 -19.56
CA ARG D 164 -11.08 13.01 -20.59
C ARG D 164 -11.31 14.43 -20.09
N ASP D 165 -11.60 14.62 -18.80
CA ASP D 165 -11.83 15.96 -18.29
C ASP D 165 -11.77 15.95 -16.78
N LEU D 166 -11.54 17.14 -16.22
CA LEU D 166 -11.49 17.36 -14.78
C LEU D 166 -12.51 18.42 -14.40
N GLN D 167 -13.10 18.25 -13.23
CA GLN D 167 -14.10 19.18 -12.73
C GLN D 167 -13.93 19.31 -11.22
N TYR D 168 -14.39 20.43 -10.68
CA TYR D 168 -14.15 20.77 -9.29
C TYR D 168 -15.45 21.25 -8.65
N ARG D 169 -15.71 20.78 -7.44
CA ARG D 169 -16.89 21.16 -6.68
C ARG D 169 -16.48 21.45 -5.25
N ALA D 170 -17.07 22.49 -4.67
CA ALA D 170 -16.87 22.87 -3.28
C ALA D 170 -18.14 22.55 -2.50
N PHE D 171 -17.97 22.40 -1.18
CA PHE D 171 -19.08 22.07 -0.30
C PHE D 171 -19.00 22.92 0.97
N ASP D 172 -20.14 23.03 1.65
CA ASP D 172 -20.25 23.95 2.77
C ASP D 172 -19.28 23.59 3.88
N GLU D 173 -19.19 22.32 4.23
CA GLU D 173 -18.41 21.90 5.39
C GLU D 173 -16.92 21.78 5.06
N SER D 174 -16.43 22.63 4.16
CA SER D 174 -15.00 22.73 3.85
C SER D 174 -14.48 21.48 3.14
N PHE D 175 -15.26 20.96 2.20
CA PHE D 175 -14.85 19.86 1.35
C PHE D 175 -14.62 20.35 -0.07
N VAL D 176 -13.72 19.68 -0.78
CA VAL D 176 -13.49 19.90 -2.20
C VAL D 176 -13.46 18.54 -2.88
N SER D 177 -14.04 18.45 -4.07
CA SER D 177 -14.15 17.19 -4.80
C SER D 177 -13.60 17.40 -6.20
N VAL D 178 -12.44 16.82 -6.48
CA VAL D 178 -11.86 16.83 -7.83
C VAL D 178 -12.48 15.66 -8.58
N ASP D 179 -13.36 15.96 -9.53
CA ASP D 179 -14.10 14.94 -10.27
C ASP D 179 -13.37 14.57 -11.55
N PHE D 180 -13.16 13.27 -11.75
CA PHE D 180 -12.46 12.76 -12.92
C PHE D 180 -13.45 12.07 -13.84
N LEU D 181 -13.45 12.45 -15.11
CA LEU D 181 -14.27 11.81 -16.14
C LEU D 181 -13.34 11.03 -17.05
N VAL D 182 -13.51 9.71 -17.09
CA VAL D 182 -12.55 8.80 -17.70
C VAL D 182 -13.25 7.95 -18.75
N ASP D 183 -12.56 7.74 -19.87
CA ASP D 183 -13.01 6.80 -20.90
C ASP D 183 -12.38 5.45 -20.60
N VAL D 184 -13.21 4.49 -20.17
CA VAL D 184 -12.73 3.17 -19.77
C VAL D 184 -12.98 2.11 -20.84
N LYS D 185 -13.38 2.53 -22.05
CA LYS D 185 -13.58 1.61 -23.17
C LYS D 185 -14.58 0.55 -22.74
N ASP D 186 -14.27 -0.74 -22.86
CA ASP D 186 -15.26 -1.81 -22.68
C ASP D 186 -15.34 -2.32 -21.24
N ALA D 187 -14.49 -1.85 -20.35
CA ALA D 187 -14.53 -2.30 -18.96
C ALA D 187 -15.47 -1.42 -18.15
N MET D 188 -15.91 -1.97 -17.01
N MET D 188 -15.87 -1.94 -16.98
CA MET D 188 -16.73 -1.18 -16.10
CA MET D 188 -16.73 -1.17 -16.09
C MET D 188 -15.98 0.08 -15.67
C MET D 188 -16.01 0.05 -15.54
N GLY D 189 -14.73 -0.08 -15.24
CA GLY D 189 -13.88 1.05 -14.90
C GLY D 189 -13.51 1.18 -13.45
N ALA D 190 -14.13 0.40 -12.54
CA ALA D 190 -13.92 0.59 -11.12
C ALA D 190 -12.43 0.53 -10.78
N ASN D 191 -11.78 -0.59 -11.11
CA ASN D 191 -10.37 -0.76 -10.75
C ASN D 191 -9.48 0.13 -11.59
N ILE D 192 -9.85 0.37 -12.85
CA ILE D 192 -9.09 1.28 -13.69
C ILE D 192 -9.12 2.68 -13.08
N VAL D 193 -10.32 3.18 -12.79
CA VAL D 193 -10.45 4.54 -12.28
C VAL D 193 -9.76 4.68 -10.93
N ASN D 194 -9.89 3.65 -10.07
CA ASN D 194 -9.34 3.73 -8.73
C ASN D 194 -7.82 3.78 -8.74
N ALA D 195 -7.18 2.96 -9.59
CA ALA D 195 -5.73 3.03 -9.71
C ALA D 195 -5.29 4.39 -10.21
N MET D 196 -6.08 5.01 -11.10
CA MET D 196 -5.73 6.33 -11.62
C MET D 196 -5.80 7.39 -10.53
N LEU D 197 -6.86 7.37 -9.73
CA LEU D 197 -7.06 8.45 -8.76
C LEU D 197 -6.10 8.33 -7.57
N GLU D 198 -5.78 7.10 -7.17
CA GLU D 198 -4.82 6.94 -6.08
C GLU D 198 -3.44 7.41 -6.51
N GLY D 199 -3.07 7.14 -7.77
CA GLY D 199 -1.82 7.67 -8.29
C GLY D 199 -1.81 9.18 -8.38
N VAL D 200 -2.95 9.78 -8.71
CA VAL D 200 -3.01 11.24 -8.74
C VAL D 200 -3.09 11.81 -7.33
N ALA D 201 -3.68 11.07 -6.39
CA ALA D 201 -3.81 11.59 -5.04
C ALA D 201 -2.45 11.79 -4.38
N GLU D 202 -1.52 10.85 -4.57
CA GLU D 202 -0.19 11.02 -4.01
C GLU D 202 0.56 12.18 -4.65
N LEU D 203 0.16 12.58 -5.87
CA LEU D 203 0.73 13.78 -6.47
C LEU D 203 0.25 15.04 -5.75
N PHE D 204 -1.03 15.08 -5.38
CA PHE D 204 -1.55 16.21 -4.62
C PHE D 204 -0.91 16.29 -3.24
N ARG D 205 -0.69 15.14 -2.60
CA ARG D 205 -0.11 15.13 -1.26
C ARG D 205 1.27 15.78 -1.24
N GLU D 206 2.03 15.65 -2.33
CA GLU D 206 3.32 16.30 -2.42
C GLU D 206 3.20 17.76 -2.84
N TRP D 207 2.19 18.09 -3.66
CA TRP D 207 2.01 19.48 -4.09
C TRP D 207 1.58 20.36 -2.93
N PHE D 208 0.58 19.92 -2.16
CA PHE D 208 0.05 20.68 -1.04
C PHE D 208 0.24 19.87 0.23
N ALA D 209 1.45 19.94 0.81
CA ALA D 209 1.68 19.35 2.11
C ALA D 209 0.75 19.93 3.16
N GLU D 210 0.17 21.11 2.90
CA GLU D 210 -0.71 21.75 3.87
C GLU D 210 -2.08 21.08 3.92
N GLN D 211 -2.59 20.60 2.78
CA GLN D 211 -3.94 20.09 2.70
C GLN D 211 -3.99 18.59 3.02
N LYS D 212 -5.21 18.11 3.25
CA LYS D 212 -5.45 16.71 3.59
C LYS D 212 -6.48 16.12 2.64
N ILE D 213 -6.28 14.85 2.27
CA ILE D 213 -7.17 14.14 1.37
C ILE D 213 -7.93 13.10 2.18
N LEU D 214 -9.27 13.15 2.17
CA LEU D 214 -10.13 12.22 2.97
C LEU D 214 -10.08 10.83 2.29
N PHE D 215 -10.40 10.76 1.00
CA PHE D 215 -10.38 9.48 0.24
C PHE D 215 -10.22 9.69 -1.27
N SER D 216 -10.13 8.61 -2.03
CA SER D 216 -9.98 8.65 -3.51
C SER D 216 -10.69 7.39 -4.02
N ILE D 217 -11.85 7.52 -4.67
CA ILE D 217 -12.64 6.37 -5.08
C ILE D 217 -13.51 6.77 -6.27
N LEU D 218 -13.88 5.78 -7.07
CA LEU D 218 -14.82 6.01 -8.16
C LEU D 218 -16.19 6.40 -7.60
N SER D 219 -17.10 6.73 -8.52
CA SER D 219 -18.51 6.95 -8.20
C SER D 219 -19.33 6.01 -9.05
N ASN D 220 -20.19 5.20 -8.40
CA ASN D 220 -21.07 4.31 -9.15
C ASN D 220 -22.21 5.04 -9.83
N TYR D 221 -22.48 6.30 -9.45
CA TYR D 221 -23.53 7.11 -10.06
C TYR D 221 -23.02 7.58 -11.42
N ALA D 222 -23.06 6.68 -12.40
CA ALA D 222 -22.48 6.91 -13.71
C ALA D 222 -23.38 7.81 -14.57
N THR D 223 -23.54 9.05 -14.10
CA THR D 223 -24.39 10.01 -14.80
C THR D 223 -23.87 10.37 -16.19
N GLU D 224 -22.65 10.00 -16.52
CA GLU D 224 -22.09 10.20 -17.85
C GLU D 224 -22.10 8.91 -18.68
N SER D 225 -22.84 7.90 -18.24
CA SER D 225 -23.07 6.69 -19.01
C SER D 225 -24.56 6.46 -19.23
N VAL D 226 -25.33 7.55 -19.28
CA VAL D 226 -26.78 7.43 -19.43
C VAL D 226 -27.13 6.99 -20.84
N VAL D 227 -28.09 6.08 -20.94
CA VAL D 227 -28.63 5.61 -22.22
C VAL D 227 -30.12 5.91 -22.22
N THR D 228 -30.58 6.64 -23.23
CA THR D 228 -31.99 6.97 -23.37
C THR D 228 -32.58 6.18 -24.55
N MET D 229 -33.71 5.54 -24.32
N MET D 229 -33.71 5.54 -24.32
CA MET D 229 -34.37 4.74 -25.34
CA MET D 229 -34.38 4.75 -25.33
C MET D 229 -35.85 5.08 -25.34
C MET D 229 -35.86 5.09 -25.34
N LYS D 230 -36.46 5.01 -26.52
CA LYS D 230 -37.88 5.29 -26.69
C LYS D 230 -38.49 4.22 -27.59
N THR D 231 -39.82 4.22 -27.63
CA THR D 231 -40.55 3.29 -28.48
C THR D 231 -41.86 3.94 -28.91
N ALA D 232 -42.32 3.58 -30.11
CA ALA D 232 -43.58 4.07 -30.66
C ALA D 232 -44.51 2.88 -30.84
N ILE D 233 -45.65 2.93 -30.17
CA ILE D 233 -46.56 1.78 -30.12
C ILE D 233 -47.95 2.18 -30.60
N PRO D 234 -48.35 1.77 -31.81
CA PRO D 234 -49.77 1.89 -32.19
C PRO D 234 -50.64 1.11 -31.21
N VAL D 235 -51.60 1.79 -30.60
CA VAL D 235 -52.34 1.23 -29.48
C VAL D 235 -53.06 -0.07 -29.82
N SER D 236 -53.20 -0.39 -31.11
CA SER D 236 -53.90 -1.62 -31.48
C SER D 236 -53.23 -2.85 -30.89
N ARG D 237 -51.91 -2.79 -30.65
CA ARG D 237 -51.17 -3.94 -30.16
C ARG D 237 -51.31 -4.14 -28.65
N LEU D 238 -51.84 -3.15 -27.93
CA LEU D 238 -51.92 -3.26 -26.48
C LEU D 238 -52.93 -4.29 -26.02
N SER D 239 -53.78 -4.80 -26.92
CA SER D 239 -54.76 -5.81 -26.53
C SER D 239 -55.25 -6.54 -27.78
N LYS D 240 -55.49 -7.85 -27.62
CA LYS D 240 -56.13 -8.62 -28.68
C LYS D 240 -57.54 -8.11 -28.94
N GLY D 241 -58.25 -7.71 -27.88
CA GLY D 241 -59.52 -7.06 -28.04
C GLY D 241 -59.37 -5.67 -28.62
N SER D 242 -60.52 -5.05 -28.91
CA SER D 242 -60.53 -3.72 -29.50
C SER D 242 -60.39 -2.61 -28.47
N ASN D 243 -60.10 -2.94 -27.22
CA ASN D 243 -59.89 -1.93 -26.17
C ASN D 243 -58.42 -1.48 -26.11
N GLY D 244 -57.85 -1.19 -27.27
CA GLY D 244 -56.47 -0.78 -27.34
C GLY D 244 -56.21 0.57 -26.71
N ARG D 245 -56.86 1.62 -27.21
CA ARG D 245 -56.66 2.95 -26.66
C ARG D 245 -57.04 3.02 -25.19
N GLU D 246 -58.04 2.23 -24.77
CA GLU D 246 -58.43 2.22 -23.36
C GLU D 246 -57.24 1.87 -22.48
N ILE D 247 -56.51 0.81 -22.86
CA ILE D 247 -55.33 0.41 -22.08
C ILE D 247 -54.26 1.50 -22.12
N ALA D 248 -54.13 2.17 -23.27
CA ALA D 248 -53.07 3.15 -23.44
C ALA D 248 -53.15 4.25 -22.38
N GLU D 249 -54.27 4.97 -22.33
CA GLU D 249 -54.43 6.02 -21.34
C GLU D 249 -54.44 5.48 -19.92
N LYS D 250 -54.70 4.17 -19.76
CA LYS D 250 -54.64 3.48 -18.44
C LYS D 250 -53.14 3.31 -18.11
N ILE D 251 -52.31 2.93 -19.09
CA ILE D 251 -50.87 2.82 -18.89
C ILE D 251 -50.25 4.19 -18.67
N VAL D 252 -50.76 5.21 -19.36
CA VAL D 252 -50.23 6.56 -19.18
C VAL D 252 -50.55 7.09 -17.78
N LEU D 253 -51.77 6.83 -17.30
CA LEU D 253 -52.12 7.25 -15.95
C LEU D 253 -51.28 6.52 -14.92
N ALA D 254 -51.03 5.22 -15.13
CA ALA D 254 -50.25 4.45 -14.18
C ALA D 254 -48.83 4.96 -14.08
N SER D 255 -48.23 5.34 -15.22
CA SER D 255 -46.86 5.82 -15.21
C SER D 255 -46.76 7.19 -14.57
N ARG D 256 -47.77 8.04 -14.78
CA ARG D 256 -47.79 9.32 -14.07
C ARG D 256 -47.90 9.08 -12.57
N TYR D 257 -48.85 8.25 -12.15
CA TYR D 257 -49.02 7.97 -10.72
C TYR D 257 -47.70 7.56 -10.08
N ALA D 258 -46.87 6.83 -10.81
CA ALA D 258 -45.54 6.47 -10.31
C ALA D 258 -44.68 7.70 -10.05
N SER D 259 -45.03 8.85 -10.63
CA SER D 259 -44.30 10.08 -10.41
C SER D 259 -44.84 10.89 -9.24
N LEU D 260 -45.98 10.49 -8.67
CA LEU D 260 -46.54 11.15 -7.49
C LEU D 260 -46.42 10.32 -6.23
N ASP D 261 -46.46 9.00 -6.34
CA ASP D 261 -46.42 8.11 -5.17
C ASP D 261 -45.16 7.27 -5.22
N PRO D 262 -44.15 7.59 -4.40
CA PRO D 262 -42.95 6.71 -4.37
C PRO D 262 -43.25 5.25 -4.10
N TYR D 263 -44.25 4.95 -3.26
CA TYR D 263 -44.55 3.54 -2.96
C TYR D 263 -44.89 2.76 -4.22
N ARG D 264 -45.45 3.43 -5.23
CA ARG D 264 -45.63 2.80 -6.54
C ARG D 264 -44.40 2.93 -7.41
N ALA D 265 -43.66 4.04 -7.30
CA ALA D 265 -42.45 4.21 -8.10
C ALA D 265 -41.45 3.10 -7.85
N VAL D 266 -41.30 2.68 -6.58
CA VAL D 266 -40.34 1.64 -6.26
C VAL D 266 -40.73 0.32 -6.93
N THR D 267 -42.02 -0.02 -6.86
CA THR D 267 -42.49 -1.20 -7.56
C THR D 267 -42.34 -1.03 -9.06
N HIS D 268 -42.68 0.16 -9.57
CA HIS D 268 -42.48 0.47 -10.99
C HIS D 268 -41.03 0.19 -11.40
N ASN D 269 -40.06 0.77 -10.69
CA ASN D 269 -38.68 0.61 -11.09
C ASN D 269 -38.15 -0.78 -10.75
N LYS D 270 -38.69 -1.42 -9.70
CA LYS D 270 -38.32 -2.80 -9.42
C LYS D 270 -38.65 -3.71 -10.61
N GLY D 271 -39.84 -3.55 -11.18
CA GLY D 271 -40.19 -4.32 -12.36
C GLY D 271 -39.24 -4.08 -13.50
N ILE D 272 -38.84 -2.82 -13.71
CA ILE D 272 -37.81 -2.52 -14.71
C ILE D 272 -36.54 -3.32 -14.45
N MET D 273 -36.14 -3.42 -13.18
CA MET D 273 -34.85 -4.03 -12.85
C MET D 273 -34.89 -5.55 -12.86
N ASN D 274 -36.07 -6.16 -12.73
CA ASN D 274 -36.17 -7.61 -12.94
C ASN D 274 -35.50 -8.02 -14.24
N GLY D 275 -35.73 -7.26 -15.31
CA GLY D 275 -35.13 -7.56 -16.60
C GLY D 275 -33.69 -7.11 -16.70
N ILE D 276 -33.40 -5.88 -16.31
CA ILE D 276 -32.04 -5.34 -16.43
C ILE D 276 -31.06 -6.19 -15.62
N GLU D 277 -31.35 -6.40 -14.33
CA GLU D 277 -30.44 -7.14 -13.48
C GLU D 277 -30.25 -8.57 -13.98
N ALA D 278 -31.26 -9.13 -14.65
CA ALA D 278 -31.12 -10.48 -15.19
C ALA D 278 -30.03 -10.54 -16.26
N VAL D 279 -30.01 -9.55 -17.16
CA VAL D 279 -28.95 -9.51 -18.17
C VAL D 279 -27.62 -9.15 -17.54
N VAL D 280 -27.62 -8.19 -16.61
CA VAL D 280 -26.40 -7.81 -15.91
C VAL D 280 -25.78 -9.02 -15.24
N LEU D 281 -26.60 -9.80 -14.52
CA LEU D 281 -26.07 -11.00 -13.87
C LEU D 281 -25.66 -12.05 -14.89
N ALA D 282 -26.45 -12.22 -15.95
CA ALA D 282 -26.15 -13.23 -16.95
C ALA D 282 -24.83 -12.93 -17.65
N THR D 283 -24.53 -11.65 -17.88
CA THR D 283 -23.31 -11.27 -18.57
C THR D 283 -22.11 -11.18 -17.65
N GLY D 284 -22.27 -11.47 -16.36
CA GLY D 284 -21.15 -11.42 -15.44
C GLY D 284 -20.77 -10.02 -15.00
N ASN D 285 -21.70 -9.08 -15.03
CA ASN D 285 -21.43 -7.73 -14.59
C ASN D 285 -21.75 -7.55 -13.10
N ASP D 286 -21.23 -6.47 -12.54
CA ASP D 286 -21.47 -6.12 -11.14
C ASP D 286 -22.93 -5.67 -10.99
N THR D 287 -23.75 -6.53 -10.38
CA THR D 287 -25.18 -6.22 -10.29
C THR D 287 -25.49 -5.20 -9.20
N ARG D 288 -24.65 -5.05 -8.19
CA ARG D 288 -24.87 -4.01 -7.19
C ARG D 288 -24.62 -2.62 -7.79
N ALA D 289 -23.59 -2.50 -8.64
CA ALA D 289 -23.28 -1.19 -9.22
C ALA D 289 -24.40 -0.71 -10.12
N VAL D 290 -24.95 -1.59 -10.96
CA VAL D 290 -26.00 -1.19 -11.87
C VAL D 290 -27.25 -0.77 -11.10
N SER D 291 -27.66 -1.60 -10.13
CA SER D 291 -28.86 -1.29 -9.36
C SER D 291 -28.71 0.02 -8.61
N ALA D 292 -27.52 0.29 -8.06
CA ALA D 292 -27.31 1.51 -7.31
C ALA D 292 -27.42 2.75 -8.19
N SER D 293 -26.85 2.70 -9.40
CA SER D 293 -26.88 3.88 -10.26
C SER D 293 -28.28 4.13 -10.81
N CYS D 294 -28.99 3.07 -11.21
CA CYS D 294 -30.33 3.25 -11.77
C CYS D 294 -31.29 3.82 -10.73
N HIS D 295 -31.33 3.22 -9.54
CA HIS D 295 -32.25 3.68 -8.51
C HIS D 295 -31.90 5.09 -8.05
N ALA D 296 -30.61 5.43 -8.02
CA ALA D 296 -30.21 6.79 -7.66
C ALA D 296 -30.67 7.79 -8.72
N PHE D 297 -30.62 7.41 -9.99
CA PHE D 297 -31.04 8.31 -11.06
C PHE D 297 -32.55 8.55 -11.05
N ALA D 298 -33.31 7.79 -10.25
CA ALA D 298 -34.75 7.96 -10.20
C ALA D 298 -35.19 9.15 -9.37
N VAL D 299 -34.27 9.77 -8.62
CA VAL D 299 -34.61 10.93 -7.79
C VAL D 299 -34.61 12.17 -8.68
N LYS D 300 -35.78 12.78 -8.83
CA LYS D 300 -35.96 13.97 -9.65
C LYS D 300 -36.73 15.00 -8.83
N GLU D 301 -36.14 16.19 -8.67
CA GLU D 301 -36.77 17.28 -7.92
C GLU D 301 -37.08 16.85 -6.49
N GLY D 302 -36.13 16.16 -5.87
CA GLY D 302 -36.27 15.77 -4.48
C GLY D 302 -37.31 14.69 -4.22
N ARG D 303 -37.57 13.85 -5.21
CA ARG D 303 -38.56 12.79 -5.05
C ARG D 303 -38.13 11.58 -5.88
N TYR D 304 -38.20 10.40 -5.27
CA TYR D 304 -37.98 9.15 -5.99
C TYR D 304 -39.16 8.90 -6.92
N GLN D 305 -38.88 8.76 -8.21
CA GLN D 305 -39.92 8.60 -9.23
C GLN D 305 -39.56 7.43 -10.14
N GLY D 306 -40.39 7.23 -11.15
CA GLY D 306 -40.13 6.17 -12.10
C GLY D 306 -39.02 6.50 -13.07
N LEU D 307 -38.44 5.46 -13.65
CA LEU D 307 -37.37 5.60 -14.64
C LEU D 307 -37.89 5.63 -16.06
N THR D 308 -39.20 5.59 -16.26
CA THR D 308 -39.80 5.63 -17.58
C THR D 308 -40.95 6.62 -17.60
N SER D 309 -41.18 7.21 -18.76
CA SER D 309 -42.28 8.14 -18.99
C SER D 309 -43.13 7.60 -20.13
N TRP D 310 -44.45 7.65 -19.97
CA TRP D 310 -45.38 7.16 -20.99
C TRP D 310 -46.41 8.24 -21.25
N THR D 311 -46.51 8.67 -22.50
CA THR D 311 -47.45 9.69 -22.94
C THR D 311 -48.17 9.20 -24.18
N LEU D 312 -49.47 9.51 -24.27
CA LEU D 312 -50.29 9.12 -25.41
C LEU D 312 -50.37 10.31 -26.36
N ASP D 313 -49.64 10.23 -27.47
CA ASP D 313 -49.64 11.26 -28.50
C ASP D 313 -50.44 10.74 -29.69
N GLY D 314 -51.63 11.29 -29.90
CA GLY D 314 -52.48 10.80 -30.97
C GLY D 314 -52.92 9.37 -30.68
N GLU D 315 -52.85 8.54 -31.71
CA GLU D 315 -53.14 7.11 -31.57
C GLU D 315 -51.85 6.29 -31.51
N GLN D 316 -50.90 6.77 -30.70
CA GLN D 316 -49.60 6.12 -30.54
C GLN D 316 -49.16 6.26 -29.09
N LEU D 317 -48.95 5.13 -28.42
CA LEU D 317 -48.43 5.14 -27.05
C LEU D 317 -46.92 5.30 -27.07
N ILE D 318 -46.43 6.41 -26.54
CA ILE D 318 -45.01 6.74 -26.56
C ILE D 318 -44.44 6.51 -25.17
N GLY D 319 -43.38 5.70 -25.09
CA GLY D 319 -42.70 5.45 -23.83
C GLY D 319 -41.20 5.50 -24.00
N GLU D 320 -40.49 6.01 -23.00
CA GLU D 320 -39.04 6.12 -23.08
C GLU D 320 -38.44 5.88 -21.70
N ILE D 321 -37.14 5.61 -21.71
CA ILE D 321 -36.39 5.26 -20.50
C ILE D 321 -35.06 5.98 -20.55
N SER D 322 -34.58 6.39 -19.37
CA SER D 322 -33.25 6.99 -19.22
C SER D 322 -32.63 6.41 -17.96
N VAL D 323 -31.53 5.69 -18.12
CA VAL D 323 -30.90 4.97 -17.01
C VAL D 323 -29.38 4.99 -17.18
N PRO D 324 -28.62 5.22 -16.11
CA PRO D 324 -27.15 5.12 -16.23
C PRO D 324 -26.72 3.66 -16.26
N LEU D 325 -26.11 3.24 -17.36
CA LEU D 325 -25.69 1.86 -17.56
C LEU D 325 -24.21 1.86 -17.93
N ALA D 326 -23.36 1.82 -16.91
CA ALA D 326 -21.90 1.70 -17.11
C ALA D 326 -21.52 0.22 -17.04
N LEU D 327 -21.96 -0.50 -18.07
CA LEU D 327 -21.77 -1.94 -18.16
C LEU D 327 -20.42 -2.27 -18.80
N ALA D 328 -20.11 -3.58 -18.81
CA ALA D 328 -18.81 -4.05 -19.26
C ALA D 328 -18.97 -5.31 -20.08
N THR D 329 -18.10 -5.47 -21.09
CA THR D 329 -17.98 -6.71 -21.83
C THR D 329 -16.64 -7.39 -21.61
N VAL D 330 -15.76 -6.79 -20.82
CA VAL D 330 -14.46 -7.37 -20.51
C VAL D 330 -14.10 -6.95 -19.09
N GLY D 331 -13.23 -7.73 -18.45
CA GLY D 331 -12.78 -7.45 -17.10
C GLY D 331 -13.78 -7.92 -16.07
N GLY D 332 -13.35 -7.86 -14.82
CA GLY D 332 -14.21 -8.30 -13.73
C GLY D 332 -14.51 -9.78 -13.86
N ALA D 333 -15.79 -10.12 -13.89
CA ALA D 333 -16.23 -11.51 -14.04
C ALA D 333 -16.83 -11.77 -15.42
N THR D 334 -16.65 -10.87 -16.40
CA THR D 334 -17.29 -10.99 -17.74
C THR D 334 -16.65 -12.14 -18.52
N LYS D 335 -15.38 -12.51 -18.27
CA LYS D 335 -14.63 -13.55 -19.05
C LYS D 335 -14.19 -14.72 -18.15
N VAL D 336 -13.74 -14.44 -16.92
CA VAL D 336 -13.25 -15.52 -16.01
C VAL D 336 -14.41 -16.52 -15.81
N LEU D 337 -15.66 -16.03 -15.61
CA LEU D 337 -16.77 -17.11 -15.44
C LEU D 337 -17.16 -17.66 -16.83
N PRO D 338 -17.03 -18.97 -17.12
CA PRO D 338 -17.48 -19.53 -18.42
C PRO D 338 -18.91 -19.18 -18.79
N LYS D 339 -19.84 -19.20 -17.84
CA LYS D 339 -21.23 -18.88 -18.16
C LYS D 339 -21.39 -17.44 -18.64
N SER D 340 -20.46 -16.56 -18.26
N SER D 340 -20.46 -16.56 -18.26
CA SER D 340 -20.55 -15.17 -18.71
CA SER D 340 -20.55 -15.16 -18.70
C SER D 340 -20.16 -15.03 -20.18
C SER D 340 -20.16 -15.03 -20.18
N GLN D 341 -19.18 -15.83 -20.62
CA GLN D 341 -18.82 -15.81 -22.04
C GLN D 341 -19.86 -16.51 -22.89
N ALA D 342 -20.57 -17.50 -22.33
CA ALA D 342 -21.66 -18.14 -23.06
C ALA D 342 -22.80 -17.15 -23.29
N ALA D 343 -23.21 -16.44 -22.23
CA ALA D 343 -24.23 -15.42 -22.40
C ALA D 343 -23.77 -14.33 -23.36
N ALA D 344 -22.46 -14.04 -23.41
CA ALA D 344 -21.96 -13.04 -24.33
C ALA D 344 -22.01 -13.55 -25.77
N ASP D 345 -21.83 -14.84 -25.98
CA ASP D 345 -21.97 -15.41 -27.32
C ASP D 345 -23.41 -15.33 -27.80
N LEU D 346 -24.36 -15.73 -26.94
CA LEU D 346 -25.76 -15.69 -27.32
C LEU D 346 -26.19 -14.26 -27.68
N LEU D 347 -25.89 -13.30 -26.79
CA LEU D 347 -26.25 -11.92 -27.06
C LEU D 347 -25.43 -11.34 -28.21
N ALA D 348 -24.22 -11.84 -28.41
CA ALA D 348 -23.35 -11.43 -29.51
C ALA D 348 -23.36 -9.92 -29.71
N VAL D 349 -22.80 -9.18 -28.76
CA VAL D 349 -22.72 -7.73 -28.81
C VAL D 349 -21.27 -7.35 -29.05
N THR D 350 -21.06 -6.32 -29.88
CA THR D 350 -19.73 -5.99 -30.34
C THR D 350 -18.92 -5.25 -29.28
N ASP D 351 -19.58 -4.33 -28.56
CA ASP D 351 -18.90 -3.44 -27.59
C ASP D 351 -19.81 -3.19 -26.37
N ALA D 352 -19.31 -2.50 -25.36
CA ALA D 352 -20.04 -2.29 -24.11
C ALA D 352 -21.19 -1.30 -24.27
N LYS D 353 -20.94 -0.16 -24.90
CA LYS D 353 -22.03 0.83 -25.16
C LYS D 353 -23.21 0.04 -25.80
N GLU D 354 -23.01 -0.84 -26.73
CA GLU D 354 -24.13 -1.54 -27.35
C GLU D 354 -24.83 -2.43 -26.34
N LEU D 355 -24.10 -3.00 -25.39
CA LEU D 355 -24.74 -3.76 -24.32
C LEU D 355 -25.64 -2.87 -23.49
N SER D 356 -25.17 -1.67 -23.14
CA SER D 356 -26.02 -0.73 -22.40
C SER D 356 -27.27 -0.36 -23.17
N ARG D 357 -27.20 -0.34 -24.51
CA ARG D 357 -28.39 -0.08 -25.31
C ARG D 357 -29.38 -1.22 -25.20
N VAL D 358 -28.91 -2.46 -25.39
CA VAL D 358 -29.80 -3.62 -25.28
C VAL D 358 -30.43 -3.68 -23.89
N VAL D 359 -29.64 -3.42 -22.85
CA VAL D 359 -30.14 -3.51 -21.48
C VAL D 359 -31.17 -2.42 -21.21
N ALA D 360 -30.91 -1.20 -21.66
CA ALA D 360 -31.88 -0.12 -21.46
C ALA D 360 -33.20 -0.43 -22.14
N ALA D 361 -33.14 -1.01 -23.35
CA ALA D 361 -34.37 -1.38 -24.04
C ALA D 361 -35.08 -2.51 -23.30
N VAL D 362 -34.32 -3.42 -22.72
CA VAL D 362 -34.94 -4.51 -21.95
C VAL D 362 -35.74 -3.93 -20.78
N GLY D 363 -35.20 -2.92 -20.11
CA GLY D 363 -35.92 -2.30 -19.01
C GLY D 363 -37.22 -1.66 -19.45
N LEU D 364 -37.22 -1.00 -20.62
CA LEU D 364 -38.44 -0.38 -21.10
C LEU D 364 -39.46 -1.44 -21.54
N ALA D 365 -39.00 -2.47 -22.26
CA ALA D 365 -39.88 -3.57 -22.64
C ALA D 365 -40.47 -4.23 -21.40
N GLN D 366 -39.63 -4.54 -20.41
CA GLN D 366 -40.11 -5.13 -19.17
C GLN D 366 -41.15 -4.24 -18.52
N ASN D 367 -40.91 -2.93 -18.52
CA ASN D 367 -41.84 -2.00 -17.88
C ASN D 367 -43.20 -2.02 -18.57
N LEU D 368 -43.21 -1.97 -19.89
CA LEU D 368 -44.47 -2.01 -20.63
C LEU D 368 -45.26 -3.28 -20.30
N ALA D 369 -44.59 -4.44 -20.33
CA ALA D 369 -45.26 -5.69 -20.01
C ALA D 369 -45.85 -5.68 -18.61
N ALA D 370 -45.24 -4.95 -17.68
CA ALA D 370 -45.75 -4.90 -16.32
C ALA D 370 -46.97 -3.99 -16.23
N LEU D 371 -46.85 -2.78 -16.78
CA LEU D 371 -47.96 -1.83 -16.67
C LEU D 371 -49.17 -2.31 -17.48
N ARG D 372 -48.96 -3.11 -18.53
CA ARG D 372 -50.08 -3.61 -19.31
C ARG D 372 -50.87 -4.65 -18.51
N ALA D 373 -50.17 -5.63 -17.94
CA ALA D 373 -50.85 -6.62 -17.10
C ALA D 373 -51.48 -5.97 -15.87
N LEU D 374 -50.88 -4.88 -15.39
CA LEU D 374 -51.40 -4.21 -14.21
C LEU D 374 -52.81 -3.66 -14.44
N VAL D 375 -53.13 -3.28 -15.68
CA VAL D 375 -54.46 -2.78 -16.00
C VAL D 375 -55.21 -3.85 -16.79
N SER D 376 -55.72 -4.86 -16.09
CA SER D 376 -56.42 -5.97 -16.73
C SER D 376 -57.37 -6.63 -15.74
#